data_8IGC
# 
_entry.id   8IGC 
# 
_audit_conform.dict_name       mmcif_pdbx.dic 
_audit_conform.dict_version    5.383 
_audit_conform.dict_location   http://mmcif.pdb.org/dictionaries/ascii/mmcif_pdbx.dic 
# 
loop_
_database_2.database_id 
_database_2.database_code 
_database_2.pdbx_database_accession 
_database_2.pdbx_DOI 
PDB   8IGC         pdb_00008igc 10.2210/pdb8igc/pdb 
WWPDB D_1300035622 ?            ?                   
# 
loop_
_pdbx_audit_revision_history.ordinal 
_pdbx_audit_revision_history.data_content_type 
_pdbx_audit_revision_history.major_revision 
_pdbx_audit_revision_history.minor_revision 
_pdbx_audit_revision_history.revision_date 
1 'Structure model' 1 0 2023-09-20 
2 'Structure model' 1 1 2023-12-27 
# 
_pdbx_audit_revision_details.ordinal             1 
_pdbx_audit_revision_details.revision_ordinal    1 
_pdbx_audit_revision_details.data_content_type   'Structure model' 
_pdbx_audit_revision_details.provider            repository 
_pdbx_audit_revision_details.type                'Initial release' 
_pdbx_audit_revision_details.description         ? 
_pdbx_audit_revision_details.details             ? 
# 
_pdbx_audit_revision_group.ordinal             1 
_pdbx_audit_revision_group.revision_ordinal    2 
_pdbx_audit_revision_group.data_content_type   'Structure model' 
_pdbx_audit_revision_group.group               'Database references' 
# 
loop_
_pdbx_audit_revision_category.ordinal 
_pdbx_audit_revision_category.revision_ordinal 
_pdbx_audit_revision_category.data_content_type 
_pdbx_audit_revision_category.category 
1 2 'Structure model' citation        
2 2 'Structure model' citation_author 
# 
loop_
_pdbx_audit_revision_item.ordinal 
_pdbx_audit_revision_item.revision_ordinal 
_pdbx_audit_revision_item.data_content_type 
_pdbx_audit_revision_item.item 
1 2 'Structure model' '_citation.journal_volume'          
2 2 'Structure model' '_citation.page_first'              
3 2 'Structure model' '_citation.page_last'               
4 2 'Structure model' '_citation.year'                    
5 2 'Structure model' '_citation_author.identifier_ORCID' 
# 
_pdbx_database_status.status_code                     REL 
_pdbx_database_status.status_code_sf                  REL 
_pdbx_database_status.status_code_mr                  ? 
_pdbx_database_status.entry_id                        8IGC 
_pdbx_database_status.recvd_initial_deposition_date   2023-02-20 
_pdbx_database_status.SG_entry                        N 
_pdbx_database_status.deposit_site                    PDBJ 
_pdbx_database_status.process_site                    PDBJ 
_pdbx_database_status.status_code_cs                  ? 
_pdbx_database_status.status_code_nmr_data            ? 
_pdbx_database_status.methods_development_category    ? 
_pdbx_database_status.pdb_format_compatible           Y 
# 
_pdbx_contact_author.id                 2 
_pdbx_contact_author.email              bku@kribb.re.kr 
_pdbx_contact_author.name_first         Bonsu 
_pdbx_contact_author.name_last          Ku 
_pdbx_contact_author.name_mi            ? 
_pdbx_contact_author.role               'principal investigator/group leader' 
_pdbx_contact_author.identifier_ORCID   0000-0003-1784-8975 
# 
loop_
_audit_author.name 
_audit_author.pdbx_ordinal 
_audit_author.identifier_ORCID 
'Ku, B.'  1 ? 
'Lim, D.' 2 ? 
# 
_citation.abstract                  ? 
_citation.abstract_id_CAS           ? 
_citation.book_id_ISBN              ? 
_citation.book_publisher            ? 
_citation.book_publisher_city       ? 
_citation.book_title                ? 
_citation.coordinate_linkage        ? 
_citation.country                   US 
_citation.database_id_Medline       ? 
_citation.details                   ? 
_citation.id                        primary 
_citation.journal_abbrev            Proteins 
_citation.journal_id_ASTM           PSFGEY 
_citation.journal_id_CSD            0867 
_citation.journal_id_ISSN           1097-0134 
_citation.journal_full              ? 
_citation.journal_issue             ? 
_citation.journal_volume            92 
_citation.language                  ? 
_citation.page_first                44 
_citation.page_last                 51 
_citation.title                     
'Crystal structure of Bak bound to the BH3 domain of Bnip5, a noncanonical BH3 domain-containing protein.' 
_citation.year                      2024 
_citation.database_id_CSD           ? 
_citation.pdbx_database_id_DOI      10.1002/prot.26568 
_citation.pdbx_database_id_PubMed   37553948 
_citation.pdbx_database_id_patent   ? 
_citation.unpublished_flag          ? 
# 
loop_
_citation_author.citation_id 
_citation_author.name 
_citation_author.ordinal 
_citation_author.identifier_ORCID 
primary 'Lim, D.'     1 ? 
primary 'Jeong, D.E.' 2 ? 
primary 'Shin, H.C.'  3 ? 
primary 'Choi, J.S.'  4 ? 
primary 'Seo, J.'     5 ? 
primary 'Kim, S.J.'   6 ? 
primary 'Ku, B.'      7 ? 
# 
loop_
_entity.id 
_entity.type 
_entity.src_method 
_entity.pdbx_description 
_entity.formula_weight 
_entity.pdbx_number_of_molecules 
_entity.pdbx_ec 
_entity.pdbx_mutation 
_entity.pdbx_fragment 
_entity.details 
1 polymer man 'Bcl-2 homologous antagonist/killer' 18541.791 1   ? C166S ? ? 
2 polymer syn 'Protein BNIP5'                      3003.383  1   ? ?     ? ? 
3 water   nat water                                18.015    126 ? ?     ? ? 
# 
_entity_name_com.entity_id   1 
_entity_name_com.name        'Apoptosis regulator BAK,Bcl-2-like protein 7,Bcl2-L-7' 
# 
loop_
_entity_poly.entity_id 
_entity_poly.type 
_entity_poly.nstd_linkage 
_entity_poly.nstd_monomer 
_entity_poly.pdbx_seq_one_letter_code 
_entity_poly.pdbx_seq_one_letter_code_can 
_entity_poly.pdbx_strand_id 
_entity_poly.pdbx_target_identifier 
1 'polypeptide(L)' no no 
;GSMSEEQVAQDTEEVFRSYVFYRHQQEQEAEGVAAPADPEMVTLPLQPSSTMGQVGRQLAIIGDDINRRYDSEFQTMLQH
LQPTAENAYEYFTKIATSLFESGINWGRVVALLGFGYRLALHVYQHGLTGFLGQVTRFVVDFMLHHSIARWIAQRGGWVA
ALNL
;
;GSMSEEQVAQDTEEVFRSYVFYRHQQEQEAEGVAAPADPEMVTLPLQPSSTMGQVGRQLAIIGDDINRRYDSEFQTMLQH
LQPTAENAYEYFTKIATSLFESGINWGRVVALLGFGYRLALHVYQHGLTGFLGQVTRFVVDFMLHHSIARWIAQRGGWVA
ALNL
;
A ? 
2 'polypeptide(L)' no no DAIIQMIVELLKRVGDQWEEEQSLAS DAIIQMIVELLKRVGDQWEEEQSLAS B ? 
# 
_pdbx_entity_nonpoly.entity_id   3 
_pdbx_entity_nonpoly.name        water 
_pdbx_entity_nonpoly.comp_id     HOH 
# 
loop_
_entity_poly_seq.entity_id 
_entity_poly_seq.num 
_entity_poly_seq.mon_id 
_entity_poly_seq.hetero 
1 1   GLY n 
1 2   SER n 
1 3   MET n 
1 4   SER n 
1 5   GLU n 
1 6   GLU n 
1 7   GLN n 
1 8   VAL n 
1 9   ALA n 
1 10  GLN n 
1 11  ASP n 
1 12  THR n 
1 13  GLU n 
1 14  GLU n 
1 15  VAL n 
1 16  PHE n 
1 17  ARG n 
1 18  SER n 
1 19  TYR n 
1 20  VAL n 
1 21  PHE n 
1 22  TYR n 
1 23  ARG n 
1 24  HIS n 
1 25  GLN n 
1 26  GLN n 
1 27  GLU n 
1 28  GLN n 
1 29  GLU n 
1 30  ALA n 
1 31  GLU n 
1 32  GLY n 
1 33  VAL n 
1 34  ALA n 
1 35  ALA n 
1 36  PRO n 
1 37  ALA n 
1 38  ASP n 
1 39  PRO n 
1 40  GLU n 
1 41  MET n 
1 42  VAL n 
1 43  THR n 
1 44  LEU n 
1 45  PRO n 
1 46  LEU n 
1 47  GLN n 
1 48  PRO n 
1 49  SER n 
1 50  SER n 
1 51  THR n 
1 52  MET n 
1 53  GLY n 
1 54  GLN n 
1 55  VAL n 
1 56  GLY n 
1 57  ARG n 
1 58  GLN n 
1 59  LEU n 
1 60  ALA n 
1 61  ILE n 
1 62  ILE n 
1 63  GLY n 
1 64  ASP n 
1 65  ASP n 
1 66  ILE n 
1 67  ASN n 
1 68  ARG n 
1 69  ARG n 
1 70  TYR n 
1 71  ASP n 
1 72  SER n 
1 73  GLU n 
1 74  PHE n 
1 75  GLN n 
1 76  THR n 
1 77  MET n 
1 78  LEU n 
1 79  GLN n 
1 80  HIS n 
1 81  LEU n 
1 82  GLN n 
1 83  PRO n 
1 84  THR n 
1 85  ALA n 
1 86  GLU n 
1 87  ASN n 
1 88  ALA n 
1 89  TYR n 
1 90  GLU n 
1 91  TYR n 
1 92  PHE n 
1 93  THR n 
1 94  LYS n 
1 95  ILE n 
1 96  ALA n 
1 97  THR n 
1 98  SER n 
1 99  LEU n 
1 100 PHE n 
1 101 GLU n 
1 102 SER n 
1 103 GLY n 
1 104 ILE n 
1 105 ASN n 
1 106 TRP n 
1 107 GLY n 
1 108 ARG n 
1 109 VAL n 
1 110 VAL n 
1 111 ALA n 
1 112 LEU n 
1 113 LEU n 
1 114 GLY n 
1 115 PHE n 
1 116 GLY n 
1 117 TYR n 
1 118 ARG n 
1 119 LEU n 
1 120 ALA n 
1 121 LEU n 
1 122 HIS n 
1 123 VAL n 
1 124 TYR n 
1 125 GLN n 
1 126 HIS n 
1 127 GLY n 
1 128 LEU n 
1 129 THR n 
1 130 GLY n 
1 131 PHE n 
1 132 LEU n 
1 133 GLY n 
1 134 GLN n 
1 135 VAL n 
1 136 THR n 
1 137 ARG n 
1 138 PHE n 
1 139 VAL n 
1 140 VAL n 
1 141 ASP n 
1 142 PHE n 
1 143 MET n 
1 144 LEU n 
1 145 HIS n 
1 146 HIS n 
1 147 SER n 
1 148 ILE n 
1 149 ALA n 
1 150 ARG n 
1 151 TRP n 
1 152 ILE n 
1 153 ALA n 
1 154 GLN n 
1 155 ARG n 
1 156 GLY n 
1 157 GLY n 
1 158 TRP n 
1 159 VAL n 
1 160 ALA n 
1 161 ALA n 
1 162 LEU n 
1 163 ASN n 
1 164 LEU n 
2 1   ASP n 
2 2   ALA n 
2 3   ILE n 
2 4   ILE n 
2 5   GLN n 
2 6   MET n 
2 7   ILE n 
2 8   VAL n 
2 9   GLU n 
2 10  LEU n 
2 11  LEU n 
2 12  LYS n 
2 13  ARG n 
2 14  VAL n 
2 15  GLY n 
2 16  ASP n 
2 17  GLN n 
2 18  TRP n 
2 19  GLU n 
2 20  GLU n 
2 21  GLU n 
2 22  GLN n 
2 23  SER n 
2 24  LEU n 
2 25  ALA n 
2 26  SER n 
# 
_entity_src_gen.entity_id                          1 
_entity_src_gen.pdbx_src_id                        1 
_entity_src_gen.pdbx_alt_source_flag               sample 
_entity_src_gen.pdbx_seq_type                      'Biological sequence' 
_entity_src_gen.pdbx_beg_seq_num                   1 
_entity_src_gen.pdbx_end_seq_num                   164 
_entity_src_gen.gene_src_common_name               human 
_entity_src_gen.gene_src_genus                     ? 
_entity_src_gen.pdbx_gene_src_gene                 'BAK1, BAK, BCL2L7, CDN1' 
_entity_src_gen.gene_src_species                   ? 
_entity_src_gen.gene_src_strain                    ? 
_entity_src_gen.gene_src_tissue                    ? 
_entity_src_gen.gene_src_tissue_fraction           ? 
_entity_src_gen.gene_src_details                   ? 
_entity_src_gen.pdbx_gene_src_fragment             ? 
_entity_src_gen.pdbx_gene_src_scientific_name      'Homo sapiens' 
_entity_src_gen.pdbx_gene_src_ncbi_taxonomy_id     9606 
_entity_src_gen.pdbx_gene_src_variant              ? 
_entity_src_gen.pdbx_gene_src_cell_line            ? 
_entity_src_gen.pdbx_gene_src_atcc                 ? 
_entity_src_gen.pdbx_gene_src_organ                ? 
_entity_src_gen.pdbx_gene_src_organelle            ? 
_entity_src_gen.pdbx_gene_src_cell                 ? 
_entity_src_gen.pdbx_gene_src_cellular_location    ? 
_entity_src_gen.host_org_common_name               ? 
_entity_src_gen.pdbx_host_org_scientific_name      'Escherichia coli BL21(DE3)' 
_entity_src_gen.pdbx_host_org_ncbi_taxonomy_id     469008 
_entity_src_gen.host_org_genus                     ? 
_entity_src_gen.pdbx_host_org_gene                 ? 
_entity_src_gen.pdbx_host_org_organ                ? 
_entity_src_gen.host_org_species                   ? 
_entity_src_gen.pdbx_host_org_tissue               ? 
_entity_src_gen.pdbx_host_org_tissue_fraction      ? 
_entity_src_gen.pdbx_host_org_strain               ? 
_entity_src_gen.pdbx_host_org_variant              ? 
_entity_src_gen.pdbx_host_org_cell_line            ? 
_entity_src_gen.pdbx_host_org_atcc                 ? 
_entity_src_gen.pdbx_host_org_culture_collection   ? 
_entity_src_gen.pdbx_host_org_cell                 ? 
_entity_src_gen.pdbx_host_org_organelle            ? 
_entity_src_gen.pdbx_host_org_cellular_location    ? 
_entity_src_gen.pdbx_host_org_vector_type          ? 
_entity_src_gen.pdbx_host_org_vector               ? 
_entity_src_gen.host_org_details                   ? 
_entity_src_gen.expression_system_id               ? 
_entity_src_gen.plasmid_name                       ? 
_entity_src_gen.plasmid_details                    ? 
_entity_src_gen.pdbx_description                   ? 
# 
_pdbx_entity_src_syn.entity_id              2 
_pdbx_entity_src_syn.pdbx_src_id            1 
_pdbx_entity_src_syn.pdbx_alt_source_flag   sample 
_pdbx_entity_src_syn.pdbx_beg_seq_num       1 
_pdbx_entity_src_syn.pdbx_end_seq_num       26 
_pdbx_entity_src_syn.organism_scientific    'Homo sapiens' 
_pdbx_entity_src_syn.organism_common_name   human 
_pdbx_entity_src_syn.ncbi_taxonomy_id       9606 
_pdbx_entity_src_syn.details                ? 
# 
loop_
_chem_comp.id 
_chem_comp.type 
_chem_comp.mon_nstd_flag 
_chem_comp.name 
_chem_comp.pdbx_synonyms 
_chem_comp.formula 
_chem_comp.formula_weight 
ALA 'L-peptide linking' y ALANINE         ? 'C3 H7 N O2'     89.093  
ARG 'L-peptide linking' y ARGININE        ? 'C6 H15 N4 O2 1' 175.209 
ASN 'L-peptide linking' y ASPARAGINE      ? 'C4 H8 N2 O3'    132.118 
ASP 'L-peptide linking' y 'ASPARTIC ACID' ? 'C4 H7 N O4'     133.103 
CYS 'L-peptide linking' y CYSTEINE        ? 'C3 H7 N O2 S'   121.158 
GLN 'L-peptide linking' y GLUTAMINE       ? 'C5 H10 N2 O3'   146.144 
GLU 'L-peptide linking' y 'GLUTAMIC ACID' ? 'C5 H9 N O4'     147.129 
GLY 'peptide linking'   y GLYCINE         ? 'C2 H5 N O2'     75.067  
HIS 'L-peptide linking' y HISTIDINE       ? 'C6 H10 N3 O2 1' 156.162 
HOH non-polymer         . WATER           ? 'H2 O'           18.015  
ILE 'L-peptide linking' y ISOLEUCINE      ? 'C6 H13 N O2'    131.173 
LEU 'L-peptide linking' y LEUCINE         ? 'C6 H13 N O2'    131.173 
LYS 'L-peptide linking' y LYSINE          ? 'C6 H15 N2 O2 1' 147.195 
MET 'L-peptide linking' y METHIONINE      ? 'C5 H11 N O2 S'  149.211 
PHE 'L-peptide linking' y PHENYLALANINE   ? 'C9 H11 N O2'    165.189 
PRO 'L-peptide linking' y PROLINE         ? 'C5 H9 N O2'     115.130 
SER 'L-peptide linking' y SERINE          ? 'C3 H7 N O3'     105.093 
THR 'L-peptide linking' y THREONINE       ? 'C4 H9 N O3'     119.119 
TRP 'L-peptide linking' y TRYPTOPHAN      ? 'C11 H12 N2 O2'  204.225 
TYR 'L-peptide linking' y TYROSINE        ? 'C9 H11 N O3'    181.189 
VAL 'L-peptide linking' y VALINE          ? 'C5 H11 N O2'    117.146 
# 
loop_
_pdbx_poly_seq_scheme.asym_id 
_pdbx_poly_seq_scheme.entity_id 
_pdbx_poly_seq_scheme.seq_id 
_pdbx_poly_seq_scheme.mon_id 
_pdbx_poly_seq_scheme.ndb_seq_num 
_pdbx_poly_seq_scheme.pdb_seq_num 
_pdbx_poly_seq_scheme.auth_seq_num 
_pdbx_poly_seq_scheme.pdb_mon_id 
_pdbx_poly_seq_scheme.auth_mon_id 
_pdbx_poly_seq_scheme.pdb_strand_id 
_pdbx_poly_seq_scheme.pdb_ins_code 
_pdbx_poly_seq_scheme.hetero 
A 1 1   GLY 1   20  ?   ?   ?   A . n 
A 1 2   SER 2   21  ?   ?   ?   A . n 
A 1 3   MET 3   22  22  MET MET A . n 
A 1 4   SER 4   23  23  SER SER A . n 
A 1 5   GLU 5   24  24  GLU GLU A . n 
A 1 6   GLU 6   25  25  GLU GLU A . n 
A 1 7   GLN 7   26  26  GLN GLN A . n 
A 1 8   VAL 8   27  27  VAL VAL A . n 
A 1 9   ALA 9   28  28  ALA ALA A . n 
A 1 10  GLN 10  29  29  GLN GLN A . n 
A 1 11  ASP 11  30  30  ASP ASP A . n 
A 1 12  THR 12  31  31  THR THR A . n 
A 1 13  GLU 13  32  32  GLU GLU A . n 
A 1 14  GLU 14  33  33  GLU GLU A . n 
A 1 15  VAL 15  34  34  VAL VAL A . n 
A 1 16  PHE 16  35  35  PHE PHE A . n 
A 1 17  ARG 17  36  36  ARG ARG A . n 
A 1 18  SER 18  37  37  SER SER A . n 
A 1 19  TYR 19  38  38  TYR TYR A . n 
A 1 20  VAL 20  39  39  VAL VAL A . n 
A 1 21  PHE 21  40  40  PHE PHE A . n 
A 1 22  TYR 22  41  41  TYR TYR A . n 
A 1 23  ARG 23  42  42  ARG ARG A . n 
A 1 24  HIS 24  43  43  HIS HIS A . n 
A 1 25  GLN 25  44  44  GLN GLN A . n 
A 1 26  GLN 26  45  45  GLN GLN A . n 
A 1 27  GLU 27  46  46  GLU GLU A . n 
A 1 28  GLN 28  47  47  GLN GLN A . n 
A 1 29  GLU 29  48  ?   ?   ?   A . n 
A 1 30  ALA 30  49  ?   ?   ?   A . n 
A 1 31  GLU 31  50  ?   ?   ?   A . n 
A 1 32  GLY 32  51  ?   ?   ?   A . n 
A 1 33  VAL 33  52  ?   ?   ?   A . n 
A 1 34  ALA 34  53  ?   ?   ?   A . n 
A 1 35  ALA 35  54  54  ALA ALA A . n 
A 1 36  PRO 36  55  55  PRO PRO A . n 
A 1 37  ALA 37  56  56  ALA ALA A . n 
A 1 38  ASP 38  57  57  ASP ASP A . n 
A 1 39  PRO 39  58  58  PRO PRO A . n 
A 1 40  GLU 40  59  59  GLU GLU A . n 
A 1 41  MET 41  60  60  MET MET A . n 
A 1 42  VAL 42  61  61  VAL VAL A . n 
A 1 43  THR 43  62  62  THR THR A . n 
A 1 44  LEU 44  63  63  LEU LEU A . n 
A 1 45  PRO 45  64  64  PRO PRO A . n 
A 1 46  LEU 46  65  65  LEU LEU A . n 
A 1 47  GLN 47  66  66  GLN GLN A . n 
A 1 48  PRO 48  67  67  PRO PRO A . n 
A 1 49  SER 49  68  68  SER SER A . n 
A 1 50  SER 50  69  69  SER SER A . n 
A 1 51  THR 51  70  70  THR THR A . n 
A 1 52  MET 52  71  71  MET MET A . n 
A 1 53  GLY 53  72  72  GLY GLY A . n 
A 1 54  GLN 54  73  73  GLN GLN A . n 
A 1 55  VAL 55  74  74  VAL VAL A . n 
A 1 56  GLY 56  75  75  GLY GLY A . n 
A 1 57  ARG 57  76  76  ARG ARG A . n 
A 1 58  GLN 58  77  77  GLN GLN A . n 
A 1 59  LEU 59  78  78  LEU LEU A . n 
A 1 60  ALA 60  79  79  ALA ALA A . n 
A 1 61  ILE 61  80  80  ILE ILE A . n 
A 1 62  ILE 62  81  81  ILE ILE A . n 
A 1 63  GLY 63  82  82  GLY GLY A . n 
A 1 64  ASP 64  83  83  ASP ASP A . n 
A 1 65  ASP 65  84  84  ASP ASP A . n 
A 1 66  ILE 66  85  85  ILE ILE A . n 
A 1 67  ASN 67  86  86  ASN ASN A . n 
A 1 68  ARG 68  87  87  ARG ARG A . n 
A 1 69  ARG 69  88  88  ARG ARG A . n 
A 1 70  TYR 70  89  89  TYR TYR A . n 
A 1 71  ASP 71  90  90  ASP ASP A . n 
A 1 72  SER 72  91  91  SER SER A . n 
A 1 73  GLU 73  92  92  GLU GLU A . n 
A 1 74  PHE 74  93  93  PHE PHE A . n 
A 1 75  GLN 75  94  94  GLN GLN A . n 
A 1 76  THR 76  95  95  THR THR A . n 
A 1 77  MET 77  96  96  MET MET A . n 
A 1 78  LEU 78  97  97  LEU LEU A . n 
A 1 79  GLN 79  98  98  GLN GLN A . n 
A 1 80  HIS 80  99  99  HIS HIS A . n 
A 1 81  LEU 81  100 100 LEU LEU A . n 
A 1 82  GLN 82  101 101 GLN GLN A . n 
A 1 83  PRO 83  102 102 PRO PRO A . n 
A 1 84  THR 84  103 103 THR THR A . n 
A 1 85  ALA 85  104 104 ALA ALA A . n 
A 1 86  GLU 86  105 105 GLU GLU A . n 
A 1 87  ASN 87  106 106 ASN ASN A . n 
A 1 88  ALA 88  107 107 ALA ALA A . n 
A 1 89  TYR 89  108 108 TYR TYR A . n 
A 1 90  GLU 90  109 109 GLU GLU A . n 
A 1 91  TYR 91  110 110 TYR TYR A . n 
A 1 92  PHE 92  111 111 PHE PHE A . n 
A 1 93  THR 93  112 112 THR THR A . n 
A 1 94  LYS 94  113 113 LYS LYS A . n 
A 1 95  ILE 95  114 114 ILE ILE A . n 
A 1 96  ALA 96  115 115 ALA ALA A . n 
A 1 97  THR 97  116 116 THR THR A . n 
A 1 98  SER 98  117 117 SER SER A . n 
A 1 99  LEU 99  118 118 LEU LEU A . n 
A 1 100 PHE 100 119 119 PHE PHE A . n 
A 1 101 GLU 101 120 120 GLU GLU A . n 
A 1 102 SER 102 121 121 SER SER A . n 
A 1 103 GLY 103 122 122 GLY GLY A . n 
A 1 104 ILE 104 123 123 ILE ILE A . n 
A 1 105 ASN 105 124 124 ASN ASN A . n 
A 1 106 TRP 106 125 125 TRP TRP A . n 
A 1 107 GLY 107 126 126 GLY GLY A . n 
A 1 108 ARG 108 127 127 ARG ARG A . n 
A 1 109 VAL 109 128 128 VAL VAL A . n 
A 1 110 VAL 110 129 129 VAL VAL A . n 
A 1 111 ALA 111 130 130 ALA ALA A . n 
A 1 112 LEU 112 131 131 LEU LEU A . n 
A 1 113 LEU 113 132 132 LEU LEU A . n 
A 1 114 GLY 114 133 133 GLY GLY A . n 
A 1 115 PHE 115 134 134 PHE PHE A . n 
A 1 116 GLY 116 135 135 GLY GLY A . n 
A 1 117 TYR 117 136 136 TYR TYR A . n 
A 1 118 ARG 118 137 137 ARG ARG A . n 
A 1 119 LEU 119 138 138 LEU LEU A . n 
A 1 120 ALA 120 139 139 ALA ALA A . n 
A 1 121 LEU 121 140 140 LEU LEU A . n 
A 1 122 HIS 122 141 141 HIS HIS A . n 
A 1 123 VAL 123 142 142 VAL VAL A . n 
A 1 124 TYR 124 143 143 TYR TYR A . n 
A 1 125 GLN 125 144 144 GLN GLN A . n 
A 1 126 HIS 126 145 145 HIS HIS A . n 
A 1 127 GLY 127 146 146 GLY GLY A . n 
A 1 128 LEU 128 147 147 LEU LEU A . n 
A 1 129 THR 129 148 ?   ?   ?   A . n 
A 1 130 GLY 130 149 ?   ?   ?   A . n 
A 1 131 PHE 131 150 150 PHE PHE A . n 
A 1 132 LEU 132 151 151 LEU LEU A . n 
A 1 133 GLY 133 152 152 GLY GLY A . n 
A 1 134 GLN 134 153 153 GLN GLN A . n 
A 1 135 VAL 135 154 154 VAL VAL A . n 
A 1 136 THR 136 155 155 THR THR A . n 
A 1 137 ARG 137 156 156 ARG ARG A . n 
A 1 138 PHE 138 157 157 PHE PHE A . n 
A 1 139 VAL 139 158 158 VAL VAL A . n 
A 1 140 VAL 140 159 159 VAL VAL A . n 
A 1 141 ASP 141 160 160 ASP ASP A . n 
A 1 142 PHE 142 161 161 PHE PHE A . n 
A 1 143 MET 143 162 162 MET MET A . n 
A 1 144 LEU 144 163 163 LEU LEU A . n 
A 1 145 HIS 145 164 164 HIS HIS A . n 
A 1 146 HIS 146 165 165 HIS HIS A . n 
A 1 147 SER 147 166 166 SER SER A . n 
A 1 148 ILE 148 167 167 ILE ILE A . n 
A 1 149 ALA 149 168 168 ALA ALA A . n 
A 1 150 ARG 150 169 169 ARG ARG A . n 
A 1 151 TRP 151 170 170 TRP TRP A . n 
A 1 152 ILE 152 171 171 ILE ILE A . n 
A 1 153 ALA 153 172 172 ALA ALA A . n 
A 1 154 GLN 154 173 173 GLN GLN A . n 
A 1 155 ARG 155 174 174 ARG ARG A . n 
A 1 156 GLY 156 175 175 GLY GLY A . n 
A 1 157 GLY 157 176 176 GLY GLY A . n 
A 1 158 TRP 158 177 177 TRP TRP A . n 
A 1 159 VAL 159 178 178 VAL VAL A . n 
A 1 160 ALA 160 179 179 ALA ALA A . n 
A 1 161 ALA 161 180 180 ALA ALA A . n 
A 1 162 LEU 162 181 181 LEU LEU A . n 
A 1 163 ASN 163 182 182 ASN ASN A . n 
A 1 164 LEU 164 183 183 LEU LEU A . n 
B 2 1   ASP 1   244 244 ASP ASP B . n 
B 2 2   ALA 2   245 245 ALA ALA B . n 
B 2 3   ILE 3   246 246 ILE ILE B . n 
B 2 4   ILE 4   247 247 ILE ILE B . n 
B 2 5   GLN 5   248 248 GLN GLN B . n 
B 2 6   MET 6   249 249 MET MET B . n 
B 2 7   ILE 7   250 250 ILE ILE B . n 
B 2 8   VAL 8   251 251 VAL VAL B . n 
B 2 9   GLU 9   252 252 GLU GLU B . n 
B 2 10  LEU 10  253 253 LEU LEU B . n 
B 2 11  LEU 11  254 254 LEU LEU B . n 
B 2 12  LYS 12  255 255 LYS LYS B . n 
B 2 13  ARG 13  256 256 ARG ARG B . n 
B 2 14  VAL 14  257 257 VAL VAL B . n 
B 2 15  GLY 15  258 258 GLY GLY B . n 
B 2 16  ASP 16  259 259 ASP ASP B . n 
B 2 17  GLN 17  260 260 GLN GLN B . n 
B 2 18  TRP 18  261 261 TRP TRP B . n 
B 2 19  GLU 19  262 262 GLU GLU B . n 
B 2 20  GLU 20  263 263 GLU GLU B . n 
B 2 21  GLU 21  264 264 GLU GLU B . n 
B 2 22  GLN 22  265 265 GLN GLN B . n 
B 2 23  SER 23  266 266 SER SER B . n 
B 2 24  LEU 24  267 ?   ?   ?   B . n 
B 2 25  ALA 25  268 ?   ?   ?   B . n 
B 2 26  SER 26  269 ?   ?   ?   B . n 
# 
loop_
_pdbx_nonpoly_scheme.asym_id 
_pdbx_nonpoly_scheme.entity_id 
_pdbx_nonpoly_scheme.mon_id 
_pdbx_nonpoly_scheme.ndb_seq_num 
_pdbx_nonpoly_scheme.pdb_seq_num 
_pdbx_nonpoly_scheme.auth_seq_num 
_pdbx_nonpoly_scheme.pdb_mon_id 
_pdbx_nonpoly_scheme.auth_mon_id 
_pdbx_nonpoly_scheme.pdb_strand_id 
_pdbx_nonpoly_scheme.pdb_ins_code 
C 3 HOH 1   201 67  HOH HOH A . 
C 3 HOH 2   202 117 HOH HOH A . 
C 3 HOH 3   203 104 HOH HOH A . 
C 3 HOH 4   204 82  HOH HOH A . 
C 3 HOH 5   205 74  HOH HOH A . 
C 3 HOH 6   206 112 HOH HOH A . 
C 3 HOH 7   207 5   HOH HOH A . 
C 3 HOH 8   208 22  HOH HOH A . 
C 3 HOH 9   209 70  HOH HOH A . 
C 3 HOH 10  210 124 HOH HOH A . 
C 3 HOH 11  211 46  HOH HOH A . 
C 3 HOH 12  212 25  HOH HOH A . 
C 3 HOH 13  213 1   HOH HOH A . 
C 3 HOH 14  214 36  HOH HOH A . 
C 3 HOH 15  215 27  HOH HOH A . 
C 3 HOH 16  216 4   HOH HOH A . 
C 3 HOH 17  217 58  HOH HOH A . 
C 3 HOH 18  218 24  HOH HOH A . 
C 3 HOH 19  219 76  HOH HOH A . 
C 3 HOH 20  220 89  HOH HOH A . 
C 3 HOH 21  221 118 HOH HOH A . 
C 3 HOH 22  222 35  HOH HOH A . 
C 3 HOH 23  223 123 HOH HOH A . 
C 3 HOH 24  224 100 HOH HOH A . 
C 3 HOH 25  225 116 HOH HOH A . 
C 3 HOH 26  226 15  HOH HOH A . 
C 3 HOH 27  227 68  HOH HOH A . 
C 3 HOH 28  228 16  HOH HOH A . 
C 3 HOH 29  229 26  HOH HOH A . 
C 3 HOH 30  230 99  HOH HOH A . 
C 3 HOH 31  231 77  HOH HOH A . 
C 3 HOH 32  232 43  HOH HOH A . 
C 3 HOH 33  233 53  HOH HOH A . 
C 3 HOH 34  234 61  HOH HOH A . 
C 3 HOH 35  235 45  HOH HOH A . 
C 3 HOH 36  236 29  HOH HOH A . 
C 3 HOH 37  237 80  HOH HOH A . 
C 3 HOH 38  238 7   HOH HOH A . 
C 3 HOH 39  239 14  HOH HOH A . 
C 3 HOH 40  240 21  HOH HOH A . 
C 3 HOH 41  241 8   HOH HOH A . 
C 3 HOH 42  242 60  HOH HOH A . 
C 3 HOH 43  243 9   HOH HOH A . 
C 3 HOH 44  244 3   HOH HOH A . 
C 3 HOH 45  245 39  HOH HOH A . 
C 3 HOH 46  246 6   HOH HOH A . 
C 3 HOH 47  247 85  HOH HOH A . 
C 3 HOH 48  248 72  HOH HOH A . 
C 3 HOH 49  249 92  HOH HOH A . 
C 3 HOH 50  250 32  HOH HOH A . 
C 3 HOH 51  251 51  HOH HOH A . 
C 3 HOH 52  252 105 HOH HOH A . 
C 3 HOH 53  253 79  HOH HOH A . 
C 3 HOH 54  254 120 HOH HOH A . 
C 3 HOH 55  255 86  HOH HOH A . 
C 3 HOH 56  256 18  HOH HOH A . 
C 3 HOH 57  257 87  HOH HOH A . 
C 3 HOH 58  258 84  HOH HOH A . 
C 3 HOH 59  259 115 HOH HOH A . 
C 3 HOH 60  260 44  HOH HOH A . 
C 3 HOH 61  261 17  HOH HOH A . 
C 3 HOH 62  262 95  HOH HOH A . 
C 3 HOH 63  263 75  HOH HOH A . 
C 3 HOH 64  264 59  HOH HOH A . 
C 3 HOH 65  265 94  HOH HOH A . 
C 3 HOH 66  266 34  HOH HOH A . 
C 3 HOH 67  267 19  HOH HOH A . 
C 3 HOH 68  268 121 HOH HOH A . 
C 3 HOH 69  269 90  HOH HOH A . 
C 3 HOH 70  270 12  HOH HOH A . 
C 3 HOH 71  271 103 HOH HOH A . 
C 3 HOH 72  272 71  HOH HOH A . 
C 3 HOH 73  273 52  HOH HOH A . 
C 3 HOH 74  274 96  HOH HOH A . 
C 3 HOH 75  275 13  HOH HOH A . 
C 3 HOH 76  276 78  HOH HOH A . 
C 3 HOH 77  277 20  HOH HOH A . 
C 3 HOH 78  278 2   HOH HOH A . 
C 3 HOH 79  279 102 HOH HOH A . 
C 3 HOH 80  280 47  HOH HOH A . 
C 3 HOH 81  281 66  HOH HOH A . 
C 3 HOH 82  282 48  HOH HOH A . 
C 3 HOH 83  283 114 HOH HOH A . 
C 3 HOH 84  284 110 HOH HOH A . 
C 3 HOH 85  285 93  HOH HOH A . 
C 3 HOH 86  286 64  HOH HOH A . 
C 3 HOH 87  287 88  HOH HOH A . 
C 3 HOH 88  288 106 HOH HOH A . 
C 3 HOH 89  289 49  HOH HOH A . 
C 3 HOH 90  290 63  HOH HOH A . 
C 3 HOH 91  291 62  HOH HOH A . 
C 3 HOH 92  292 125 HOH HOH A . 
C 3 HOH 93  293 28  HOH HOH A . 
C 3 HOH 94  294 122 HOH HOH A . 
C 3 HOH 95  295 113 HOH HOH A . 
C 3 HOH 96  296 31  HOH HOH A . 
C 3 HOH 97  297 69  HOH HOH A . 
C 3 HOH 98  298 91  HOH HOH A . 
C 3 HOH 99  299 97  HOH HOH A . 
C 3 HOH 100 300 33  HOH HOH A . 
C 3 HOH 101 301 83  HOH HOH A . 
C 3 HOH 102 302 23  HOH HOH A . 
C 3 HOH 103 303 55  HOH HOH A . 
C 3 HOH 104 304 50  HOH HOH A . 
C 3 HOH 105 305 65  HOH HOH A . 
C 3 HOH 106 306 11  HOH HOH A . 
C 3 HOH 107 307 54  HOH HOH A . 
C 3 HOH 108 308 37  HOH HOH A . 
C 3 HOH 109 309 126 HOH HOH A . 
C 3 HOH 110 310 56  HOH HOH A . 
C 3 HOH 111 311 57  HOH HOH A . 
C 3 HOH 112 312 30  HOH HOH A . 
C 3 HOH 113 313 127 HOH HOH A . 
D 3 HOH 1   301 10  HOH HOH B . 
D 3 HOH 2   302 111 HOH HOH B . 
D 3 HOH 3   303 40  HOH HOH B . 
D 3 HOH 4   304 42  HOH HOH B . 
D 3 HOH 5   305 38  HOH HOH B . 
D 3 HOH 6   306 81  HOH HOH B . 
D 3 HOH 7   307 101 HOH HOH B . 
D 3 HOH 8   308 98  HOH HOH B . 
D 3 HOH 9   309 41  HOH HOH B . 
D 3 HOH 10  310 108 HOH HOH B . 
D 3 HOH 11  311 107 HOH HOH B . 
D 3 HOH 12  312 119 HOH HOH B . 
D 3 HOH 13  313 109 HOH HOH B . 
# 
loop_
_pdbx_unobs_or_zero_occ_atoms.id 
_pdbx_unobs_or_zero_occ_atoms.PDB_model_num 
_pdbx_unobs_or_zero_occ_atoms.polymer_flag 
_pdbx_unobs_or_zero_occ_atoms.occupancy_flag 
_pdbx_unobs_or_zero_occ_atoms.auth_asym_id 
_pdbx_unobs_or_zero_occ_atoms.auth_comp_id 
_pdbx_unobs_or_zero_occ_atoms.auth_seq_id 
_pdbx_unobs_or_zero_occ_atoms.PDB_ins_code 
_pdbx_unobs_or_zero_occ_atoms.auth_atom_id 
_pdbx_unobs_or_zero_occ_atoms.label_alt_id 
_pdbx_unobs_or_zero_occ_atoms.label_asym_id 
_pdbx_unobs_or_zero_occ_atoms.label_comp_id 
_pdbx_unobs_or_zero_occ_atoms.label_seq_id 
_pdbx_unobs_or_zero_occ_atoms.label_atom_id 
1  1 Y 1 A GLN 47  ? CD  ? A GLN 28  CD  
2  1 Y 1 A GLN 47  ? OE1 ? A GLN 28  OE1 
3  1 Y 1 A GLN 47  ? NE2 ? A GLN 28  NE2 
4  1 Y 1 A ARG 87  ? CD  ? A ARG 68  CD  
5  1 Y 1 A ARG 87  ? NE  ? A ARG 68  NE  
6  1 Y 1 A ARG 87  ? CZ  ? A ARG 68  CZ  
7  1 Y 1 A ARG 87  ? NH1 ? A ARG 68  NH1 
8  1 Y 1 A ARG 87  ? NH2 ? A ARG 68  NH2 
9  1 Y 1 A ARG 88  ? CD  ? A ARG 69  CD  
10 1 Y 1 A ARG 88  ? NE  ? A ARG 69  NE  
11 1 Y 1 A ARG 88  ? CZ  ? A ARG 69  CZ  
12 1 Y 1 A ARG 88  ? NH1 ? A ARG 69  NH1 
13 1 Y 1 A ARG 88  ? NH2 ? A ARG 69  NH2 
14 1 Y 1 A GLU 92  ? CD  ? A GLU 73  CD  
15 1 Y 1 A GLU 92  ? OE1 ? A GLU 73  OE1 
16 1 Y 1 A GLU 92  ? OE2 ? A GLU 73  OE2 
17 1 Y 1 A GLU 120 ? CD  ? A GLU 101 CD  
18 1 Y 1 A GLU 120 ? OE1 ? A GLU 101 OE1 
19 1 Y 1 A GLU 120 ? OE2 ? A GLU 101 OE2 
20 1 Y 1 A LEU 147 ? CG  ? A LEU 128 CG  
21 1 Y 1 A LEU 147 ? CD1 ? A LEU 128 CD1 
22 1 Y 1 A LEU 147 ? CD2 ? A LEU 128 CD2 
23 1 Y 1 A ARG 169 ? NE  ? A ARG 150 NE  
24 1 Y 1 A ARG 169 ? CZ  ? A ARG 150 CZ  
25 1 Y 1 A ARG 169 ? NH1 ? A ARG 150 NH1 
26 1 Y 1 A ARG 169 ? NH2 ? A ARG 150 NH2 
27 1 Y 1 B ASP 244 ? CG  ? B ASP 1   CG  
28 1 Y 1 B ASP 244 ? OD1 ? B ASP 1   OD1 
29 1 Y 1 B ASP 244 ? OD2 ? B ASP 1   OD2 
# 
loop_
_software.citation_id 
_software.classification 
_software.compiler_name 
_software.compiler_version 
_software.contact_author 
_software.contact_author_email 
_software.date 
_software.description 
_software.dependencies 
_software.hardware 
_software.language 
_software.location 
_software.mods 
_software.name 
_software.os 
_software.os_version 
_software.type 
_software.version 
_software.pdbx_ordinal 
? refinement       ? ? ? ? ? ? ? ? ? ? ? PHENIX   ? ? ? 1.10.1 1 
? 'data reduction' ? ? ? ? ? ? ? ? ? ? ? HKL-2000 ? ? ? .      2 
? 'data scaling'   ? ? ? ? ? ? ? ? ? ? ? HKL-2000 ? ? ? .      3 
? phasing          ? ? ? ? ? ? ? ? ? ? ? MOLREP   ? ? ? .      4 
# 
_cell.angle_alpha                  90.00 
_cell.angle_alpha_esd              ? 
_cell.angle_beta                   90.00 
_cell.angle_beta_esd               ? 
_cell.angle_gamma                  90.00 
_cell.angle_gamma_esd              ? 
_cell.entry_id                     8IGC 
_cell.details                      ? 
_cell.formula_units_Z              ? 
_cell.length_a                     88.736 
_cell.length_a_esd                 ? 
_cell.length_b                     126.212 
_cell.length_b_esd                 ? 
_cell.length_c                     41.779 
_cell.length_c_esd                 ? 
_cell.volume                       ? 
_cell.volume_esd                   ? 
_cell.Z_PDB                        8 
_cell.reciprocal_angle_alpha       ? 
_cell.reciprocal_angle_beta        ? 
_cell.reciprocal_angle_gamma       ? 
_cell.reciprocal_angle_alpha_esd   ? 
_cell.reciprocal_angle_beta_esd    ? 
_cell.reciprocal_angle_gamma_esd   ? 
_cell.reciprocal_length_a          ? 
_cell.reciprocal_length_b          ? 
_cell.reciprocal_length_c          ? 
_cell.reciprocal_length_a_esd      ? 
_cell.reciprocal_length_b_esd      ? 
_cell.reciprocal_length_c_esd      ? 
_cell.pdbx_unique_axis             ? 
_cell.pdbx_esd_method              ? 
# 
_symmetry.entry_id                         8IGC 
_symmetry.cell_setting                     ? 
_symmetry.Int_Tables_number                20 
_symmetry.space_group_name_Hall            ? 
_symmetry.space_group_name_H-M             'C 2 2 21' 
_symmetry.pdbx_full_space_group_name_H-M   ? 
# 
_exptl.absorpt_coefficient_mu     ? 
_exptl.absorpt_correction_T_max   ? 
_exptl.absorpt_correction_T_min   ? 
_exptl.absorpt_correction_type    ? 
_exptl.absorpt_process_details    ? 
_exptl.entry_id                   8IGC 
_exptl.crystals_number            1 
_exptl.details                    ? 
_exptl.method                     'X-RAY DIFFRACTION' 
_exptl.method_details             ? 
# 
_exptl_crystal.colour                       ? 
_exptl_crystal.density_diffrn               ? 
_exptl_crystal.density_Matthews             2.85 
_exptl_crystal.density_method               ? 
_exptl_crystal.density_percent_sol          56.83 
_exptl_crystal.description                  ? 
_exptl_crystal.F_000                        ? 
_exptl_crystal.id                           1 
_exptl_crystal.preparation                  ? 
_exptl_crystal.size_max                     ? 
_exptl_crystal.size_mid                     ? 
_exptl_crystal.size_min                     ? 
_exptl_crystal.size_rad                     ? 
_exptl_crystal.colour_lustre                ? 
_exptl_crystal.colour_modifier              ? 
_exptl_crystal.colour_primary               ? 
_exptl_crystal.density_meas                 ? 
_exptl_crystal.density_meas_esd             ? 
_exptl_crystal.density_meas_gt              ? 
_exptl_crystal.density_meas_lt              ? 
_exptl_crystal.density_meas_temp            ? 
_exptl_crystal.density_meas_temp_esd        ? 
_exptl_crystal.density_meas_temp_gt         ? 
_exptl_crystal.density_meas_temp_lt         ? 
_exptl_crystal.pdbx_crystal_image_url       ? 
_exptl_crystal.pdbx_crystal_image_format    ? 
_exptl_crystal.pdbx_mosaicity               ? 
_exptl_crystal.pdbx_mosaicity_esd           ? 
_exptl_crystal.pdbx_mosaic_method           ? 
_exptl_crystal.pdbx_mosaic_block_size       ? 
_exptl_crystal.pdbx_mosaic_block_size_esd   ? 
# 
_exptl_crystal_grow.apparatus       ? 
_exptl_crystal_grow.atmosphere      ? 
_exptl_crystal_grow.crystal_id      1 
_exptl_crystal_grow.details         ? 
_exptl_crystal_grow.method          'VAPOR DIFFUSION' 
_exptl_crystal_grow.method_ref      ? 
_exptl_crystal_grow.pH              ? 
_exptl_crystal_grow.pressure        ? 
_exptl_crystal_grow.pressure_esd    ? 
_exptl_crystal_grow.seeding         ? 
_exptl_crystal_grow.seeding_ref     ? 
_exptl_crystal_grow.temp_details    ? 
_exptl_crystal_grow.temp_esd        ? 
_exptl_crystal_grow.time            ? 
_exptl_crystal_grow.pdbx_details    '0.7 M sodium citrate tribasic dehydrate and 0.1 M Tris-HCl (pH 8.5)' 
_exptl_crystal_grow.pdbx_pH_range   ? 
_exptl_crystal_grow.temp            291 
# 
_diffrn.ambient_environment              ? 
_diffrn.ambient_temp                     93 
_diffrn.ambient_temp_details             ? 
_diffrn.ambient_temp_esd                 ? 
_diffrn.crystal_id                       1 
_diffrn.crystal_support                  ? 
_diffrn.crystal_treatment                ? 
_diffrn.details                          ? 
_diffrn.id                               1 
_diffrn.ambient_pressure                 ? 
_diffrn.ambient_pressure_esd             ? 
_diffrn.ambient_pressure_gt              ? 
_diffrn.ambient_pressure_lt              ? 
_diffrn.ambient_temp_gt                  ? 
_diffrn.ambient_temp_lt                  ? 
_diffrn.pdbx_serial_crystal_experiment   N 
# 
_diffrn_detector.details                      ? 
_diffrn_detector.detector                     CCD 
_diffrn_detector.diffrn_id                    1 
_diffrn_detector.type                         'ADSC QUANTUM 270' 
_diffrn_detector.area_resol_mean              ? 
_diffrn_detector.dtime                        ? 
_diffrn_detector.pdbx_frames_total            ? 
_diffrn_detector.pdbx_collection_time_total   ? 
_diffrn_detector.pdbx_collection_date         2022-10-13 
_diffrn_detector.pdbx_frequency               ? 
_diffrn_detector.id                           ? 
_diffrn_detector.number_of_axes               ? 
# 
_diffrn_radiation.collimation                      ? 
_diffrn_radiation.diffrn_id                        1 
_diffrn_radiation.filter_edge                      ? 
_diffrn_radiation.inhomogeneity                    ? 
_diffrn_radiation.monochromator                    ? 
_diffrn_radiation.polarisn_norm                    ? 
_diffrn_radiation.polarisn_ratio                   ? 
_diffrn_radiation.probe                            ? 
_diffrn_radiation.type                             ? 
_diffrn_radiation.xray_symbol                      ? 
_diffrn_radiation.wavelength_id                    1 
_diffrn_radiation.pdbx_monochromatic_or_laue_m_l   M 
_diffrn_radiation.pdbx_wavelength_list             ? 
_diffrn_radiation.pdbx_wavelength                  ? 
_diffrn_radiation.pdbx_diffrn_protocol             'SINGLE WAVELENGTH' 
_diffrn_radiation.pdbx_analyzer                    ? 
_diffrn_radiation.pdbx_scattering_type             x-ray 
# 
_diffrn_radiation_wavelength.id           1 
_diffrn_radiation_wavelength.wavelength   1 
_diffrn_radiation_wavelength.wt           1.0 
# 
_diffrn_source.current                     ? 
_diffrn_source.details                     ? 
_diffrn_source.diffrn_id                   1 
_diffrn_source.power                       ? 
_diffrn_source.size                        ? 
_diffrn_source.source                      SYNCHROTRON 
_diffrn_source.target                      ? 
_diffrn_source.type                        'PAL/PLS BEAMLINE 7A (6B, 6C1)' 
_diffrn_source.voltage                     ? 
_diffrn_source.take-off_angle              ? 
_diffrn_source.pdbx_wavelength_list        1 
_diffrn_source.pdbx_wavelength             ? 
_diffrn_source.pdbx_synchrotron_beamline   '7A (6B, 6C1)' 
_diffrn_source.pdbx_synchrotron_site       PAL/PLS 
# 
_reflns.B_iso_Wilson_estimate                          ? 
_reflns.entry_id                                       8IGC 
_reflns.data_reduction_details                         ? 
_reflns.data_reduction_method                          ? 
_reflns.d_resolution_high                              1.697 
_reflns.d_resolution_low                               50 
_reflns.details                                        ? 
_reflns.limit_h_max                                    ? 
_reflns.limit_h_min                                    ? 
_reflns.limit_k_max                                    ? 
_reflns.limit_k_min                                    ? 
_reflns.limit_l_max                                    ? 
_reflns.limit_l_min                                    ? 
_reflns.number_all                                     ? 
_reflns.number_obs                                     25537 
_reflns.observed_criterion                             ? 
_reflns.observed_criterion_F_max                       ? 
_reflns.observed_criterion_F_min                       ? 
_reflns.observed_criterion_I_max                       ? 
_reflns.observed_criterion_I_min                       ? 
_reflns.observed_criterion_sigma_F                     ? 
_reflns.observed_criterion_sigma_I                     ? 
_reflns.percent_possible_obs                           96.5 
_reflns.R_free_details                                 ? 
_reflns.Rmerge_F_all                                   ? 
_reflns.Rmerge_F_obs                                   ? 
_reflns.Friedel_coverage                               ? 
_reflns.number_gt                                      ? 
_reflns.threshold_expression                           ? 
_reflns.pdbx_redundancy                                7.2 
_reflns.pdbx_netI_over_av_sigmaI                       ? 
_reflns.pdbx_netI_over_sigmaI                          49.1 
_reflns.pdbx_res_netI_over_av_sigmaI_2                 ? 
_reflns.pdbx_res_netI_over_sigmaI_2                    ? 
_reflns.pdbx_chi_squared                               ? 
_reflns.pdbx_scaling_rejects                           ? 
_reflns.pdbx_d_res_high_opt                            ? 
_reflns.pdbx_d_res_low_opt                             ? 
_reflns.pdbx_d_res_opt_method                          ? 
_reflns.phase_calculation_details                      ? 
_reflns.pdbx_Rrim_I_all                                ? 
_reflns.pdbx_Rpim_I_all                                ? 
_reflns.pdbx_d_opt                                     ? 
_reflns.pdbx_number_measured_all                       ? 
_reflns.pdbx_diffrn_id                                 1 
_reflns.pdbx_ordinal                                   1 
_reflns.pdbx_CC_half                                   0.996 
_reflns.pdbx_CC_star                                   ? 
_reflns.pdbx_R_split                                   ? 
_reflns.pdbx_Rmerge_I_obs                              ? 
_reflns.pdbx_Rmerge_I_all                              ? 
_reflns.pdbx_Rsym_value                                ? 
_reflns.pdbx_CC_split_method                           ? 
_reflns.pdbx_aniso_diffraction_limit_axis_1_ortho[1]   ? 
_reflns.pdbx_aniso_diffraction_limit_axis_1_ortho[2]   ? 
_reflns.pdbx_aniso_diffraction_limit_axis_1_ortho[3]   ? 
_reflns.pdbx_aniso_diffraction_limit_axis_2_ortho[1]   ? 
_reflns.pdbx_aniso_diffraction_limit_axis_2_ortho[2]   ? 
_reflns.pdbx_aniso_diffraction_limit_axis_2_ortho[3]   ? 
_reflns.pdbx_aniso_diffraction_limit_axis_3_ortho[1]   ? 
_reflns.pdbx_aniso_diffraction_limit_axis_3_ortho[2]   ? 
_reflns.pdbx_aniso_diffraction_limit_axis_3_ortho[3]   ? 
_reflns.pdbx_aniso_diffraction_limit_1                 ? 
_reflns.pdbx_aniso_diffraction_limit_2                 ? 
_reflns.pdbx_aniso_diffraction_limit_3                 ? 
_reflns.pdbx_aniso_B_tensor_eigenvector_1_ortho[1]     ? 
_reflns.pdbx_aniso_B_tensor_eigenvector_1_ortho[2]     ? 
_reflns.pdbx_aniso_B_tensor_eigenvector_1_ortho[3]     ? 
_reflns.pdbx_aniso_B_tensor_eigenvector_2_ortho[1]     ? 
_reflns.pdbx_aniso_B_tensor_eigenvector_2_ortho[2]     ? 
_reflns.pdbx_aniso_B_tensor_eigenvector_2_ortho[3]     ? 
_reflns.pdbx_aniso_B_tensor_eigenvector_3_ortho[1]     ? 
_reflns.pdbx_aniso_B_tensor_eigenvector_3_ortho[2]     ? 
_reflns.pdbx_aniso_B_tensor_eigenvector_3_ortho[3]     ? 
_reflns.pdbx_aniso_B_tensor_eigenvalue_1               ? 
_reflns.pdbx_aniso_B_tensor_eigenvalue_2               ? 
_reflns.pdbx_aniso_B_tensor_eigenvalue_3               ? 
_reflns.pdbx_orthogonalization_convention              ? 
_reflns.pdbx_percent_possible_ellipsoidal              ? 
_reflns.pdbx_percent_possible_spherical                ? 
_reflns.pdbx_percent_possible_ellipsoidal_anomalous    ? 
_reflns.pdbx_percent_possible_spherical_anomalous      ? 
_reflns.pdbx_redundancy_anomalous                      ? 
_reflns.pdbx_CC_half_anomalous                         ? 
_reflns.pdbx_absDiff_over_sigma_anomalous              ? 
_reflns.pdbx_percent_possible_anomalous                ? 
_reflns.pdbx_observed_signal_threshold                 ? 
_reflns.pdbx_signal_type                               ? 
_reflns.pdbx_signal_details                            ? 
_reflns.pdbx_signal_software_id                        ? 
# 
_reflns_shell.d_res_high                                    1.697 
_reflns_shell.d_res_low                                     1.73 
_reflns_shell.meanI_over_sigI_all                           ? 
_reflns_shell.meanI_over_sigI_obs                           ? 
_reflns_shell.number_measured_all                           ? 
_reflns_shell.number_measured_obs                           ? 
_reflns_shell.number_possible                               ? 
_reflns_shell.number_unique_all                             ? 
_reflns_shell.number_unique_obs                             1249 
_reflns_shell.percent_possible_obs                          ? 
_reflns_shell.Rmerge_F_all                                  ? 
_reflns_shell.Rmerge_F_obs                                  ? 
_reflns_shell.meanI_over_sigI_gt                            ? 
_reflns_shell.meanI_over_uI_all                             ? 
_reflns_shell.meanI_over_uI_gt                              ? 
_reflns_shell.number_measured_gt                            ? 
_reflns_shell.number_unique_gt                              ? 
_reflns_shell.percent_possible_gt                           ? 
_reflns_shell.Rmerge_F_gt                                   ? 
_reflns_shell.Rmerge_I_gt                                   ? 
_reflns_shell.pdbx_redundancy                               ? 
_reflns_shell.pdbx_chi_squared                              ? 
_reflns_shell.pdbx_netI_over_sigmaI_all                     ? 
_reflns_shell.pdbx_netI_over_sigmaI_obs                     ? 
_reflns_shell.pdbx_Rrim_I_all                               ? 
_reflns_shell.pdbx_Rpim_I_all                               ? 
_reflns_shell.pdbx_rejects                                  ? 
_reflns_shell.pdbx_ordinal                                  1 
_reflns_shell.pdbx_diffrn_id                                1 
_reflns_shell.pdbx_CC_half                                  0.980 
_reflns_shell.pdbx_CC_star                                  ? 
_reflns_shell.pdbx_R_split                                  ? 
_reflns_shell.percent_possible_all                          ? 
_reflns_shell.Rmerge_I_all                                  ? 
_reflns_shell.Rmerge_I_obs                                  ? 
_reflns_shell.pdbx_Rsym_value                               ? 
_reflns_shell.pdbx_percent_possible_ellipsoidal             ? 
_reflns_shell.pdbx_percent_possible_spherical               ? 
_reflns_shell.pdbx_percent_possible_ellipsoidal_anomalous   ? 
_reflns_shell.pdbx_percent_possible_spherical_anomalous     ? 
_reflns_shell.pdbx_redundancy_anomalous                     ? 
_reflns_shell.pdbx_CC_half_anomalous                        ? 
_reflns_shell.pdbx_absDiff_over_sigma_anomalous             ? 
_reflns_shell.pdbx_percent_possible_anomalous               ? 
# 
_refine.aniso_B[1][1]                            ? 
_refine.aniso_B[1][2]                            ? 
_refine.aniso_B[1][3]                            ? 
_refine.aniso_B[2][2]                            ? 
_refine.aniso_B[2][3]                            ? 
_refine.aniso_B[3][3]                            ? 
_refine.B_iso_max                                ? 
_refine.B_iso_mean                               ? 
_refine.B_iso_min                                ? 
_refine.correlation_coeff_Fo_to_Fc               ? 
_refine.correlation_coeff_Fo_to_Fc_free          ? 
_refine.details                                  ? 
_refine.diff_density_max                         ? 
_refine.diff_density_max_esd                     ? 
_refine.diff_density_min                         ? 
_refine.diff_density_min_esd                     ? 
_refine.diff_density_rms                         ? 
_refine.diff_density_rms_esd                     ? 
_refine.entry_id                                 8IGC 
_refine.pdbx_refine_id                           'X-RAY DIFFRACTION' 
_refine.ls_abs_structure_details                 ? 
_refine.ls_abs_structure_Flack                   ? 
_refine.ls_abs_structure_Flack_esd               ? 
_refine.ls_abs_structure_Rogers                  ? 
_refine.ls_abs_structure_Rogers_esd              ? 
_refine.ls_d_res_high                            1.697 
_refine.ls_d_res_low                             27.400 
_refine.ls_extinction_coef                       ? 
_refine.ls_extinction_coef_esd                   ? 
_refine.ls_extinction_expression                 ? 
_refine.ls_extinction_method                     ? 
_refine.ls_goodness_of_fit_all                   ? 
_refine.ls_goodness_of_fit_all_esd               ? 
_refine.ls_goodness_of_fit_obs                   ? 
_refine.ls_goodness_of_fit_obs_esd               ? 
_refine.ls_hydrogen_treatment                    ? 
_refine.ls_matrix_type                           ? 
_refine.ls_number_constraints                    ? 
_refine.ls_number_parameters                     ? 
_refine.ls_number_reflns_all                     ? 
_refine.ls_number_reflns_obs                     25531 
_refine.ls_number_reflns_R_free                  2000 
_refine.ls_number_reflns_R_work                  ? 
_refine.ls_number_restraints                     ? 
_refine.ls_percent_reflns_obs                    96.45 
_refine.ls_percent_reflns_R_free                 7.83 
_refine.ls_R_factor_all                          ? 
_refine.ls_R_factor_obs                          0.2046 
_refine.ls_R_factor_R_free                       0.2256 
_refine.ls_R_factor_R_free_error                 ? 
_refine.ls_R_factor_R_free_error_details         ? 
_refine.ls_R_factor_R_work                       0.2027 
_refine.ls_R_Fsqd_factor_obs                     ? 
_refine.ls_R_I_factor_obs                        ? 
_refine.ls_redundancy_reflns_all                 ? 
_refine.ls_redundancy_reflns_obs                 ? 
_refine.ls_restrained_S_all                      ? 
_refine.ls_restrained_S_obs                      ? 
_refine.ls_shift_over_esd_max                    ? 
_refine.ls_shift_over_esd_mean                   ? 
_refine.ls_structure_factor_coef                 ? 
_refine.ls_weighting_details                     ? 
_refine.ls_weighting_scheme                      ? 
_refine.ls_wR_factor_all                         ? 
_refine.ls_wR_factor_obs                         ? 
_refine.ls_wR_factor_R_free                      ? 
_refine.ls_wR_factor_R_work                      ? 
_refine.occupancy_max                            ? 
_refine.occupancy_min                            ? 
_refine.solvent_model_details                    'FLAT BULK SOLVENT MODEL' 
_refine.solvent_model_param_bsol                 ? 
_refine.solvent_model_param_ksol                 ? 
_refine.pdbx_R_complete                          ? 
_refine.ls_R_factor_gt                           ? 
_refine.ls_goodness_of_fit_gt                    ? 
_refine.ls_goodness_of_fit_ref                   ? 
_refine.ls_shift_over_su_max                     ? 
_refine.ls_shift_over_su_max_lt                  ? 
_refine.ls_shift_over_su_mean                    ? 
_refine.ls_shift_over_su_mean_lt                 ? 
_refine.pdbx_ls_sigma_I                          ? 
_refine.pdbx_ls_sigma_F                          1.35 
_refine.pdbx_ls_sigma_Fsqd                       ? 
_refine.pdbx_data_cutoff_high_absF               ? 
_refine.pdbx_data_cutoff_high_rms_absF           ? 
_refine.pdbx_data_cutoff_low_absF                ? 
_refine.pdbx_isotropic_thermal_model             ? 
_refine.pdbx_ls_cross_valid_method               'FREE R-VALUE' 
_refine.pdbx_method_to_determine_struct          'MOLECULAR REPLACEMENT' 
_refine.pdbx_starting_model                      ? 
_refine.pdbx_stereochemistry_target_values       ML 
_refine.pdbx_R_Free_selection_details            ? 
_refine.pdbx_stereochem_target_val_spec_case     ? 
_refine.pdbx_overall_ESU_R                       ? 
_refine.pdbx_overall_ESU_R_Free                  ? 
_refine.pdbx_solvent_vdw_probe_radii             1.11 
_refine.pdbx_solvent_ion_probe_radii             ? 
_refine.pdbx_solvent_shrinkage_radii             0.90 
_refine.pdbx_real_space_R                        ? 
_refine.pdbx_density_correlation                 ? 
_refine.pdbx_pd_number_of_powder_patterns        ? 
_refine.pdbx_pd_number_of_points                 ? 
_refine.pdbx_pd_meas_number_of_points            ? 
_refine.pdbx_pd_proc_ls_prof_R_factor            ? 
_refine.pdbx_pd_proc_ls_prof_wR_factor           ? 
_refine.pdbx_pd_Marquardt_correlation_coeff      ? 
_refine.pdbx_pd_Fsqrd_R_factor                   ? 
_refine.pdbx_pd_ls_matrix_band_width             ? 
_refine.pdbx_overall_phase_error                 24.04 
_refine.pdbx_overall_SU_R_free_Cruickshank_DPI   ? 
_refine.pdbx_overall_SU_R_free_Blow_DPI          ? 
_refine.pdbx_overall_SU_R_Blow_DPI               ? 
_refine.pdbx_TLS_residual_ADP_flag               ? 
_refine.pdbx_diffrn_id                           1 
_refine.overall_SU_B                             ? 
_refine.overall_SU_ML                            0.20 
_refine.overall_SU_R_Cruickshank_DPI             ? 
_refine.overall_SU_R_free                        ? 
_refine.overall_FOM_free_R_set                   ? 
_refine.overall_FOM_work_R_set                   ? 
_refine.pdbx_average_fsc_overall                 ? 
_refine.pdbx_average_fsc_work                    ? 
_refine.pdbx_average_fsc_free                    ? 
# 
_refine_hist.pdbx_refine_id                   'X-RAY DIFFRACTION' 
_refine_hist.cycle_id                         LAST 
_refine_hist.details                          ? 
_refine_hist.d_res_high                       1.697 
_refine_hist.d_res_low                        27.400 
_refine_hist.number_atoms_solvent             126 
_refine_hist.number_atoms_total               1535 
_refine_hist.number_reflns_all                ? 
_refine_hist.number_reflns_obs                ? 
_refine_hist.number_reflns_R_free             ? 
_refine_hist.number_reflns_R_work             ? 
_refine_hist.R_factor_all                     ? 
_refine_hist.R_factor_obs                     ? 
_refine_hist.R_factor_R_free                  ? 
_refine_hist.R_factor_R_work                  ? 
_refine_hist.pdbx_number_residues_total       ? 
_refine_hist.pdbx_B_iso_mean_ligand           ? 
_refine_hist.pdbx_B_iso_mean_solvent          ? 
_refine_hist.pdbx_number_atoms_protein        1409 
_refine_hist.pdbx_number_atoms_nucleic_acid   0 
_refine_hist.pdbx_number_atoms_ligand         0 
_refine_hist.pdbx_number_atoms_lipid          ? 
_refine_hist.pdbx_number_atoms_carb           ? 
_refine_hist.pdbx_pseudo_atom_details         ? 
# 
loop_
_refine_ls_restr.pdbx_refine_id 
_refine_ls_restr.criterion 
_refine_ls_restr.dev_ideal 
_refine_ls_restr.dev_ideal_target 
_refine_ls_restr.number 
_refine_ls_restr.rejects 
_refine_ls_restr.type 
_refine_ls_restr.weight 
_refine_ls_restr.pdbx_restraint_function 
'X-RAY DIFFRACTION' ? 0.006  ? 1440 ? f_bond_d           ? ? 
'X-RAY DIFFRACTION' ? 0.755  ? 1950 ? f_angle_d          ? ? 
'X-RAY DIFFRACTION' ? 14.534 ? 839  ? f_dihedral_angle_d ? ? 
'X-RAY DIFFRACTION' ? 0.050  ? 213  ? f_chiral_restr     ? ? 
'X-RAY DIFFRACTION' ? 0.005  ? 251  ? f_plane_restr      ? ? 
# 
loop_
_refine_ls_shell.pdbx_refine_id 
_refine_ls_shell.d_res_high 
_refine_ls_shell.d_res_low 
_refine_ls_shell.number_reflns_all 
_refine_ls_shell.number_reflns_obs 
_refine_ls_shell.number_reflns_R_free 
_refine_ls_shell.number_reflns_R_work 
_refine_ls_shell.percent_reflns_obs 
_refine_ls_shell.percent_reflns_R_free 
_refine_ls_shell.R_factor_all 
_refine_ls_shell.R_factor_obs 
_refine_ls_shell.R_factor_R_free_error 
_refine_ls_shell.R_factor_R_work 
_refine_ls_shell.redundancy_reflns_all 
_refine_ls_shell.redundancy_reflns_obs 
_refine_ls_shell.wR_factor_all 
_refine_ls_shell.wR_factor_obs 
_refine_ls_shell.wR_factor_R_free 
_refine_ls_shell.wR_factor_R_work 
_refine_ls_shell.pdbx_R_complete 
_refine_ls_shell.pdbx_total_number_of_bins_used 
_refine_ls_shell.pdbx_phase_error 
_refine_ls_shell.pdbx_fsc_work 
_refine_ls_shell.pdbx_fsc_free 
_refine_ls_shell.R_factor_R_free 
'X-RAY DIFFRACTION' 1.697  1.7390 . . 138 1618 94.00 . . . . 0.2716 . . . . . . . . . . . 0.2921 
'X-RAY DIFFRACTION' 1.7390 1.7860 . . 143 1679 99.00 . . . . 0.2451 . . . . . . . . . . . 0.2740 
'X-RAY DIFFRACTION' 1.7860 1.8385 . . 142 1684 97.00 . . . . 0.2452 . . . . . . . . . . . 0.3017 
'X-RAY DIFFRACTION' 1.8385 1.8979 . . 143 1674 97.00 . . . . 0.2220 . . . . . . . . . . . 0.2345 
'X-RAY DIFFRACTION' 1.8979 1.9657 . . 143 1682 99.00 . . . . 0.2056 . . . . . . . . . . . 0.2524 
'X-RAY DIFFRACTION' 1.9657 2.0444 . . 145 1712 98.00 . . . . 0.2147 . . . . . . . . . . . 0.2409 
'X-RAY DIFFRACTION' 2.0444 2.1374 . . 144 1690 98.00 . . . . 0.2065 . . . . . . . . . . . 0.2353 
'X-RAY DIFFRACTION' 2.1374 2.2500 . . 144 1698 99.00 . . . . 0.2027 . . . . . . . . . . . 0.2235 
'X-RAY DIFFRACTION' 2.2500 2.3909 . . 145 1702 99.00 . . . . 0.1990 . . . . . . . . . . . 0.1970 
'X-RAY DIFFRACTION' 2.3909 2.5754 . . 147 1738 99.00 . . . . 0.2016 . . . . . . . . . . . 0.2017 
'X-RAY DIFFRACTION' 2.5754 2.8343 . . 147 1723 99.00 . . . . 0.2066 . . . . . . . . . . . 0.2370 
'X-RAY DIFFRACTION' 2.8343 3.2439 . . 148 1747 99.00 . . . . 0.2117 . . . . . . . . . . . 0.2269 
'X-RAY DIFFRACTION' 3.2439 4.0848 . . 143 1678 95.00 . . . . 0.1697 . . . . . . . . . . . 0.2102 
'X-RAY DIFFRACTION' 4.0848 27.400 . . 128 1506 81.00 . . . . 0.2084 . . . . . . . . . . . 0.2244 
# 
_struct.entry_id                     8IGC 
_struct.title                        'Crystal structure of Bak bound to Bnip5 BH3' 
_struct.pdbx_model_details           ? 
_struct.pdbx_formula_weight          ? 
_struct.pdbx_formula_weight_method   ? 
_struct.pdbx_model_type_details      ? 
_struct.pdbx_CASP_flag               N 
# 
_struct_keywords.entry_id        8IGC 
_struct_keywords.text            'Bcl-2-interacting protein 5, Bnip5, Bak, BH3, apoptosis' 
_struct_keywords.pdbx_keywords   APOPTOSIS 
# 
loop_
_struct_asym.id 
_struct_asym.pdbx_blank_PDB_chainid_flag 
_struct_asym.pdbx_modified 
_struct_asym.entity_id 
_struct_asym.details 
A N N 1 ? 
B N N 2 ? 
C N N 3 ? 
D N N 3 ? 
# 
loop_
_struct_ref.id 
_struct_ref.db_name 
_struct_ref.db_code 
_struct_ref.pdbx_db_accession 
_struct_ref.pdbx_db_isoform 
_struct_ref.entity_id 
_struct_ref.pdbx_seq_one_letter_code 
_struct_ref.pdbx_align_begin 
1 UNP BAK_HUMAN   Q16611 ? 1 
;SEEQVAQDTEEVFRSYVFYRHQQEQEAEGVAAPADPEMVTLPLQPSSTMGQVGRQLAIIGDDINRRYDSEFQTMLQHLQP
TAENAYEYFTKIATSLFESGINWGRVVALLGFGYRLALHVYQHGLTGFLGQVTRFVVDFMLHHCIARWIAQRGGWVAALN
L
;
23  
2 UNP BNIP5_HUMAN P0C671 ? 2 DAIIQMIVELLKRVGDQWEEEQSLAS 244 
# 
loop_
_struct_ref_seq.align_id 
_struct_ref_seq.ref_id 
_struct_ref_seq.pdbx_PDB_id_code 
_struct_ref_seq.pdbx_strand_id 
_struct_ref_seq.seq_align_beg 
_struct_ref_seq.pdbx_seq_align_beg_ins_code 
_struct_ref_seq.seq_align_end 
_struct_ref_seq.pdbx_seq_align_end_ins_code 
_struct_ref_seq.pdbx_db_accession 
_struct_ref_seq.db_align_beg 
_struct_ref_seq.pdbx_db_align_beg_ins_code 
_struct_ref_seq.db_align_end 
_struct_ref_seq.pdbx_db_align_end_ins_code 
_struct_ref_seq.pdbx_auth_seq_align_beg 
_struct_ref_seq.pdbx_auth_seq_align_end 
1 1 8IGC A 4 ? 164 ? Q16611 23  ? 183 ? 23  183 
2 2 8IGC B 1 ? 26  ? P0C671 244 ? 269 ? 244 269 
# 
loop_
_struct_ref_seq_dif.align_id 
_struct_ref_seq_dif.pdbx_pdb_id_code 
_struct_ref_seq_dif.mon_id 
_struct_ref_seq_dif.pdbx_pdb_strand_id 
_struct_ref_seq_dif.seq_num 
_struct_ref_seq_dif.pdbx_pdb_ins_code 
_struct_ref_seq_dif.pdbx_seq_db_name 
_struct_ref_seq_dif.pdbx_seq_db_accession_code 
_struct_ref_seq_dif.db_mon_id 
_struct_ref_seq_dif.pdbx_seq_db_seq_num 
_struct_ref_seq_dif.details 
_struct_ref_seq_dif.pdbx_auth_seq_num 
_struct_ref_seq_dif.pdbx_ordinal 
1 8IGC GLY A 1   ? UNP Q16611 ?   ?   'expression tag'      20  1 
1 8IGC SER A 2   ? UNP Q16611 ?   ?   'expression tag'      21  2 
1 8IGC MET A 3   ? UNP Q16611 ?   ?   'expression tag'      22  3 
1 8IGC SER A 147 ? UNP Q16611 CYS 166 'engineered mutation' 166 4 
# 
_pdbx_struct_assembly.id                   1 
_pdbx_struct_assembly.details              author_and_software_defined_assembly 
_pdbx_struct_assembly.method_details       PISA 
_pdbx_struct_assembly.oligomeric_details   dimeric 
_pdbx_struct_assembly.oligomeric_count     2 
# 
loop_
_pdbx_struct_assembly_prop.biol_id 
_pdbx_struct_assembly_prop.type 
_pdbx_struct_assembly_prop.value 
_pdbx_struct_assembly_prop.details 
1 'ABSA (A^2)' 2200 ? 
1 MORE         -23  ? 
1 'SSA (A^2)'  8440 ? 
# 
_pdbx_struct_assembly_gen.assembly_id       1 
_pdbx_struct_assembly_gen.oper_expression   1 
_pdbx_struct_assembly_gen.asym_id_list      A,B,C,D 
# 
_pdbx_struct_assembly_auth_evidence.id                     1 
_pdbx_struct_assembly_auth_evidence.assembly_id            1 
_pdbx_struct_assembly_auth_evidence.experimental_support   'isothermal titration calorimetry' 
_pdbx_struct_assembly_auth_evidence.details                ? 
# 
_pdbx_struct_oper_list.id                   1 
_pdbx_struct_oper_list.type                 'identity operation' 
_pdbx_struct_oper_list.name                 1_555 
_pdbx_struct_oper_list.symmetry_operation   x,y,z 
_pdbx_struct_oper_list.matrix[1][1]         1.0000000000 
_pdbx_struct_oper_list.matrix[1][2]         0.0000000000 
_pdbx_struct_oper_list.matrix[1][3]         0.0000000000 
_pdbx_struct_oper_list.vector[1]            0.0000000000 
_pdbx_struct_oper_list.matrix[2][1]         0.0000000000 
_pdbx_struct_oper_list.matrix[2][2]         1.0000000000 
_pdbx_struct_oper_list.matrix[2][3]         0.0000000000 
_pdbx_struct_oper_list.vector[2]            0.0000000000 
_pdbx_struct_oper_list.matrix[3][1]         0.0000000000 
_pdbx_struct_oper_list.matrix[3][2]         0.0000000000 
_pdbx_struct_oper_list.matrix[3][3]         1.0000000000 
_pdbx_struct_oper_list.vector[3]            0.0000000000 
# 
loop_
_struct_conf.conf_type_id 
_struct_conf.id 
_struct_conf.pdbx_PDB_helix_id 
_struct_conf.beg_label_comp_id 
_struct_conf.beg_label_asym_id 
_struct_conf.beg_label_seq_id 
_struct_conf.pdbx_beg_PDB_ins_code 
_struct_conf.end_label_comp_id 
_struct_conf.end_label_asym_id 
_struct_conf.end_label_seq_id 
_struct_conf.pdbx_end_PDB_ins_code 
_struct_conf.beg_auth_comp_id 
_struct_conf.beg_auth_asym_id 
_struct_conf.beg_auth_seq_id 
_struct_conf.end_auth_comp_id 
_struct_conf.end_auth_asym_id 
_struct_conf.end_auth_seq_id 
_struct_conf.pdbx_PDB_helix_class 
_struct_conf.details 
_struct_conf.pdbx_PDB_helix_length 
HELX_P HELX_P1 AA1 SER A 4   ? GLU A 27  ? SER A 23  GLU A 46  1 ? 24 
HELX_P HELX_P2 AA2 PRO A 39  ? LEU A 44  ? PRO A 58  LEU A 63  1 ? 6  
HELX_P HELX_P3 AA3 SER A 50  ? GLN A 82  ? SER A 69  GLN A 101 1 ? 33 
HELX_P HELX_P4 AA4 ASN A 87  ? PHE A 100 ? ASN A 106 PHE A 119 1 ? 14 
HELX_P HELX_P5 AA5 ASN A 105 ? GLY A 127 ? ASN A 124 GLY A 146 1 ? 23 
HELX_P HELX_P6 AA6 LEU A 132 ? HIS A 146 ? LEU A 151 HIS A 165 1 ? 15 
HELX_P HELX_P7 AA7 SER A 147 ? ARG A 155 ? SER A 166 ARG A 174 1 ? 9  
HELX_P HELX_P8 AA8 GLY A 156 ? ASN A 163 ? GLY A 175 ASN A 182 5 ? 8  
HELX_P HELX_P9 AA9 ALA B 2   ? SER B 23  ? ALA B 245 SER B 266 1 ? 22 
# 
_struct_conf_type.id          HELX_P 
_struct_conf_type.criteria    ? 
_struct_conf_type.reference   ? 
# 
_pdbx_validate_torsion.id              1 
_pdbx_validate_torsion.PDB_model_num   1 
_pdbx_validate_torsion.auth_comp_id    SER 
_pdbx_validate_torsion.auth_asym_id    A 
_pdbx_validate_torsion.auth_seq_id     166 
_pdbx_validate_torsion.PDB_ins_code    ? 
_pdbx_validate_torsion.label_alt_id    ? 
_pdbx_validate_torsion.phi             82.94 
_pdbx_validate_torsion.psi             17.69 
# 
loop_
_pdbx_unobs_or_zero_occ_residues.id 
_pdbx_unobs_or_zero_occ_residues.PDB_model_num 
_pdbx_unobs_or_zero_occ_residues.polymer_flag 
_pdbx_unobs_or_zero_occ_residues.occupancy_flag 
_pdbx_unobs_or_zero_occ_residues.auth_asym_id 
_pdbx_unobs_or_zero_occ_residues.auth_comp_id 
_pdbx_unobs_or_zero_occ_residues.auth_seq_id 
_pdbx_unobs_or_zero_occ_residues.PDB_ins_code 
_pdbx_unobs_or_zero_occ_residues.label_asym_id 
_pdbx_unobs_or_zero_occ_residues.label_comp_id 
_pdbx_unobs_or_zero_occ_residues.label_seq_id 
1  1 Y 1 A GLY 20  ? A GLY 1   
2  1 Y 1 A SER 21  ? A SER 2   
3  1 Y 1 A GLU 48  ? A GLU 29  
4  1 Y 1 A ALA 49  ? A ALA 30  
5  1 Y 1 A GLU 50  ? A GLU 31  
6  1 Y 1 A GLY 51  ? A GLY 32  
7  1 Y 1 A VAL 52  ? A VAL 33  
8  1 Y 1 A ALA 53  ? A ALA 34  
9  1 Y 1 A THR 148 ? A THR 129 
10 1 Y 1 A GLY 149 ? A GLY 130 
11 1 Y 1 B LEU 267 ? B LEU 24  
12 1 Y 1 B ALA 268 ? B ALA 25  
13 1 Y 1 B SER 269 ? B SER 26  
# 
loop_
_chem_comp_atom.comp_id 
_chem_comp_atom.atom_id 
_chem_comp_atom.type_symbol 
_chem_comp_atom.pdbx_aromatic_flag 
_chem_comp_atom.pdbx_stereo_config 
_chem_comp_atom.pdbx_ordinal 
ALA N    N N N 1   
ALA CA   C N S 2   
ALA C    C N N 3   
ALA O    O N N 4   
ALA CB   C N N 5   
ALA OXT  O N N 6   
ALA H    H N N 7   
ALA H2   H N N 8   
ALA HA   H N N 9   
ALA HB1  H N N 10  
ALA HB2  H N N 11  
ALA HB3  H N N 12  
ALA HXT  H N N 13  
ARG N    N N N 14  
ARG CA   C N S 15  
ARG C    C N N 16  
ARG O    O N N 17  
ARG CB   C N N 18  
ARG CG   C N N 19  
ARG CD   C N N 20  
ARG NE   N N N 21  
ARG CZ   C N N 22  
ARG NH1  N N N 23  
ARG NH2  N N N 24  
ARG OXT  O N N 25  
ARG H    H N N 26  
ARG H2   H N N 27  
ARG HA   H N N 28  
ARG HB2  H N N 29  
ARG HB3  H N N 30  
ARG HG2  H N N 31  
ARG HG3  H N N 32  
ARG HD2  H N N 33  
ARG HD3  H N N 34  
ARG HE   H N N 35  
ARG HH11 H N N 36  
ARG HH12 H N N 37  
ARG HH21 H N N 38  
ARG HH22 H N N 39  
ARG HXT  H N N 40  
ASN N    N N N 41  
ASN CA   C N S 42  
ASN C    C N N 43  
ASN O    O N N 44  
ASN CB   C N N 45  
ASN CG   C N N 46  
ASN OD1  O N N 47  
ASN ND2  N N N 48  
ASN OXT  O N N 49  
ASN H    H N N 50  
ASN H2   H N N 51  
ASN HA   H N N 52  
ASN HB2  H N N 53  
ASN HB3  H N N 54  
ASN HD21 H N N 55  
ASN HD22 H N N 56  
ASN HXT  H N N 57  
ASP N    N N N 58  
ASP CA   C N S 59  
ASP C    C N N 60  
ASP O    O N N 61  
ASP CB   C N N 62  
ASP CG   C N N 63  
ASP OD1  O N N 64  
ASP OD2  O N N 65  
ASP OXT  O N N 66  
ASP H    H N N 67  
ASP H2   H N N 68  
ASP HA   H N N 69  
ASP HB2  H N N 70  
ASP HB3  H N N 71  
ASP HD2  H N N 72  
ASP HXT  H N N 73  
CYS N    N N N 74  
CYS CA   C N R 75  
CYS C    C N N 76  
CYS O    O N N 77  
CYS CB   C N N 78  
CYS SG   S N N 79  
CYS OXT  O N N 80  
CYS H    H N N 81  
CYS H2   H N N 82  
CYS HA   H N N 83  
CYS HB2  H N N 84  
CYS HB3  H N N 85  
CYS HG   H N N 86  
CYS HXT  H N N 87  
GLN N    N N N 88  
GLN CA   C N S 89  
GLN C    C N N 90  
GLN O    O N N 91  
GLN CB   C N N 92  
GLN CG   C N N 93  
GLN CD   C N N 94  
GLN OE1  O N N 95  
GLN NE2  N N N 96  
GLN OXT  O N N 97  
GLN H    H N N 98  
GLN H2   H N N 99  
GLN HA   H N N 100 
GLN HB2  H N N 101 
GLN HB3  H N N 102 
GLN HG2  H N N 103 
GLN HG3  H N N 104 
GLN HE21 H N N 105 
GLN HE22 H N N 106 
GLN HXT  H N N 107 
GLU N    N N N 108 
GLU CA   C N S 109 
GLU C    C N N 110 
GLU O    O N N 111 
GLU CB   C N N 112 
GLU CG   C N N 113 
GLU CD   C N N 114 
GLU OE1  O N N 115 
GLU OE2  O N N 116 
GLU OXT  O N N 117 
GLU H    H N N 118 
GLU H2   H N N 119 
GLU HA   H N N 120 
GLU HB2  H N N 121 
GLU HB3  H N N 122 
GLU HG2  H N N 123 
GLU HG3  H N N 124 
GLU HE2  H N N 125 
GLU HXT  H N N 126 
GLY N    N N N 127 
GLY CA   C N N 128 
GLY C    C N N 129 
GLY O    O N N 130 
GLY OXT  O N N 131 
GLY H    H N N 132 
GLY H2   H N N 133 
GLY HA2  H N N 134 
GLY HA3  H N N 135 
GLY HXT  H N N 136 
HIS N    N N N 137 
HIS CA   C N S 138 
HIS C    C N N 139 
HIS O    O N N 140 
HIS CB   C N N 141 
HIS CG   C Y N 142 
HIS ND1  N Y N 143 
HIS CD2  C Y N 144 
HIS CE1  C Y N 145 
HIS NE2  N Y N 146 
HIS OXT  O N N 147 
HIS H    H N N 148 
HIS H2   H N N 149 
HIS HA   H N N 150 
HIS HB2  H N N 151 
HIS HB3  H N N 152 
HIS HD1  H N N 153 
HIS HD2  H N N 154 
HIS HE1  H N N 155 
HIS HE2  H N N 156 
HIS HXT  H N N 157 
HOH O    O N N 158 
HOH H1   H N N 159 
HOH H2   H N N 160 
ILE N    N N N 161 
ILE CA   C N S 162 
ILE C    C N N 163 
ILE O    O N N 164 
ILE CB   C N S 165 
ILE CG1  C N N 166 
ILE CG2  C N N 167 
ILE CD1  C N N 168 
ILE OXT  O N N 169 
ILE H    H N N 170 
ILE H2   H N N 171 
ILE HA   H N N 172 
ILE HB   H N N 173 
ILE HG12 H N N 174 
ILE HG13 H N N 175 
ILE HG21 H N N 176 
ILE HG22 H N N 177 
ILE HG23 H N N 178 
ILE HD11 H N N 179 
ILE HD12 H N N 180 
ILE HD13 H N N 181 
ILE HXT  H N N 182 
LEU N    N N N 183 
LEU CA   C N S 184 
LEU C    C N N 185 
LEU O    O N N 186 
LEU CB   C N N 187 
LEU CG   C N N 188 
LEU CD1  C N N 189 
LEU CD2  C N N 190 
LEU OXT  O N N 191 
LEU H    H N N 192 
LEU H2   H N N 193 
LEU HA   H N N 194 
LEU HB2  H N N 195 
LEU HB3  H N N 196 
LEU HG   H N N 197 
LEU HD11 H N N 198 
LEU HD12 H N N 199 
LEU HD13 H N N 200 
LEU HD21 H N N 201 
LEU HD22 H N N 202 
LEU HD23 H N N 203 
LEU HXT  H N N 204 
LYS N    N N N 205 
LYS CA   C N S 206 
LYS C    C N N 207 
LYS O    O N N 208 
LYS CB   C N N 209 
LYS CG   C N N 210 
LYS CD   C N N 211 
LYS CE   C N N 212 
LYS NZ   N N N 213 
LYS OXT  O N N 214 
LYS H    H N N 215 
LYS H2   H N N 216 
LYS HA   H N N 217 
LYS HB2  H N N 218 
LYS HB3  H N N 219 
LYS HG2  H N N 220 
LYS HG3  H N N 221 
LYS HD2  H N N 222 
LYS HD3  H N N 223 
LYS HE2  H N N 224 
LYS HE3  H N N 225 
LYS HZ1  H N N 226 
LYS HZ2  H N N 227 
LYS HZ3  H N N 228 
LYS HXT  H N N 229 
MET N    N N N 230 
MET CA   C N S 231 
MET C    C N N 232 
MET O    O N N 233 
MET CB   C N N 234 
MET CG   C N N 235 
MET SD   S N N 236 
MET CE   C N N 237 
MET OXT  O N N 238 
MET H    H N N 239 
MET H2   H N N 240 
MET HA   H N N 241 
MET HB2  H N N 242 
MET HB3  H N N 243 
MET HG2  H N N 244 
MET HG3  H N N 245 
MET HE1  H N N 246 
MET HE2  H N N 247 
MET HE3  H N N 248 
MET HXT  H N N 249 
PHE N    N N N 250 
PHE CA   C N S 251 
PHE C    C N N 252 
PHE O    O N N 253 
PHE CB   C N N 254 
PHE CG   C Y N 255 
PHE CD1  C Y N 256 
PHE CD2  C Y N 257 
PHE CE1  C Y N 258 
PHE CE2  C Y N 259 
PHE CZ   C Y N 260 
PHE OXT  O N N 261 
PHE H    H N N 262 
PHE H2   H N N 263 
PHE HA   H N N 264 
PHE HB2  H N N 265 
PHE HB3  H N N 266 
PHE HD1  H N N 267 
PHE HD2  H N N 268 
PHE HE1  H N N 269 
PHE HE2  H N N 270 
PHE HZ   H N N 271 
PHE HXT  H N N 272 
PRO N    N N N 273 
PRO CA   C N S 274 
PRO C    C N N 275 
PRO O    O N N 276 
PRO CB   C N N 277 
PRO CG   C N N 278 
PRO CD   C N N 279 
PRO OXT  O N N 280 
PRO H    H N N 281 
PRO HA   H N N 282 
PRO HB2  H N N 283 
PRO HB3  H N N 284 
PRO HG2  H N N 285 
PRO HG3  H N N 286 
PRO HD2  H N N 287 
PRO HD3  H N N 288 
PRO HXT  H N N 289 
SER N    N N N 290 
SER CA   C N S 291 
SER C    C N N 292 
SER O    O N N 293 
SER CB   C N N 294 
SER OG   O N N 295 
SER OXT  O N N 296 
SER H    H N N 297 
SER H2   H N N 298 
SER HA   H N N 299 
SER HB2  H N N 300 
SER HB3  H N N 301 
SER HG   H N N 302 
SER HXT  H N N 303 
THR N    N N N 304 
THR CA   C N S 305 
THR C    C N N 306 
THR O    O N N 307 
THR CB   C N R 308 
THR OG1  O N N 309 
THR CG2  C N N 310 
THR OXT  O N N 311 
THR H    H N N 312 
THR H2   H N N 313 
THR HA   H N N 314 
THR HB   H N N 315 
THR HG1  H N N 316 
THR HG21 H N N 317 
THR HG22 H N N 318 
THR HG23 H N N 319 
THR HXT  H N N 320 
TRP N    N N N 321 
TRP CA   C N S 322 
TRP C    C N N 323 
TRP O    O N N 324 
TRP CB   C N N 325 
TRP CG   C Y N 326 
TRP CD1  C Y N 327 
TRP CD2  C Y N 328 
TRP NE1  N Y N 329 
TRP CE2  C Y N 330 
TRP CE3  C Y N 331 
TRP CZ2  C Y N 332 
TRP CZ3  C Y N 333 
TRP CH2  C Y N 334 
TRP OXT  O N N 335 
TRP H    H N N 336 
TRP H2   H N N 337 
TRP HA   H N N 338 
TRP HB2  H N N 339 
TRP HB3  H N N 340 
TRP HD1  H N N 341 
TRP HE1  H N N 342 
TRP HE3  H N N 343 
TRP HZ2  H N N 344 
TRP HZ3  H N N 345 
TRP HH2  H N N 346 
TRP HXT  H N N 347 
TYR N    N N N 348 
TYR CA   C N S 349 
TYR C    C N N 350 
TYR O    O N N 351 
TYR CB   C N N 352 
TYR CG   C Y N 353 
TYR CD1  C Y N 354 
TYR CD2  C Y N 355 
TYR CE1  C Y N 356 
TYR CE2  C Y N 357 
TYR CZ   C Y N 358 
TYR OH   O N N 359 
TYR OXT  O N N 360 
TYR H    H N N 361 
TYR H2   H N N 362 
TYR HA   H N N 363 
TYR HB2  H N N 364 
TYR HB3  H N N 365 
TYR HD1  H N N 366 
TYR HD2  H N N 367 
TYR HE1  H N N 368 
TYR HE2  H N N 369 
TYR HH   H N N 370 
TYR HXT  H N N 371 
VAL N    N N N 372 
VAL CA   C N S 373 
VAL C    C N N 374 
VAL O    O N N 375 
VAL CB   C N N 376 
VAL CG1  C N N 377 
VAL CG2  C N N 378 
VAL OXT  O N N 379 
VAL H    H N N 380 
VAL H2   H N N 381 
VAL HA   H N N 382 
VAL HB   H N N 383 
VAL HG11 H N N 384 
VAL HG12 H N N 385 
VAL HG13 H N N 386 
VAL HG21 H N N 387 
VAL HG22 H N N 388 
VAL HG23 H N N 389 
VAL HXT  H N N 390 
# 
loop_
_chem_comp_bond.comp_id 
_chem_comp_bond.atom_id_1 
_chem_comp_bond.atom_id_2 
_chem_comp_bond.value_order 
_chem_comp_bond.pdbx_aromatic_flag 
_chem_comp_bond.pdbx_stereo_config 
_chem_comp_bond.pdbx_ordinal 
ALA N   CA   sing N N 1   
ALA N   H    sing N N 2   
ALA N   H2   sing N N 3   
ALA CA  C    sing N N 4   
ALA CA  CB   sing N N 5   
ALA CA  HA   sing N N 6   
ALA C   O    doub N N 7   
ALA C   OXT  sing N N 8   
ALA CB  HB1  sing N N 9   
ALA CB  HB2  sing N N 10  
ALA CB  HB3  sing N N 11  
ALA OXT HXT  sing N N 12  
ARG N   CA   sing N N 13  
ARG N   H    sing N N 14  
ARG N   H2   sing N N 15  
ARG CA  C    sing N N 16  
ARG CA  CB   sing N N 17  
ARG CA  HA   sing N N 18  
ARG C   O    doub N N 19  
ARG C   OXT  sing N N 20  
ARG CB  CG   sing N N 21  
ARG CB  HB2  sing N N 22  
ARG CB  HB3  sing N N 23  
ARG CG  CD   sing N N 24  
ARG CG  HG2  sing N N 25  
ARG CG  HG3  sing N N 26  
ARG CD  NE   sing N N 27  
ARG CD  HD2  sing N N 28  
ARG CD  HD3  sing N N 29  
ARG NE  CZ   sing N N 30  
ARG NE  HE   sing N N 31  
ARG CZ  NH1  sing N N 32  
ARG CZ  NH2  doub N N 33  
ARG NH1 HH11 sing N N 34  
ARG NH1 HH12 sing N N 35  
ARG NH2 HH21 sing N N 36  
ARG NH2 HH22 sing N N 37  
ARG OXT HXT  sing N N 38  
ASN N   CA   sing N N 39  
ASN N   H    sing N N 40  
ASN N   H2   sing N N 41  
ASN CA  C    sing N N 42  
ASN CA  CB   sing N N 43  
ASN CA  HA   sing N N 44  
ASN C   O    doub N N 45  
ASN C   OXT  sing N N 46  
ASN CB  CG   sing N N 47  
ASN CB  HB2  sing N N 48  
ASN CB  HB3  sing N N 49  
ASN CG  OD1  doub N N 50  
ASN CG  ND2  sing N N 51  
ASN ND2 HD21 sing N N 52  
ASN ND2 HD22 sing N N 53  
ASN OXT HXT  sing N N 54  
ASP N   CA   sing N N 55  
ASP N   H    sing N N 56  
ASP N   H2   sing N N 57  
ASP CA  C    sing N N 58  
ASP CA  CB   sing N N 59  
ASP CA  HA   sing N N 60  
ASP C   O    doub N N 61  
ASP C   OXT  sing N N 62  
ASP CB  CG   sing N N 63  
ASP CB  HB2  sing N N 64  
ASP CB  HB3  sing N N 65  
ASP CG  OD1  doub N N 66  
ASP CG  OD2  sing N N 67  
ASP OD2 HD2  sing N N 68  
ASP OXT HXT  sing N N 69  
CYS N   CA   sing N N 70  
CYS N   H    sing N N 71  
CYS N   H2   sing N N 72  
CYS CA  C    sing N N 73  
CYS CA  CB   sing N N 74  
CYS CA  HA   sing N N 75  
CYS C   O    doub N N 76  
CYS C   OXT  sing N N 77  
CYS CB  SG   sing N N 78  
CYS CB  HB2  sing N N 79  
CYS CB  HB3  sing N N 80  
CYS SG  HG   sing N N 81  
CYS OXT HXT  sing N N 82  
GLN N   CA   sing N N 83  
GLN N   H    sing N N 84  
GLN N   H2   sing N N 85  
GLN CA  C    sing N N 86  
GLN CA  CB   sing N N 87  
GLN CA  HA   sing N N 88  
GLN C   O    doub N N 89  
GLN C   OXT  sing N N 90  
GLN CB  CG   sing N N 91  
GLN CB  HB2  sing N N 92  
GLN CB  HB3  sing N N 93  
GLN CG  CD   sing N N 94  
GLN CG  HG2  sing N N 95  
GLN CG  HG3  sing N N 96  
GLN CD  OE1  doub N N 97  
GLN CD  NE2  sing N N 98  
GLN NE2 HE21 sing N N 99  
GLN NE2 HE22 sing N N 100 
GLN OXT HXT  sing N N 101 
GLU N   CA   sing N N 102 
GLU N   H    sing N N 103 
GLU N   H2   sing N N 104 
GLU CA  C    sing N N 105 
GLU CA  CB   sing N N 106 
GLU CA  HA   sing N N 107 
GLU C   O    doub N N 108 
GLU C   OXT  sing N N 109 
GLU CB  CG   sing N N 110 
GLU CB  HB2  sing N N 111 
GLU CB  HB3  sing N N 112 
GLU CG  CD   sing N N 113 
GLU CG  HG2  sing N N 114 
GLU CG  HG3  sing N N 115 
GLU CD  OE1  doub N N 116 
GLU CD  OE2  sing N N 117 
GLU OE2 HE2  sing N N 118 
GLU OXT HXT  sing N N 119 
GLY N   CA   sing N N 120 
GLY N   H    sing N N 121 
GLY N   H2   sing N N 122 
GLY CA  C    sing N N 123 
GLY CA  HA2  sing N N 124 
GLY CA  HA3  sing N N 125 
GLY C   O    doub N N 126 
GLY C   OXT  sing N N 127 
GLY OXT HXT  sing N N 128 
HIS N   CA   sing N N 129 
HIS N   H    sing N N 130 
HIS N   H2   sing N N 131 
HIS CA  C    sing N N 132 
HIS CA  CB   sing N N 133 
HIS CA  HA   sing N N 134 
HIS C   O    doub N N 135 
HIS C   OXT  sing N N 136 
HIS CB  CG   sing N N 137 
HIS CB  HB2  sing N N 138 
HIS CB  HB3  sing N N 139 
HIS CG  ND1  sing Y N 140 
HIS CG  CD2  doub Y N 141 
HIS ND1 CE1  doub Y N 142 
HIS ND1 HD1  sing N N 143 
HIS CD2 NE2  sing Y N 144 
HIS CD2 HD2  sing N N 145 
HIS CE1 NE2  sing Y N 146 
HIS CE1 HE1  sing N N 147 
HIS NE2 HE2  sing N N 148 
HIS OXT HXT  sing N N 149 
HOH O   H1   sing N N 150 
HOH O   H2   sing N N 151 
ILE N   CA   sing N N 152 
ILE N   H    sing N N 153 
ILE N   H2   sing N N 154 
ILE CA  C    sing N N 155 
ILE CA  CB   sing N N 156 
ILE CA  HA   sing N N 157 
ILE C   O    doub N N 158 
ILE C   OXT  sing N N 159 
ILE CB  CG1  sing N N 160 
ILE CB  CG2  sing N N 161 
ILE CB  HB   sing N N 162 
ILE CG1 CD1  sing N N 163 
ILE CG1 HG12 sing N N 164 
ILE CG1 HG13 sing N N 165 
ILE CG2 HG21 sing N N 166 
ILE CG2 HG22 sing N N 167 
ILE CG2 HG23 sing N N 168 
ILE CD1 HD11 sing N N 169 
ILE CD1 HD12 sing N N 170 
ILE CD1 HD13 sing N N 171 
ILE OXT HXT  sing N N 172 
LEU N   CA   sing N N 173 
LEU N   H    sing N N 174 
LEU N   H2   sing N N 175 
LEU CA  C    sing N N 176 
LEU CA  CB   sing N N 177 
LEU CA  HA   sing N N 178 
LEU C   O    doub N N 179 
LEU C   OXT  sing N N 180 
LEU CB  CG   sing N N 181 
LEU CB  HB2  sing N N 182 
LEU CB  HB3  sing N N 183 
LEU CG  CD1  sing N N 184 
LEU CG  CD2  sing N N 185 
LEU CG  HG   sing N N 186 
LEU CD1 HD11 sing N N 187 
LEU CD1 HD12 sing N N 188 
LEU CD1 HD13 sing N N 189 
LEU CD2 HD21 sing N N 190 
LEU CD2 HD22 sing N N 191 
LEU CD2 HD23 sing N N 192 
LEU OXT HXT  sing N N 193 
LYS N   CA   sing N N 194 
LYS N   H    sing N N 195 
LYS N   H2   sing N N 196 
LYS CA  C    sing N N 197 
LYS CA  CB   sing N N 198 
LYS CA  HA   sing N N 199 
LYS C   O    doub N N 200 
LYS C   OXT  sing N N 201 
LYS CB  CG   sing N N 202 
LYS CB  HB2  sing N N 203 
LYS CB  HB3  sing N N 204 
LYS CG  CD   sing N N 205 
LYS CG  HG2  sing N N 206 
LYS CG  HG3  sing N N 207 
LYS CD  CE   sing N N 208 
LYS CD  HD2  sing N N 209 
LYS CD  HD3  sing N N 210 
LYS CE  NZ   sing N N 211 
LYS CE  HE2  sing N N 212 
LYS CE  HE3  sing N N 213 
LYS NZ  HZ1  sing N N 214 
LYS NZ  HZ2  sing N N 215 
LYS NZ  HZ3  sing N N 216 
LYS OXT HXT  sing N N 217 
MET N   CA   sing N N 218 
MET N   H    sing N N 219 
MET N   H2   sing N N 220 
MET CA  C    sing N N 221 
MET CA  CB   sing N N 222 
MET CA  HA   sing N N 223 
MET C   O    doub N N 224 
MET C   OXT  sing N N 225 
MET CB  CG   sing N N 226 
MET CB  HB2  sing N N 227 
MET CB  HB3  sing N N 228 
MET CG  SD   sing N N 229 
MET CG  HG2  sing N N 230 
MET CG  HG3  sing N N 231 
MET SD  CE   sing N N 232 
MET CE  HE1  sing N N 233 
MET CE  HE2  sing N N 234 
MET CE  HE3  sing N N 235 
MET OXT HXT  sing N N 236 
PHE N   CA   sing N N 237 
PHE N   H    sing N N 238 
PHE N   H2   sing N N 239 
PHE CA  C    sing N N 240 
PHE CA  CB   sing N N 241 
PHE CA  HA   sing N N 242 
PHE C   O    doub N N 243 
PHE C   OXT  sing N N 244 
PHE CB  CG   sing N N 245 
PHE CB  HB2  sing N N 246 
PHE CB  HB3  sing N N 247 
PHE CG  CD1  doub Y N 248 
PHE CG  CD2  sing Y N 249 
PHE CD1 CE1  sing Y N 250 
PHE CD1 HD1  sing N N 251 
PHE CD2 CE2  doub Y N 252 
PHE CD2 HD2  sing N N 253 
PHE CE1 CZ   doub Y N 254 
PHE CE1 HE1  sing N N 255 
PHE CE2 CZ   sing Y N 256 
PHE CE2 HE2  sing N N 257 
PHE CZ  HZ   sing N N 258 
PHE OXT HXT  sing N N 259 
PRO N   CA   sing N N 260 
PRO N   CD   sing N N 261 
PRO N   H    sing N N 262 
PRO CA  C    sing N N 263 
PRO CA  CB   sing N N 264 
PRO CA  HA   sing N N 265 
PRO C   O    doub N N 266 
PRO C   OXT  sing N N 267 
PRO CB  CG   sing N N 268 
PRO CB  HB2  sing N N 269 
PRO CB  HB3  sing N N 270 
PRO CG  CD   sing N N 271 
PRO CG  HG2  sing N N 272 
PRO CG  HG3  sing N N 273 
PRO CD  HD2  sing N N 274 
PRO CD  HD3  sing N N 275 
PRO OXT HXT  sing N N 276 
SER N   CA   sing N N 277 
SER N   H    sing N N 278 
SER N   H2   sing N N 279 
SER CA  C    sing N N 280 
SER CA  CB   sing N N 281 
SER CA  HA   sing N N 282 
SER C   O    doub N N 283 
SER C   OXT  sing N N 284 
SER CB  OG   sing N N 285 
SER CB  HB2  sing N N 286 
SER CB  HB3  sing N N 287 
SER OG  HG   sing N N 288 
SER OXT HXT  sing N N 289 
THR N   CA   sing N N 290 
THR N   H    sing N N 291 
THR N   H2   sing N N 292 
THR CA  C    sing N N 293 
THR CA  CB   sing N N 294 
THR CA  HA   sing N N 295 
THR C   O    doub N N 296 
THR C   OXT  sing N N 297 
THR CB  OG1  sing N N 298 
THR CB  CG2  sing N N 299 
THR CB  HB   sing N N 300 
THR OG1 HG1  sing N N 301 
THR CG2 HG21 sing N N 302 
THR CG2 HG22 sing N N 303 
THR CG2 HG23 sing N N 304 
THR OXT HXT  sing N N 305 
TRP N   CA   sing N N 306 
TRP N   H    sing N N 307 
TRP N   H2   sing N N 308 
TRP CA  C    sing N N 309 
TRP CA  CB   sing N N 310 
TRP CA  HA   sing N N 311 
TRP C   O    doub N N 312 
TRP C   OXT  sing N N 313 
TRP CB  CG   sing N N 314 
TRP CB  HB2  sing N N 315 
TRP CB  HB3  sing N N 316 
TRP CG  CD1  doub Y N 317 
TRP CG  CD2  sing Y N 318 
TRP CD1 NE1  sing Y N 319 
TRP CD1 HD1  sing N N 320 
TRP CD2 CE2  doub Y N 321 
TRP CD2 CE3  sing Y N 322 
TRP NE1 CE2  sing Y N 323 
TRP NE1 HE1  sing N N 324 
TRP CE2 CZ2  sing Y N 325 
TRP CE3 CZ3  doub Y N 326 
TRP CE3 HE3  sing N N 327 
TRP CZ2 CH2  doub Y N 328 
TRP CZ2 HZ2  sing N N 329 
TRP CZ3 CH2  sing Y N 330 
TRP CZ3 HZ3  sing N N 331 
TRP CH2 HH2  sing N N 332 
TRP OXT HXT  sing N N 333 
TYR N   CA   sing N N 334 
TYR N   H    sing N N 335 
TYR N   H2   sing N N 336 
TYR CA  C    sing N N 337 
TYR CA  CB   sing N N 338 
TYR CA  HA   sing N N 339 
TYR C   O    doub N N 340 
TYR C   OXT  sing N N 341 
TYR CB  CG   sing N N 342 
TYR CB  HB2  sing N N 343 
TYR CB  HB3  sing N N 344 
TYR CG  CD1  doub Y N 345 
TYR CG  CD2  sing Y N 346 
TYR CD1 CE1  sing Y N 347 
TYR CD1 HD1  sing N N 348 
TYR CD2 CE2  doub Y N 349 
TYR CD2 HD2  sing N N 350 
TYR CE1 CZ   doub Y N 351 
TYR CE1 HE1  sing N N 352 
TYR CE2 CZ   sing Y N 353 
TYR CE2 HE2  sing N N 354 
TYR CZ  OH   sing N N 355 
TYR OH  HH   sing N N 356 
TYR OXT HXT  sing N N 357 
VAL N   CA   sing N N 358 
VAL N   H    sing N N 359 
VAL N   H2   sing N N 360 
VAL CA  C    sing N N 361 
VAL CA  CB   sing N N 362 
VAL CA  HA   sing N N 363 
VAL C   O    doub N N 364 
VAL C   OXT  sing N N 365 
VAL CB  CG1  sing N N 366 
VAL CB  CG2  sing N N 367 
VAL CB  HB   sing N N 368 
VAL CG1 HG11 sing N N 369 
VAL CG1 HG12 sing N N 370 
VAL CG1 HG13 sing N N 371 
VAL CG2 HG21 sing N N 372 
VAL CG2 HG22 sing N N 373 
VAL CG2 HG23 sing N N 374 
VAL OXT HXT  sing N N 375 
# 
loop_
_pdbx_audit_support.funding_organization 
_pdbx_audit_support.country 
_pdbx_audit_support.grant_number 
_pdbx_audit_support.ordinal 
'National Research Foundation (NRF, Korea)' 'Korea, Republic Of' 2019M3E5D6063955 1 
'National Research Foundation (NRF, Korea)' 'Korea, Republic Of' KGM9952214       2 
# 
_pdbx_initial_refinement_model.id               1 
_pdbx_initial_refinement_model.entity_id_list   ? 
_pdbx_initial_refinement_model.type             'experimental model' 
_pdbx_initial_refinement_model.source_name      PDB 
_pdbx_initial_refinement_model.accession_code   8GSV 
_pdbx_initial_refinement_model.details          ? 
# 
_atom_sites.entry_id                    8IGC 
_atom_sites.Cartn_transf_matrix[1][1]   ? 
_atom_sites.Cartn_transf_matrix[1][2]   ? 
_atom_sites.Cartn_transf_matrix[1][3]   ? 
_atom_sites.Cartn_transf_matrix[2][1]   ? 
_atom_sites.Cartn_transf_matrix[2][2]   ? 
_atom_sites.Cartn_transf_matrix[2][3]   ? 
_atom_sites.Cartn_transf_matrix[3][1]   ? 
_atom_sites.Cartn_transf_matrix[3][2]   ? 
_atom_sites.Cartn_transf_matrix[3][3]   ? 
_atom_sites.Cartn_transf_vector[1]      ? 
_atom_sites.Cartn_transf_vector[2]      ? 
_atom_sites.Cartn_transf_vector[3]      ? 
_atom_sites.fract_transf_matrix[1][1]   -0.00369175 
_atom_sites.fract_transf_matrix[1][2]   0.00156318 
_atom_sites.fract_transf_matrix[1][3]   0.01053175 
_atom_sites.fract_transf_matrix[2][1]   0.00052558 
_atom_sites.fract_transf_matrix[2][2]   -0.00779105 
_atom_sites.fract_transf_matrix[2][3]   0.00134063 
_atom_sites.fract_transf_matrix[3][1]   0.02255836 
_atom_sites.fract_transf_matrix[3][2]   0.00281066 
_atom_sites.fract_transf_matrix[3][3]   0.00749032 
_atom_sites.fract_transf_vector[1]      -0.331453 
_atom_sites.fract_transf_vector[2]      -0.146517 
_atom_sites.fract_transf_vector[3]      -0.180654 
_atom_sites.solution_primary            ? 
_atom_sites.solution_secondary          ? 
_atom_sites.solution_hydrogens          ? 
_atom_sites.special_details             ? 
# 
loop_
_atom_type.symbol 
C 
N 
O 
S 
# 
loop_
_atom_site.group_PDB 
_atom_site.id 
_atom_site.type_symbol 
_atom_site.label_atom_id 
_atom_site.label_alt_id 
_atom_site.label_comp_id 
_atom_site.label_asym_id 
_atom_site.label_entity_id 
_atom_site.label_seq_id 
_atom_site.pdbx_PDB_ins_code 
_atom_site.Cartn_x 
_atom_site.Cartn_y 
_atom_site.Cartn_z 
_atom_site.occupancy 
_atom_site.B_iso_or_equiv 
_atom_site.pdbx_formal_charge 
_atom_site.auth_seq_id 
_atom_site.auth_comp_id 
_atom_site.auth_asym_id 
_atom_site.auth_atom_id 
_atom_site.pdbx_PDB_model_num 
ATOM   1    N N   . MET A 1 3   ? -17.942 8.747   -10.791 1.00 41.62 ?  22  MET A N   1 
ATOM   2    C CA  . MET A 1 3   ? -16.515 9.036   -10.715 1.00 32.98 ?  22  MET A CA  1 
ATOM   3    C C   . MET A 1 3   ? -15.691 8.142   -11.656 1.00 29.92 ?  22  MET A C   1 
ATOM   4    O O   . MET A 1 3   ? -15.924 6.939   -11.741 1.00 33.35 ?  22  MET A O   1 
ATOM   5    C CB  . MET A 1 3   ? -16.029 8.878   -9.280  1.00 41.04 ?  22  MET A CB  1 
ATOM   6    C CG  . MET A 1 3   ? -14.892 9.803   -8.921  1.00 42.62 ?  22  MET A CG  1 
ATOM   7    S SD  . MET A 1 3   ? -13.999 9.112   -7.516  1.00 54.37 ?  22  MET A SD  1 
ATOM   8    C CE  . MET A 1 3   ? -15.354 8.746   -6.429  1.00 40.68 ?  22  MET A CE  1 
ATOM   9    N N   . SER A 1 4   ? -14.718 8.727   -12.350 1.00 28.93 ?  23  SER A N   1 
ATOM   10   C CA  . SER A 1 4   ? -13.984 8.005   -13.381 1.00 26.89 ?  23  SER A CA  1 
ATOM   11   C C   . SER A 1 4   ? -12.801 7.237   -12.786 1.00 28.55 ?  23  SER A C   1 
ATOM   12   O O   . SER A 1 4   ? -12.323 7.539   -11.693 1.00 27.56 ?  23  SER A O   1 
ATOM   13   C CB  . SER A 1 4   ? -13.475 8.964   -14.454 1.00 30.32 ?  23  SER A CB  1 
ATOM   14   O OG  . SER A 1 4   ? -12.399 9.755   -13.979 1.00 32.37 ?  23  SER A OG  1 
ATOM   15   N N   . GLU A 1 5   ? -12.335 6.235   -13.537 1.00 28.29 ?  24  GLU A N   1 
ATOM   16   C CA  . GLU A 1 5   ? -11.126 5.500   -13.147 1.00 27.96 ?  24  GLU A CA  1 
ATOM   17   C C   . GLU A 1 5   ? -9.903  6.418   -13.096 1.00 29.26 ?  24  GLU A C   1 
ATOM   18   O O   . GLU A 1 5   ? -9.037  6.277   -12.217 1.00 28.17 ?  24  GLU A O   1 
ATOM   19   C CB  . GLU A 1 5   ? -10.880 4.362   -14.128 1.00 27.47 ?  24  GLU A CB  1 
ATOM   20   C CG  . GLU A 1 5   ? -11.717 3.144   -13.918 1.00 32.77 ?  24  GLU A CG  1 
ATOM   21   C CD  . GLU A 1 5   ? -12.064 2.494   -15.235 1.00 43.91 ?  24  GLU A CD  1 
ATOM   22   O OE1 . GLU A 1 5   ? -11.664 1.331   -15.443 1.00 47.08 ?  24  GLU A OE1 1 
ATOM   23   O OE2 . GLU A 1 5   ? -12.737 3.151   -16.060 1.00 50.36 ?  24  GLU A OE2 1 
ATOM   24   N N   . GLU A 1 6   ? -9.786  7.340   -14.056 1.00 29.57 ?  25  GLU A N   1 
ATOM   25   C CA  . GLU A 1 6   ? -8.659  8.267   -14.033 1.00 31.44 ?  25  GLU A CA  1 
ATOM   26   C C   . GLU A 1 6   ? -8.692  9.148   -12.788 1.00 28.61 ?  25  GLU A C   1 
ATOM   27   O O   . GLU A 1 6   ? -7.648  9.413   -12.189 1.00 27.28 ?  25  GLU A O   1 
ATOM   28   C CB  . GLU A 1 6   ? -8.637  9.126   -15.299 1.00 34.73 ?  25  GLU A CB  1 
ATOM   29   C CG  . GLU A 1 6   ? -7.518  10.184  -15.336 1.00 40.82 ?  25  GLU A CG  1 
ATOM   30   C CD  . GLU A 1 6   ? -6.098  9.619   -15.145 1.00 46.03 ?  25  GLU A CD  1 
ATOM   31   O OE1 . GLU A 1 6   ? -5.868  8.408   -15.378 1.00 43.54 ?  25  GLU A OE1 1 
ATOM   32   O OE2 . GLU A 1 6   ? -5.202  10.409  -14.767 1.00 47.28 ?  25  GLU A OE2 1 
ATOM   33   N N   . GLN A 1 7   ? -9.880  9.585   -12.366 1.00 25.93 ?  26  GLN A N   1 
ATOM   34   C CA  . GLN A 1 7   ? -9.977  10.347  -11.123 1.00 28.34 ?  26  GLN A CA  1 
ATOM   35   C C   . GLN A 1 7   ? -9.544  9.511   -9.923  1.00 25.42 ?  26  GLN A C   1 
ATOM   36   O O   . GLN A 1 7   ? -8.858  10.012  -9.022  1.00 24.77 ?  26  GLN A O   1 
ATOM   37   C CB  . GLN A 1 7   ? -11.402 10.859  -10.910 1.00 26.54 ?  26  GLN A CB  1 
ATOM   38   C CG  . GLN A 1 7   ? -11.543 11.766  -9.683  1.00 33.51 ?  26  GLN A CG  1 
ATOM   39   C CD  . GLN A 1 7   ? -10.676 13.016  -9.767  1.00 39.32 ?  26  GLN A CD  1 
ATOM   40   O OE1 . GLN A 1 7   ? -10.818 13.825  -10.688 1.00 38.74 ?  26  GLN A OE1 1 
ATOM   41   N NE2 . GLN A 1 7   ? -9.776  13.184  -8.798  1.00 35.41 ?  26  GLN A NE2 1 
ATOM   42   N N   . VAL A 1 8   ? -9.957  8.244   -9.877  1.00 25.59 ?  27  VAL A N   1 
ATOM   43   C CA  . VAL A 1 8   ? -9.520  7.390   -8.778  1.00 21.74 ?  27  VAL A CA  1 
ATOM   44   C C   . VAL A 1 8   ? -8.004  7.247   -8.802  1.00 23.84 ?  27  VAL A C   1 
ATOM   45   O O   . VAL A 1 8   ? -7.348  7.246   -7.754  1.00 23.58 ?  27  VAL A O   1 
ATOM   46   C CB  . VAL A 1 8   ? -10.227 6.025   -8.838  1.00 23.87 ?  27  VAL A CB  1 
ATOM   47   C CG1 . VAL A 1 8   ? -9.571  5.031   -7.845  1.00 21.57 ?  27  VAL A CG1 1 
ATOM   48   C CG2 . VAL A 1 8   ? -11.706 6.205   -8.515  1.00 25.27 ?  27  VAL A CG2 1 
ATOM   49   N N   . ALA A 1 9   ? -7.422  7.144   -9.998  1.00 22.70 ?  28  ALA A N   1 
ATOM   50   C CA  . ALA A 1 9   ? -5.969  6.996   -10.097 1.00 23.87 ?  28  ALA A CA  1 
ATOM   51   C C   . ALA A 1 9   ? -5.250  8.219   -9.543  1.00 24.97 ?  28  ALA A C   1 
ATOM   52   O O   . ALA A 1 9   ? -4.251  8.089   -8.822  1.00 23.85 ?  28  ALA A O   1 
ATOM   53   C CB  . ALA A 1 9   ? -5.575  6.739   -11.552 1.00 25.62 ?  28  ALA A CB  1 
ATOM   54   N N   . GLN A 1 10  ? -5.765  9.417   -9.847  1.00 24.81 ?  29  GLN A N   1 
ATOM   55   C CA  . GLN A 1 10  ? -5.195  10.640  -9.295  1.00 24.47 ?  29  GLN A CA  1 
ATOM   56   C C   . GLN A 1 10  ? -5.358  10.690  -7.784  1.00 24.45 ?  29  GLN A C   1 
ATOM   57   O O   . GLN A 1 10  ? -4.430  11.075  -7.062  1.00 29.24 ?  29  GLN A O   1 
ATOM   58   C CB  . GLN A 1 10  ? -5.833  11.860  -9.972  1.00 28.68 ?  29  GLN A CB  1 
ATOM   59   C CG  . GLN A 1 10  ? -5.485  11.905  -11.465 1.00 35.02 ?  29  GLN A CG  1 
ATOM   60   C CD  . GLN A 1 10  ? -6.310  12.897  -12.255 1.00 45.66 ?  29  GLN A CD  1 
ATOM   61   O OE1 . GLN A 1 10  ? -7.018  13.748  -11.694 1.00 45.98 ?  29  GLN A OE1 1 
ATOM   62   N NE2 . GLN A 1 10  ? -6.231  12.779  -13.571 1.00 46.65 ?  29  GLN A NE2 1 
ATOM   63   N N   . ASP A 1 11  ? -6.539  10.314  -7.282  1.00 23.61 ?  30  ASP A N   1 
ATOM   64   C CA  . ASP A 1 11  ? -6.756  10.218  -5.841  1.00 21.84 ?  30  ASP A CA  1 
ATOM   65   C C   . ASP A 1 11  ? -5.801  9.212   -5.203  1.00 22.19 ?  30  ASP A C   1 
ATOM   66   O O   . ASP A 1 11  ? -5.334  9.415   -4.079  1.00 21.19 ?  30  ASP A O   1 
ATOM   67   C CB  . ASP A 1 11  ? -8.199  9.798   -5.541  1.00 21.43 ?  30  ASP A CB  1 
ATOM   68   C CG  . ASP A 1 11  ? -9.231  10.856  -5.926  1.00 27.41 ?  30  ASP A CG  1 
ATOM   69   O OD1 . ASP A 1 11  ? -8.865  12.001  -6.251  1.00 27.94 ?  30  ASP A OD1 1 
ATOM   70   O OD2 . ASP A 1 11  ? -10.434 10.531  -5.855  1.00 28.91 ?  30  ASP A OD2 1 
ATOM   71   N N   . THR A 1 12  ? -5.555  8.086   -5.884  1.00 19.33 ?  31  THR A N   1 
ATOM   72   C CA  . THR A 1 12  ? -4.681  7.052   -5.323  1.00 19.24 ?  31  THR A CA  1 
ATOM   73   C C   . THR A 1 12  ? -3.278  7.584   -5.084  1.00 20.37 ?  31  THR A C   1 
ATOM   74   O O   . THR A 1 12  ? -2.647  7.260   -4.063  1.00 19.99 ?  31  THR A O   1 
ATOM   75   C CB  . THR A 1 12  ? -4.636  5.852   -6.259  1.00 19.04 ?  31  THR A CB  1 
ATOM   76   O OG1 . THR A 1 12  ? -5.971  5.366   -6.455  1.00 20.00 ?  31  THR A OG1 1 
ATOM   77   C CG2 . THR A 1 12  ? -3.773  4.723   -5.659  1.00 21.20 ?  31  THR A CG2 1 
ATOM   78   N N   . GLU A 1 13  ? -2.753  8.374   -6.018  1.00 19.98 ?  32  GLU A N   1 
ATOM   79   C CA  . GLU A 1 13  ? -1.421  8.937   -5.804  1.00 21.59 ?  32  GLU A CA  1 
ATOM   80   C C   . GLU A 1 13  ? -1.390  9.784   -4.538  1.00 20.90 ?  32  GLU A C   1 
ATOM   81   O O   . GLU A 1 13  ? -0.440  9.695   -3.747  1.00 22.73 ?  32  GLU A O   1 
ATOM   82   C CB  . GLU A 1 13  ? -0.987  9.760   -7.012  1.00 26.05 ?  32  GLU A CB  1 
ATOM   83   C CG  . GLU A 1 13  ? 0.323   10.479  -6.747  1.00 31.83 ?  32  GLU A CG  1 
ATOM   84   C CD  . GLU A 1 13  ? 1.051   10.886  -8.009  1.00 38.92 ?  32  GLU A CD  1 
ATOM   85   O OE1 . GLU A 1 13  ? 0.459   10.775  -9.104  1.00 46.47 ?  32  GLU A OE1 1 
ATOM   86   O OE2 . GLU A 1 13  ? 2.216   11.325  -7.900  1.00 36.63 ?  32  GLU A OE2 1 
ATOM   87   N N   . GLU A 1 14  ? -2.437  10.592  -4.317  1.00 20.92 ?  33  GLU A N   1 
ATOM   88   C CA  . GLU A 1 14  ? -2.491  11.455  -3.138  1.00 23.58 ?  33  GLU A CA  1 
ATOM   89   C C   . GLU A 1 14  ? -2.685  10.646  -1.865  1.00 23.35 ?  33  GLU A C   1 
ATOM   90   O O   . GLU A 1 14  ? -2.074  10.947  -0.832  1.00 21.90 ?  33  GLU A O   1 
ATOM   91   C CB  . GLU A 1 14  ? -3.617  12.486  -3.277  1.00 27.97 ?  33  GLU A CB  1 
ATOM   92   C CG  . GLU A 1 14  ? -3.527  13.401  -4.486  1.00 32.82 ?  33  GLU A CG  1 
ATOM   93   C CD  . GLU A 1 14  ? -4.624  14.461  -4.467  1.00 38.29 ?  33  GLU A CD  1 
ATOM   94   O OE1 . GLU A 1 14  ? -5.009  14.953  -5.549  1.00 43.97 ?  33  GLU A OE1 1 
ATOM   95   O OE2 . GLU A 1 14  ? -5.107  14.791  -3.363  1.00 37.83 ?  33  GLU A OE2 1 
ATOM   96   N N   . VAL A 1 15  ? -3.543  9.621   -1.915  1.00 18.65 ?  34  VAL A N   1 
ATOM   97   C CA  . VAL A 1 15  ? -3.763  8.773   -0.747  1.00 17.18 ?  34  VAL A CA  1 
ATOM   98   C C   . VAL A 1 15  ? -2.460  8.095   -0.351  1.00 18.98 ?  34  VAL A C   1 
ATOM   99   O O   . VAL A 1 15  ? -2.087  8.063   0.825   1.00 18.87 ?  34  VAL A O   1 
ATOM   100  C CB  . VAL A 1 15  ? -4.869  7.739   -1.027  1.00 19.15 ?  34  VAL A CB  1 
ATOM   101  C CG1 . VAL A 1 15  ? -4.927  6.706   0.079   1.00 19.70 ?  34  VAL A CG1 1 
ATOM   102  C CG2 . VAL A 1 15  ? -6.224  8.430   -1.145  1.00 18.04 ?  34  VAL A CG2 1 
ATOM   103  N N   . PHE A 1 16  ? -1.755  7.531   -1.337  1.00 18.64 ?  35  PHE A N   1 
ATOM   104  C CA  . PHE A 1 16  ? -0.530  6.791   -1.034  1.00 18.80 ?  35  PHE A CA  1 
ATOM   105  C C   . PHE A 1 16  ? 0.559   7.728   -0.527  1.00 20.73 ?  35  PHE A C   1 
ATOM   106  O O   . PHE A 1 16  ? 1.256   7.403   0.446   1.00 19.94 ?  35  PHE A O   1 
ATOM   107  C CB  . PHE A 1 16  ? -0.059  6.017   -2.271  1.00 20.57 ?  35  PHE A CB  1 
ATOM   108  C CG  . PHE A 1 16  ? 1.164   5.167   -2.015  1.00 17.88 ?  35  PHE A CG  1 
ATOM   109  C CD1 . PHE A 1 16  ? 1.076   4.033   -1.223  1.00 17.49 ?  35  PHE A CD1 1 
ATOM   110  C CD2 . PHE A 1 16  ? 2.403   5.539   -2.533  1.00 18.36 ?  35  PHE A CD2 1 
ATOM   111  C CE1 . PHE A 1 16  ? 2.202   3.249   -0.962  1.00 18.09 ?  35  PHE A CE1 1 
ATOM   112  C CE2 . PHE A 1 16  ? 3.554   4.745   -2.266  1.00 17.98 ?  35  PHE A CE2 1 
ATOM   113  C CZ  . PHE A 1 16  ? 3.430   3.606   -1.490  1.00 19.79 ?  35  PHE A CZ  1 
ATOM   114  N N   . ARG A 1 17  ? 0.709   8.897   -1.156  1.00 19.43 ?  36  ARG A N   1 
ATOM   115  C CA  . ARG A 1 17  ? 1.708   9.866   -0.686  1.00 20.97 ?  36  ARG A CA  1 
ATOM   116  C C   . ARG A 1 17  ? 1.488   10.199  0.781   1.00 24.34 ?  36  ARG A C   1 
ATOM   117  O O   . ARG A 1 17  ? 2.433   10.236  1.581   1.00 21.53 ?  36  ARG A O   1 
ATOM   118  C CB  . ARG A 1 17  ? 1.637   11.139  -1.524  1.00 22.43 ?  36  ARG A CB  1 
ATOM   119  C CG  . ARG A 1 17  ? 2.450   12.309  -0.939  1.00 23.28 ?  36  ARG A CG  1 
ATOM   120  C CD  . ARG A 1 17  ? 3.909   11.982  -1.036  1.00 23.79 ?  36  ARG A CD  1 
ATOM   121  N NE  . ARG A 1 17  ? 4.744   12.933  -0.285  1.00 21.79 ?  36  ARG A NE  1 
ATOM   122  C CZ  . ARG A 1 17  ? 5.289   12.669  0.897   1.00 23.04 ?  36  ARG A CZ  1 
ATOM   123  N NH1 . ARG A 1 17  ? 5.092   11.503  1.491   1.00 22.70 ?  36  ARG A NH1 1 
ATOM   124  N NH2 . ARG A 1 17  ? 6.057   13.589  1.487   1.00 22.07 ?  36  ARG A NH2 1 
ATOM   125  N N   . SER A 1 18  ? 0.242   10.476  1.148   1.00 19.30 ?  37  SER A N   1 
ATOM   126  C CA  . SER A 1 18  ? -0.049  10.857  2.523   1.00 19.71 ?  37  SER A CA  1 
ATOM   127  C C   . SER A 1 18  ? 0.076   9.663   3.460   1.00 22.89 ?  37  SER A C   1 
ATOM   128  O O   . SER A 1 18  ? 0.616   9.776   4.570   1.00 21.12 ?  37  SER A O   1 
ATOM   129  C CB  . SER A 1 18  ? -1.452  11.458  2.599   1.00 24.07 ?  37  SER A CB  1 
ATOM   130  O OG  . SER A 1 18  ? -1.707  11.943  3.900   1.00 31.62 ?  37  SER A OG  1 
ATOM   131  N N   . TYR A 1 19  ? -0.394  8.501   3.010   1.00 20.38 ?  38  TYR A N   1 
ATOM   132  C CA  . TYR A 1 19  ? -0.266  7.271   3.780   1.00 18.57 ?  38  TYR A CA  1 
ATOM   133  C C   . TYR A 1 19  ? 1.181   7.012   4.191   1.00 19.66 ?  38  TYR A C   1 
ATOM   134  O O   . TYR A 1 19  ? 1.454   6.712   5.357   1.00 20.50 ?  38  TYR A O   1 
ATOM   135  C CB  . TYR A 1 19  ? -0.813  6.107   2.957   1.00 19.31 ?  38  TYR A CB  1 
ATOM   136  C CG  . TYR A 1 19  ? -0.732  4.761   3.615   1.00 20.49 ?  38  TYR A CG  1 
ATOM   137  C CD1 . TYR A 1 19  ? -1.688  4.356   4.541   1.00 22.86 ?  38  TYR A CD1 1 
ATOM   138  C CD2 . TYR A 1 19  ? 0.279   3.868   3.274   1.00 20.06 ?  38  TYR A CD2 1 
ATOM   139  C CE1 . TYR A 1 19  ? -1.623  3.109   5.126   1.00 22.51 ?  38  TYR A CE1 1 
ATOM   140  C CE2 . TYR A 1 19  ? 0.352   2.625   3.857   1.00 20.14 ?  38  TYR A CE2 1 
ATOM   141  C CZ  . TYR A 1 19  ? -0.602  2.247   4.781   1.00 22.62 ?  38  TYR A CZ  1 
ATOM   142  O OH  . TYR A 1 19  ? -0.525  1.002   5.351   1.00 25.37 ?  38  TYR A OH  1 
ATOM   143  N N   . VAL A 1 20  ? 2.121   7.146   3.251   1.00 20.34 ?  39  VAL A N   1 
ATOM   144  C CA  . VAL A 1 20  ? 3.512   6.824   3.591   1.00 17.05 ?  39  VAL A CA  1 
ATOM   145  C C   . VAL A 1 20  ? 4.091   7.852   4.556   1.00 21.28 ?  39  VAL A C   1 
ATOM   146  O O   . VAL A 1 20  ? 4.918   7.506   5.413   1.00 21.58 ?  39  VAL A O   1 
ATOM   147  C CB  . VAL A 1 20  ? 4.401   6.671   2.336   1.00 23.01 ?  39  VAL A CB  1 
ATOM   148  C CG1 . VAL A 1 20  ? 3.841   5.595   1.405   1.00 18.50 ?  39  VAL A CG1 1 
ATOM   149  C CG2 . VAL A 1 20  ? 4.606   7.958   1.612   1.00 27.42 ?  39  VAL A CG2 1 
ATOM   150  N N   . PHE A 1 21  ? 3.691   9.122   4.434   1.00 19.37 ?  40  PHE A N   1 
ATOM   151  C CA  . PHE A 1 21  ? 4.133   10.120  5.401   1.00 23.24 ?  40  PHE A CA  1 
ATOM   152  C C   . PHE A 1 21  ? 3.696   9.739   6.806   1.00 23.60 ?  40  PHE A C   1 
ATOM   153  O O   . PHE A 1 21  ? 4.502   9.752   7.742   1.00 22.82 ?  40  PHE A O   1 
ATOM   154  C CB  . PHE A 1 21  ? 3.587   11.508  5.050   1.00 21.02 ?  40  PHE A CB  1 
ATOM   155  C CG  . PHE A 1 21  ? 3.955   12.563  6.068   1.00 21.56 ?  40  PHE A CG  1 
ATOM   156  C CD1 . PHE A 1 21  ? 5.220   13.116  6.071   1.00 25.94 ?  40  PHE A CD1 1 
ATOM   157  C CD2 . PHE A 1 21  ? 3.046   12.953  7.045   1.00 24.83 ?  40  PHE A CD2 1 
ATOM   158  C CE1 . PHE A 1 21  ? 5.573   14.090  7.009   1.00 26.95 ?  40  PHE A CE1 1 
ATOM   159  C CE2 . PHE A 1 21  ? 3.404   13.921  7.994   1.00 27.75 ?  40  PHE A CE2 1 
ATOM   160  C CZ  . PHE A 1 21  ? 4.667   14.474  7.964   1.00 28.52 ?  40  PHE A CZ  1 
ATOM   161  N N   . TYR A 1 22  ? 2.409   9.437   6.983   1.00 22.62 ?  41  TYR A N   1 
ATOM   162  C CA  . TYR A 1 22  ? 1.916   9.189   8.328   1.00 21.93 ?  41  TYR A CA  1 
ATOM   163  C C   . TYR A 1 22  ? 2.367   7.837   8.845   1.00 27.46 ?  41  TYR A C   1 
ATOM   164  O O   . TYR A 1 22  ? 2.627   7.702   10.044  1.00 29.18 ?  41  TYR A O   1 
ATOM   165  C CB  . TYR A 1 22  ? 0.397   9.354   8.382   1.00 23.50 ?  41  TYR A CB  1 
ATOM   166  C CG  . TYR A 1 22  ? 0.052   10.815  8.238   1.00 24.61 ?  41  TYR A CG  1 
ATOM   167  C CD1 . TYR A 1 22  ? 0.190   11.683  9.312   1.00 33.16 ?  41  TYR A CD1 1 
ATOM   168  C CD2 . TYR A 1 22  ? -0.356  11.341  7.011   1.00 25.97 ?  41  TYR A CD2 1 
ATOM   169  C CE1 . TYR A 1 22  ? -0.086  13.026  9.177   1.00 30.31 ?  41  TYR A CE1 1 
ATOM   170  C CE2 . TYR A 1 22  ? -0.633  12.682  6.869   1.00 30.50 ?  41  TYR A CE2 1 
ATOM   171  C CZ  . TYR A 1 22  ? -0.503  13.516  7.955   1.00 32.00 ?  41  TYR A CZ  1 
ATOM   172  O OH  . TYR A 1 22  ? -0.795  14.848  7.798   1.00 38.13 ?  41  TYR A OH  1 
ATOM   173  N N   . ARG A 1 23  ? 2.519   6.845   7.969   1.00 21.90 ?  42  ARG A N   1 
ATOM   174  C CA  . ARG A 1 23  ? 3.066   5.592   8.457   1.00 27.86 ?  42  ARG A CA  1 
ATOM   175  C C   . ARG A 1 23  ? 4.498   5.777   8.928   1.00 31.22 ?  42  ARG A C   1 
ATOM   176  O O   . ARG A 1 23  ? 4.838   5.356   10.037  1.00 34.46 ?  42  ARG A O   1 
ATOM   177  C CB  . ARG A 1 23  ? 2.962   4.517   7.378   1.00 29.63 ?  42  ARG A CB  1 
ATOM   178  C CG  . ARG A 1 23  ? 2.001   3.439   7.785   1.00 38.19 ?  42  ARG A CG  1 
ATOM   179  C CD  . ARG A 1 23  ? 2.141   2.212   6.947   1.00 34.11 ?  42  ARG A CD  1 
ATOM   180  N NE  . ARG A 1 23  ? 2.951   1.180   7.566   1.00 33.47 ?  42  ARG A NE  1 
ATOM   181  C CZ  . ARG A 1 23  ? 2.877   -0.090  7.201   1.00 33.74 ?  42  ARG A CZ  1 
ATOM   182  N NH1 . ARG A 1 23  ? 2.015   -0.432  6.245   1.00 30.26 ?  42  ARG A NH1 1 
ATOM   183  N NH2 . ARG A 1 23  ? 3.635   -1.012  7.780   1.00 36.44 ?  42  ARG A NH2 1 
ATOM   184  N N   . HIS A 1 24  ? 5.328   6.453   8.126   1.00 28.67 ?  43  HIS A N   1 
ATOM   185  C CA  . HIS A 1 24  ? 6.702   6.764   8.519   1.00 31.94 ?  43  HIS A CA  1 
ATOM   186  C C   . HIS A 1 24  ? 6.744   7.402   9.903   1.00 35.07 ?  43  HIS A C   1 
ATOM   187  O O   . HIS A 1 24  ? 7.520   6.983   10.776  1.00 32.38 ?  43  HIS A O   1 
ATOM   188  C CB  . HIS A 1 24  ? 7.321   7.691   7.469   1.00 32.55 ?  43  HIS A CB  1 
ATOM   189  C CG  . HIS A 1 24  ? 8.648   8.277   7.849   1.00 37.59 ?  43  HIS A CG  1 
ATOM   190  N ND1 . HIS A 1 24  ? 8.788   9.279   8.787   1.00 37.96 ?  43  HIS A ND1 1 
ATOM   191  C CD2 . HIS A 1 24  ? 9.893   8.035   7.377   1.00 42.03 ?  43  HIS A CD2 1 
ATOM   192  C CE1 . HIS A 1 24  ? 10.064  9.605   8.899   1.00 38.54 ?  43  HIS A CE1 1 
ATOM   193  N NE2 . HIS A 1 24  ? 10.756  8.867   8.051   1.00 44.79 ?  43  HIS A NE2 1 
ATOM   194  N N   . GLN A 1 25  ? 5.880   8.395   10.127  1.00 27.11 ?  44  GLN A N   1 
ATOM   195  C CA  . GLN A 1 25  ? 5.836   9.105   11.405  1.00 29.96 ?  44  GLN A CA  1 
ATOM   196  C C   . GLN A 1 25  ? 5.344   8.200   12.529  1.00 35.00 ?  44  GLN A C   1 
ATOM   197  O O   . GLN A 1 25  ? 5.852   8.259   13.657  1.00 35.83 ?  44  GLN A O   1 
ATOM   198  C CB  . GLN A 1 25  ? 4.922   10.322  11.273  1.00 33.09 ?  44  GLN A CB  1 
ATOM   199  C CG  . GLN A 1 25  ? 5.010   11.313  12.403  1.00 35.50 ?  44  GLN A CG  1 
ATOM   200  C CD  . GLN A 1 25  ? 4.027   12.461  12.235  1.00 37.34 ?  44  GLN A CD  1 
ATOM   201  O OE1 . GLN A 1 25  ? 3.013   12.333  11.550  1.00 37.62 ?  44  GLN A OE1 1 
ATOM   202  N NE2 . GLN A 1 25  ? 4.330   13.592  12.857  1.00 39.24 ?  44  GLN A NE2 1 
ATOM   203  N N   . GLN A 1 26  ? 4.337   7.375   12.242  1.00 35.58 ?  45  GLN A N   1 
ATOM   204  C CA  . GLN A 1 26  ? 3.770   6.487   13.246  1.00 40.23 ?  45  GLN A CA  1 
ATOM   205  C C   . GLN A 1 26  ? 4.796   5.492   13.755  1.00 38.98 ?  45  GLN A C   1 
ATOM   206  O O   . GLN A 1 26  ? 4.718   5.054   14.911  1.00 46.36 ?  45  GLN A O   1 
ATOM   207  C CB  . GLN A 1 26  ? 2.586   5.718   12.653  1.00 39.10 ?  45  GLN A CB  1 
ATOM   208  C CG  . GLN A 1 26  ? 1.206   6.201   13.065  1.00 48.34 ?  45  GLN A CG  1 
ATOM   209  C CD  . GLN A 1 26  ? 0.145   5.671   12.138  1.00 42.67 ?  45  GLN A CD  1 
ATOM   210  O OE1 . GLN A 1 26  ? 0.127   4.483   11.815  1.00 52.33 ?  45  GLN A OE1 1 
ATOM   211  N NE2 . GLN A 1 26  ? -0.741  6.550   11.692  1.00 45.48 ?  45  GLN A NE2 1 
ATOM   212  N N   . GLU A 1 27  ? 5.753   5.107   12.923  1.00 39.38 ?  46  GLU A N   1 
ATOM   213  C CA  . GLU A 1 27  ? 6.627   3.991   13.254  1.00 39.26 ?  46  GLU A CA  1 
ATOM   214  C C   . GLU A 1 27  ? 7.970   4.430   13.801  1.00 44.53 ?  46  GLU A C   1 
ATOM   215  O O   . GLU A 1 27  ? 8.884   3.603   13.912  1.00 45.26 ?  46  GLU A O   1 
ATOM   216  C CB  . GLU A 1 27  ? 6.838   3.150   11.987  1.00 39.48 ?  46  GLU A CB  1 
ATOM   217  C CG  . GLU A 1 27  ? 5.531   2.835   11.298  1.00 40.20 ?  46  GLU A CG  1 
ATOM   218  C CD  . GLU A 1 27  ? 5.620   1.686   10.324  1.00 41.58 ?  46  GLU A CD  1 
ATOM   219  O OE1 . GLU A 1 27  ? 4.567   1.110   10.040  1.00 43.94 ?  46  GLU A OE1 1 
ATOM   220  O OE2 . GLU A 1 27  ? 6.724   1.370   9.853   1.00 42.19 ?  46  GLU A OE2 1 
ATOM   221  N N   . GLN A 1 28  ? 8.125   5.700   14.139  1.00 41.93 ?  47  GLN A N   1 
ATOM   222  C CA  . GLN A 1 28  ? 9.436   6.189   14.554  1.00 41.87 ?  47  GLN A CA  1 
ATOM   223  C C   . GLN A 1 28  ? 9.912   5.531   15.853  1.00 47.14 ?  47  GLN A C   1 
ATOM   224  O O   . GLN A 1 28  ? 10.943  4.847   15.874  1.00 50.49 ?  47  GLN A O   1 
ATOM   225  C CB  . GLN A 1 28  ? 9.413   7.708   14.701  1.00 41.29 ?  47  GLN A CB  1 
ATOM   226  C CG  . GLN A 1 28  ? 9.179   8.424   13.375  1.00 42.45 ?  47  GLN A CG  1 
ATOM   227  N N   . ALA A 1 35  ? 16.217  2.030   12.807  1.00 49.70 ?  54  ALA A N   1 
ATOM   228  C CA  . ALA A 1 35  ? 16.090  1.739   11.383  1.00 48.01 ?  54  ALA A CA  1 
ATOM   229  C C   . ALA A 1 35  ? 16.114  3.028   10.577  1.00 46.77 ?  54  ALA A C   1 
ATOM   230  O O   . ALA A 1 35  ? 15.583  4.050   11.016  1.00 52.23 ?  54  ALA A O   1 
ATOM   231  C CB  . ALA A 1 35  ? 14.810  0.952   11.113  1.00 46.06 ?  54  ALA A CB  1 
ATOM   232  N N   . PRO A 1 36  ? 16.746  2.999   9.400   1.00 42.89 ?  55  PRO A N   1 
ATOM   233  C CA  . PRO A 1 36  ? 16.766  4.188   8.537   1.00 41.16 ?  55  PRO A CA  1 
ATOM   234  C C   . PRO A 1 36  ? 15.500  4.256   7.694   1.00 38.31 ?  55  PRO A C   1 
ATOM   235  O O   . PRO A 1 36  ? 15.180  3.326   6.952   1.00 38.87 ?  55  PRO A O   1 
ATOM   236  C CB  . PRO A 1 36  ? 18.010  3.973   7.665   1.00 39.16 ?  55  PRO A CB  1 
ATOM   237  C CG  . PRO A 1 36  ? 18.490  2.553   7.951   1.00 38.70 ?  55  PRO A CG  1 
ATOM   238  C CD  . PRO A 1 36  ? 17.463  1.868   8.787   1.00 41.76 ?  55  PRO A CD  1 
ATOM   239  N N   . ALA A 1 37  ? 14.782  5.358   7.800   1.00 42.90 ?  56  ALA A N   1 
ATOM   240  C CA  . ALA A 1 37  ? 13.620  5.553   6.952   1.00 38.08 ?  56  ALA A CA  1 
ATOM   241  C C   . ALA A 1 37  ? 13.970  6.507   5.816   1.00 35.28 ?  56  ALA A C   1 
ATOM   242  O O   . ALA A 1 37  ? 14.927  7.281   5.888   1.00 34.27 ?  56  ALA A O   1 
ATOM   243  C CB  . ALA A 1 37  ? 12.437  6.068   7.766   1.00 44.58 ?  56  ALA A CB  1 
ATOM   244  N N   . ASP A 1 38  ? 13.197  6.416   4.747   1.00 29.84 ?  57  ASP A N   1 
ATOM   245  C CA  . ASP A 1 38  ? 13.490  7.154   3.529   1.00 27.13 ?  57  ASP A CA  1 
ATOM   246  C C   . ASP A 1 38  ? 13.094  8.617   3.699   1.00 30.64 ?  57  ASP A C   1 
ATOM   247  O O   . ASP A 1 38  ? 11.910  8.907   3.897   1.00 26.34 ?  57  ASP A O   1 
ATOM   248  C CB  . ASP A 1 38  ? 12.727  6.527   2.359   1.00 28.08 ?  57  ASP A CB  1 
ATOM   249  C CG  . ASP A 1 38  ? 12.992  7.215   1.024   1.00 29.59 ?  57  ASP A CG  1 
ATOM   250  O OD1 . ASP A 1 38  ? 13.609  8.305   0.964   1.00 27.93 ?  57  ASP A OD1 1 
ATOM   251  O OD2 . ASP A 1 38  ? 12.557  6.651   0.002   1.00 30.74 ?  57  ASP A OD2 1 
ATOM   252  N N   . PRO A 1 39  ? 14.038  9.559   3.613   1.00 28.88 ?  58  PRO A N   1 
ATOM   253  C CA  . PRO A 1 39  ? 13.692  10.977  3.814   1.00 28.50 ?  58  PRO A CA  1 
ATOM   254  C C   . PRO A 1 39  ? 12.672  11.505  2.824   1.00 28.35 ?  58  PRO A C   1 
ATOM   255  O O   . PRO A 1 39  ? 11.978  12.490  3.124   1.00 26.32 ?  58  PRO A O   1 
ATOM   256  C CB  . PRO A 1 39  ? 15.045  11.689  3.651   1.00 31.71 ?  58  PRO A CB  1 
ATOM   257  C CG  . PRO A 1 39  ? 16.075  10.620  3.868   1.00 35.02 ?  58  PRO A CG  1 
ATOM   258  C CD  . PRO A 1 39  ? 15.471  9.368   3.340   1.00 32.55 ?  58  PRO A CD  1 
ATOM   259  N N   . GLU A 1 40  ? 12.565  10.893  1.643   1.00 26.92 ?  59  GLU A N   1 
ATOM   260  C CA  . GLU A 1 40  ? 11.610  11.384  0.667   1.00 25.79 ?  59  GLU A CA  1 
ATOM   261  C C   . GLU A 1 40  ? 10.177  11.180  1.129   1.00 21.57 ?  59  GLU A C   1 
ATOM   262  O O   . GLU A 1 40  ? 9.289   11.913  0.672   1.00 24.21 ?  59  GLU A O   1 
ATOM   263  C CB  . GLU A 1 40  ? 11.851  10.721  -0.692  1.00 29.08 ?  59  GLU A CB  1 
ATOM   264  C CG  . GLU A 1 40  ? 12.925  11.440  -1.514  1.00 31.76 ?  59  GLU A CG  1 
ATOM   265  C CD  . GLU A 1 40  ? 12.865  11.099  -2.991  1.00 36.79 ?  59  GLU A CD  1 
ATOM   266  O OE1 . GLU A 1 40  ? 12.193  10.109  -3.355  1.00 38.88 ?  59  GLU A OE1 1 
ATOM   267  O OE2 . GLU A 1 40  ? 13.481  11.829  -3.790  1.00 40.21 ?  59  GLU A OE2 1 
ATOM   268  N N   . MET A 1 41  ? 9.945   10.240  2.050   1.00 24.24 ?  60  MET A N   1 
ATOM   269  C CA  . MET A 1 41  ? 8.621   10.105  2.651   1.00 23.80 ?  60  MET A CA  1 
ATOM   270  C C   . MET A 1 41  ? 8.236   11.341  3.449   1.00 25.25 ?  60  MET A C   1 
ATOM   271  O O   . MET A 1 41  ? 7.050   11.550  3.713   1.00 23.13 ?  60  MET A O   1 
ATOM   272  C CB  . MET A 1 41  ? 8.570   8.859   3.528   1.00 26.95 ?  60  MET A CB  1 
ATOM   273  C CG  . MET A 1 41  ? 8.842   7.581   2.747   1.00 30.50 ?  60  MET A CG  1 
ATOM   274  S SD  . MET A 1 41  ? 8.765   6.145   3.806   1.00 34.93 ?  60  MET A SD  1 
ATOM   275  C CE  . MET A 1 41  ? 8.899   4.828   2.583   1.00 28.16 ?  60  MET A CE  1 
ATOM   276  N N   . VAL A 1 42  ? 9.208   12.169  3.828   1.00 24.55 ?  61  VAL A N   1 
ATOM   277  C CA  . VAL A 1 42  ? 8.938   13.456  4.453   1.00 25.22 ?  61  VAL A CA  1 
ATOM   278  C C   . VAL A 1 42  ? 8.944   14.587  3.434   1.00 23.97 ?  61  VAL A C   1 
ATOM   279  O O   . VAL A 1 42  ? 8.061   15.440  3.456   1.00 23.88 ?  61  VAL A O   1 
ATOM   280  C CB  . VAL A 1 42  ? 9.957   13.742  5.581   1.00 22.48 ?  61  VAL A CB  1 
ATOM   281  C CG1 . VAL A 1 42  ? 9.747   15.169  6.109   1.00 25.20 ?  61  VAL A CG1 1 
ATOM   282  C CG2 . VAL A 1 42  ? 9.820   12.727  6.701   1.00 24.89 ?  61  VAL A CG2 1 
ATOM   283  N N   . THR A 1 43  ? 9.917   14.601  2.518   1.00 25.01 ?  62  THR A N   1 
ATOM   284  C CA  . THR A 1 43  ? 10.212  15.800  1.741   1.00 24.74 ?  62  THR A CA  1 
ATOM   285  C C   . THR A 1 43  ? 9.556   15.870  0.366   1.00 25.91 ?  62  THR A C   1 
ATOM   286  O O   . THR A 1 43  ? 9.511   16.962  -0.207  1.00 27.45 ?  62  THR A O   1 
ATOM   287  C CB  . THR A 1 43  ? 11.729  15.958  1.557   1.00 30.54 ?  62  THR A CB  1 
ATOM   288  O OG1 . THR A 1 43  ? 12.237  14.846  0.800   1.00 30.40 ?  62  THR A OG1 1 
ATOM   289  C CG2 . THR A 1 43  ? 12.404  16.017  2.915   1.00 29.43 ?  62  THR A CG2 1 
ATOM   290  N N   . LEU A 1 44  ? 9.059   14.767  -0.194  1.00 27.62 ?  63  LEU A N   1 
ATOM   291  C CA  . LEU A 1 44  ? 8.328   14.899  -1.446  1.00 26.94 ?  63  LEU A CA  1 
ATOM   292  C C   . LEU A 1 44  ? 7.090   15.770  -1.220  1.00 23.21 ?  63  LEU A C   1 
ATOM   293  O O   . LEU A 1 44  ? 6.559   15.814  -0.107  1.00 25.23 ?  63  LEU A O   1 
ATOM   294  C CB  . LEU A 1 44  ? 7.908   13.533  -1.993  1.00 25.17 ?  63  LEU A CB  1 
ATOM   295  C CG  . LEU A 1 44  ? 8.975   12.631  -2.619  1.00 31.23 ?  63  LEU A CG  1 
ATOM   296  C CD1 . LEU A 1 44  ? 8.286   11.372  -3.130  1.00 32.26 ?  63  LEU A CD1 1 
ATOM   297  C CD2 . LEU A 1 44  ? 9.689   13.344  -3.749  1.00 32.02 ?  63  LEU A CD2 1 
ATOM   298  N N   . PRO A 1 45  ? 6.603   16.454  -2.255  1.00 27.43 ?  64  PRO A N   1 
ATOM   299  C CA  . PRO A 1 45  ? 5.440   17.335  -2.081  1.00 25.14 ?  64  PRO A CA  1 
ATOM   300  C C   . PRO A 1 45  ? 4.264   16.620  -1.428  1.00 26.48 ?  64  PRO A C   1 
ATOM   301  O O   . PRO A 1 45  ? 3.995   15.445  -1.692  1.00 23.46 ?  64  PRO A O   1 
ATOM   302  C CB  . PRO A 1 45  ? 5.115   17.770  -3.511  1.00 28.85 ?  64  PRO A CB  1 
ATOM   303  C CG  . PRO A 1 45  ? 6.425   17.713  -4.202  1.00 29.79 ?  64  PRO A CG  1 
ATOM   304  C CD  . PRO A 1 45  ? 7.157   16.542  -3.618  1.00 28.47 ?  64  PRO A CD  1 
ATOM   305  N N   . LEU A 1 46  ? 3.563   17.349  -0.561  1.00 24.49 ?  65  LEU A N   1 
ATOM   306  C CA  . LEU A 1 46  ? 2.498   16.791  0.263   1.00 24.67 ?  65  LEU A CA  1 
ATOM   307  C C   . LEU A 1 46  ? 1.544   17.920  0.624   1.00 31.63 ?  65  LEU A C   1 
ATOM   308  O O   . LEU A 1 46  ? 1.997   18.991  1.028   1.00 30.98 ?  65  LEU A O   1 
ATOM   309  C CB  . LEU A 1 46  ? 3.075   16.163  1.535   1.00 26.67 ?  65  LEU A CB  1 
ATOM   310  C CG  . LEU A 1 46  ? 2.092   15.558  2.532   1.00 31.88 ?  65  LEU A CG  1 
ATOM   311  C CD1 . LEU A 1 46  ? 1.457   14.302  1.973   1.00 33.72 ?  65  LEU A CD1 1 
ATOM   312  C CD2 . LEU A 1 46  ? 2.772   15.276  3.855   1.00 32.51 ?  65  LEU A CD2 1 
ATOM   313  N N   . GLN A 1 47  ? 0.238   17.689  0.485   1.00 31.03 ?  66  GLN A N   1 
ATOM   314  C CA  . GLN A 1 47  ? -0.767  18.663  0.916   1.00 34.53 ?  66  GLN A CA  1 
ATOM   315  C C   . GLN A 1 47  ? -1.579  18.037  2.041   1.00 33.48 ?  66  GLN A C   1 
ATOM   316  O O   . GLN A 1 47  ? -2.562  17.322  1.790   1.00 30.46 ?  66  GLN A O   1 
ATOM   317  C CB  . GLN A 1 47  ? -1.651  19.109  -0.245  1.00 38.02 ?  66  GLN A CB  1 
ATOM   318  C CG  . GLN A 1 47  ? -0.938  20.020  -1.237  1.00 42.02 ?  66  GLN A CG  1 
ATOM   319  C CD  . GLN A 1 47  ? -0.358  21.275  -0.577  1.00 44.38 ?  66  GLN A CD  1 
ATOM   320  O OE1 . GLN A 1 47  ? -0.899  21.786  0.408   1.00 43.41 ?  66  GLN A OE1 1 
ATOM   321  N NE2 . GLN A 1 47  ? 0.764   21.764  -1.110  1.00 40.37 ?  66  GLN A NE2 1 
ATOM   322  N N   . PRO A 1 48  ? -1.201  18.271  3.303   1.00 32.51 ?  67  PRO A N   1 
ATOM   323  C CA  . PRO A 1 48  ? -1.894  17.591  4.410   1.00 35.18 ?  67  PRO A CA  1 
ATOM   324  C C   . PRO A 1 48  ? -3.354  17.990  4.543   1.00 32.02 ?  67  PRO A C   1 
ATOM   325  O O   . PRO A 1 48  ? -4.131  17.230  5.134   1.00 38.69 ?  67  PRO A O   1 
ATOM   326  C CB  . PRO A 1 48  ? -1.089  18.007  5.651   1.00 34.74 ?  67  PRO A CB  1 
ATOM   327  C CG  . PRO A 1 48  ? 0.158   18.648  5.138   1.00 37.43 ?  67  PRO A CG  1 
ATOM   328  C CD  . PRO A 1 48  ? -0.160  19.199  3.791   1.00 37.54 ?  67  PRO A CD  1 
ATOM   329  N N   . SER A 1 49  ? -3.753  19.131  3.986   1.00 32.86 ?  68  SER A N   1 
ATOM   330  C CA  . SER A 1 49  ? -5.133  19.596  4.068   1.00 36.68 ?  68  SER A CA  1 
ATOM   331  C C   . SER A 1 49  ? -6.040  19.010  2.993   1.00 36.81 ?  68  SER A C   1 
ATOM   332  O O   . SER A 1 49  ? -7.270  19.105  3.120   1.00 36.03 ?  68  SER A O   1 
ATOM   333  C CB  . SER A 1 49  ? -5.182  21.125  3.968   1.00 39.27 ?  68  SER A CB  1 
ATOM   334  O OG  . SER A 1 49  ? -4.946  21.550  2.632   1.00 45.96 ?  68  SER A OG  1 
ATOM   335  N N   . SER A 1 50  ? -5.477  18.424  1.938   1.00 30.18 ?  69  SER A N   1 
ATOM   336  C CA  . SER A 1 50  ? -6.299  17.949  0.834   1.00 28.73 ?  69  SER A CA  1 
ATOM   337  C C   . SER A 1 50  ? -7.208  16.815  1.287   1.00 25.24 ?  69  SER A C   1 
ATOM   338  O O   . SER A 1 50  ? -6.985  16.164  2.312   1.00 24.79 ?  69  SER A O   1 
ATOM   339  C CB  . SER A 1 50  ? -5.435  17.482  -0.330  1.00 32.10 ?  69  SER A CB  1 
ATOM   340  O OG  . SER A 1 50  ? -4.759  16.283  0.019   1.00 26.70 ?  69  SER A OG  1 
ATOM   341  N N   . THR A 1 51  ? -8.264  16.589  0.499   1.00 24.51 ?  70  THR A N   1 
ATOM   342  C CA  . THR A 1 51  ? -9.231  15.551  0.827   1.00 21.87 ?  70  THR A CA  1 
ATOM   343  C C   . THR A 1 51  ? -8.563  14.178  0.887   1.00 22.61 ?  70  THR A C   1 
ATOM   344  O O   . THR A 1 51  ? -8.692  13.451  1.879   1.00 22.72 ?  70  THR A O   1 
ATOM   345  C CB  . THR A 1 51  ? -10.351 15.560  -0.214  1.00 30.57 ?  70  THR A CB  1 
ATOM   346  O OG1 . THR A 1 51  ? -10.764 16.915  -0.445  1.00 33.03 ?  70  THR A OG1 1 
ATOM   347  C CG2 . THR A 1 51  ? -11.528 14.743  0.259   1.00 30.64 ?  70  THR A CG2 1 
ATOM   348  N N   . MET A 1 52  ? -7.843  13.818  -0.174  1.00 22.78 ?  71  MET A N   1 
ATOM   349  C CA  . MET A 1 52  ? -7.211  12.502  -0.205  1.00 25.50 ?  71  MET A CA  1 
ATOM   350  C C   . MET A 1 52  ? -6.002  12.437  0.714   1.00 25.84 ?  71  MET A C   1 
ATOM   351  O O   . MET A 1 52  ? -5.668  11.357  1.206   1.00 25.67 ?  71  MET A O   1 
ATOM   352  C CB  . MET A 1 52  ? -6.844  12.137  -1.642  1.00 24.31 ?  71  MET A CB  1 
ATOM   353  C CG  . MET A 1 52  ? -8.078  11.893  -2.507  1.00 28.42 ?  71  MET A CG  1 
ATOM   354  S SD  . MET A 1 52  ? -9.178  10.615  -1.870  1.00 29.90 ?  71  MET A SD  1 
ATOM   355  C CE  . MET A 1 52  ? -10.754 11.448  -1.837  1.00 33.64 ?  71  MET A CE  1 
ATOM   356  N N   . GLY A 1 53  ? -5.347  13.573  0.970   1.00 23.81 ?  72  GLY A N   1 
ATOM   357  C CA  . GLY A 1 53  ? -4.346  13.607  2.024   1.00 26.01 ?  72  GLY A CA  1 
ATOM   358  C C   . GLY A 1 53  ? -4.908  13.153  3.355   1.00 25.54 ?  72  GLY A C   1 
ATOM   359  O O   . GLY A 1 53  ? -4.279  12.371  4.078   1.00 24.95 ?  72  GLY A O   1 
ATOM   360  N N   . GLN A 1 54  ? -6.124  13.603  3.682   1.00 24.56 ?  73  GLN A N   1 
ATOM   361  C CA  . GLN A 1 54  ? -6.723  13.220  4.952   1.00 24.03 ?  73  GLN A CA  1 
ATOM   362  C C   . GLN A 1 54  ? -7.135  11.759  4.961   1.00 21.19 ?  73  GLN A C   1 
ATOM   363  O O   . GLN A 1 54  ? -7.080  11.113  6.009   1.00 24.22 ?  73  GLN A O   1 
ATOM   364  C CB  . GLN A 1 54  ? -7.924  14.124  5.262   1.00 25.14 ?  73  GLN A CB  1 
ATOM   365  C CG  . GLN A 1 54  ? -7.552  15.512  5.795   1.00 31.92 ?  73  GLN A CG  1 
ATOM   366  C CD  . GLN A 1 54  ? -6.915  15.449  7.173   1.00 34.00 ?  73  GLN A CD  1 
ATOM   367  O OE1 . GLN A 1 54  ? -7.496  14.900  8.119   1.00 41.24 ?  73  GLN A OE1 1 
ATOM   368  N NE2 . GLN A 1 54  ? -5.717  16.002  7.295   1.00 44.66 ?  73  GLN A NE2 1 
ATOM   369  N N   . VAL A 1 55  ? -7.574  11.231  3.815   1.00 20.52 ?  74  VAL A N   1 
ATOM   370  C CA  . VAL A 1 55  ? -7.940  9.821   3.745   1.00 21.26 ?  74  VAL A CA  1 
ATOM   371  C C   . VAL A 1 55  ? -6.712  8.957   3.995   1.00 21.76 ?  74  VAL A C   1 
ATOM   372  O O   . VAL A 1 55  ? -6.756  7.989   4.760   1.00 22.34 ?  74  VAL A O   1 
ATOM   373  C CB  . VAL A 1 55  ? -8.593  9.496   2.391   1.00 22.33 ?  74  VAL A CB  1 
ATOM   374  C CG1 . VAL A 1 55  ? -8.842  7.998   2.270   1.00 22.62 ?  74  VAL A CG1 1 
ATOM   375  C CG2 . VAL A 1 55  ? -9.939  10.235  2.256   1.00 21.73 ?  74  VAL A CG2 1 
ATOM   376  N N   . GLY A 1 56  ? -5.601  9.305   3.356   1.00 22.71 ?  75  GLY A N   1 
ATOM   377  C CA  . GLY A 1 56  ? -4.377  8.539   3.571   1.00 20.93 ?  75  GLY A CA  1 
ATOM   378  C C   . GLY A 1 56  ? -3.903  8.614   5.010   1.00 23.79 ?  75  GLY A C   1 
ATOM   379  O O   . GLY A 1 56  ? -3.444  7.619   5.579   1.00 23.74 ?  75  GLY A O   1 
ATOM   380  N N   . ARG A 1 57  ? -4.004  9.795   5.621   1.00 22.19 ?  76  ARG A N   1 
ATOM   381  C CA  . ARG A 1 57  ? -3.651  9.912   7.032   1.00 24.46 ?  76  ARG A CA  1 
ATOM   382  C C   . ARG A 1 57  ? -4.507  8.987   7.886   1.00 24.66 ?  76  ARG A C   1 
ATOM   383  O O   . ARG A 1 57  ? -3.997  8.261   8.743   1.00 23.51 ?  76  ARG A O   1 
ATOM   384  C CB  . ARG A 1 57  ? -3.801  11.362  7.494   1.00 23.48 ?  76  ARG A CB  1 
ATOM   385  C CG  . ARG A 1 57  ? -3.680  11.528  9.007   1.00 29.51 ?  76  ARG A CG  1 
ATOM   386  C CD  . ARG A 1 57  ? -3.585  12.987  9.420   1.00 35.13 ?  76  ARG A CD  1 
ATOM   387  N NE  . ARG A 1 57  ? -3.201  13.102  10.824  1.00 39.80 ?  76  ARG A NE  1 
ATOM   388  C CZ  . ARG A 1 57  ? -4.049  13.346  11.815  1.00 37.93 ?  76  ARG A CZ  1 
ATOM   389  N NH1 . ARG A 1 57  ? -5.336  13.528  11.554  1.00 46.34 ?  76  ARG A NH1 1 
ATOM   390  N NH2 . ARG A 1 57  ? -3.612  13.415  13.063  1.00 41.02 ?  76  ARG A NH2 1 
ATOM   391  N N   . GLN A 1 58  ? -5.826  9.007   7.668   1.00 24.25 ?  77  GLN A N   1 
ATOM   392  C CA  . GLN A 1 58  ? -6.721  8.157   8.449   1.00 25.19 ?  77  GLN A CA  1 
ATOM   393  C C   . GLN A 1 58  ? -6.413  6.677   8.250   1.00 25.70 ?  77  GLN A C   1 
ATOM   394  O O   . GLN A 1 58  ? -6.430  5.892   9.209   1.00 28.04 ?  77  GLN A O   1 
ATOM   395  C CB  . GLN A 1 58  ? -8.176  8.446   8.074   1.00 25.77 ?  77  GLN A CB  1 
ATOM   396  C CG  . GLN A 1 58  ? -8.782  9.604   8.796   1.00 35.10 ?  77  GLN A CG  1 
ATOM   397  C CD  . GLN A 1 58  ? -8.758  9.420   10.299  1.00 33.57 ?  77  GLN A CD  1 
ATOM   398  O OE1 . GLN A 1 58  ? -8.227  10.256  11.019  1.00 44.23 ?  77  GLN A OE1 1 
ATOM   399  N NE2 . GLN A 1 58  ? -9.335  8.329   10.775  1.00 40.94 ?  77  GLN A NE2 1 
ATOM   400  N N   . LEU A 1 59  ? -6.138  6.269   7.011   1.00 23.67 ?  78  LEU A N   1 
ATOM   401  C CA  . LEU A 1 59  ? -5.800  4.870   6.780   1.00 24.76 ?  78  LEU A CA  1 
ATOM   402  C C   . LEU A 1 59  ? -4.551  4.474   7.552   1.00 25.45 ?  78  LEU A C   1 
ATOM   403  O O   . LEU A 1 59  ? -4.481  3.371   8.111   1.00 26.98 ?  78  LEU A O   1 
ATOM   404  C CB  . LEU A 1 59  ? -5.619  4.611   5.286   1.00 23.80 ?  78  LEU A CB  1 
ATOM   405  C CG  . LEU A 1 59  ? -6.937  4.663   4.506   1.00 22.92 ?  78  LEU A CG  1 
ATOM   406  C CD1 . LEU A 1 59  ? -6.679  4.538   3.016   1.00 26.73 ?  78  LEU A CD1 1 
ATOM   407  C CD2 . LEU A 1 59  ? -7.885  3.560   4.968   1.00 22.54 ?  78  LEU A CD2 1 
ATOM   408  N N   . ALA A 1 60  ? -3.567  5.368   7.627   1.00 24.65 ?  79  ALA A N   1 
ATOM   409  C CA  . ALA A 1 60  ? -2.362  5.033   8.378   1.00 25.75 ?  79  ALA A CA  1 
ATOM   410  C C   . ALA A 1 60  ? -2.678  4.865   9.861   1.00 31.70 ?  79  ALA A C   1 
ATOM   411  O O   . ALA A 1 60  ? -2.202  3.920   10.497  1.00 32.72 ?  79  ALA A O   1 
ATOM   412  C CB  . ALA A 1 60  ? -1.292  6.097   8.154   1.00 24.87 ?  79  ALA A CB  1 
ATOM   413  N N   . ILE A 1 61  ? -3.515  5.748   10.419  1.00 31.74 ?  80  ILE A N   1 
ATOM   414  C CA  . ILE A 1 61  ? -3.854  5.658   11.841  1.00 32.69 ?  80  ILE A CA  1 
ATOM   415  C C   . ILE A 1 61  ? -4.618  4.372   12.133  1.00 34.19 ?  80  ILE A C   1 
ATOM   416  O O   . ILE A 1 61  ? -4.314  3.651   13.092  1.00 36.88 ?  80  ILE A O   1 
ATOM   417  C CB  . ILE A 1 61  ? -4.649  6.899   12.282  1.00 32.93 ?  80  ILE A CB  1 
ATOM   418  C CG1 . ILE A 1 61  ? -3.753  8.137   12.272  1.00 36.07 ?  80  ILE A CG1 1 
ATOM   419  C CG2 . ILE A 1 61  ? -5.284  6.667   13.655  1.00 39.90 ?  80  ILE A CG2 1 
ATOM   420  C CD1 . ILE A 1 61  ? -4.523  9.444   12.292  1.00 35.81 ?  80  ILE A CD1 1 
ATOM   421  N N   . ILE A 1 62  ? -5.631  4.076   11.316  1.00 27.81 ?  81  ILE A N   1 
ATOM   422  C CA  . ILE A 1 62  ? -6.433  2.872   11.491  1.00 31.69 ?  81  ILE A CA  1 
ATOM   423  C C   . ILE A 1 62  ? -5.545  1.635   11.517  1.00 33.50 ?  81  ILE A C   1 
ATOM   424  O O   . ILE A 1 62  ? -5.732  0.731   12.340  1.00 33.95 ?  81  ILE A O   1 
ATOM   425  C CB  . ILE A 1 62  ? -7.490  2.777   10.374  1.00 33.39 ?  81  ILE A CB  1 
ATOM   426  C CG1 . ILE A 1 62  ? -8.572  3.834   10.557  1.00 37.09 ?  81  ILE A CG1 1 
ATOM   427  C CG2 . ILE A 1 62  ? -8.094  1.384   10.316  1.00 37.42 ?  81  ILE A CG2 1 
ATOM   428  C CD1 . ILE A 1 62  ? -9.589  3.837   9.418   1.00 35.20 ?  81  ILE A CD1 1 
ATOM   429  N N   . GLY A 1 63  ? -4.549  1.591   10.636  1.00 32.12 ?  82  GLY A N   1 
ATOM   430  C CA  . GLY A 1 63  ? -3.803  0.372   10.430  1.00 33.58 ?  82  GLY A CA  1 
ATOM   431  C C   . GLY A 1 63  ? -2.671  0.119   11.384  1.00 37.10 ?  82  GLY A C   1 
ATOM   432  O O   . GLY A 1 63  ? -2.028  -0.926  11.278  1.00 34.41 ?  82  GLY A O   1 
ATOM   433  N N   . ASP A 1 64  ? -2.426  1.033   12.327  1.00 35.56 ?  83  ASP A N   1 
ATOM   434  C CA  . ASP A 1 64  ? -1.233  0.945   13.164  1.00 38.14 ?  83  ASP A CA  1 
ATOM   435  C C   . ASP A 1 64  ? -1.182  -0.371  13.938  1.00 38.58 ?  83  ASP A C   1 
ATOM   436  O O   . ASP A 1 64  ? -0.128  -1.013  14.016  1.00 36.21 ?  83  ASP A O   1 
ATOM   437  C CB  . ASP A 1 64  ? -1.170  2.135   14.121  1.00 40.84 ?  83  ASP A CB  1 
ATOM   438  C CG  . ASP A 1 64  ? 0.180   2.265   14.805  1.00 47.86 ?  83  ASP A CG  1 
ATOM   439  O OD1 . ASP A 1 64  ? 1.219   2.103   14.126  1.00 48.20 ?  83  ASP A OD1 1 
ATOM   440  O OD2 . ASP A 1 64  ? 0.203   2.530   16.025  1.00 51.84 ?  83  ASP A OD2 1 
ATOM   441  N N   . ASP A 1 65  ? -2.312  -0.789  14.520  1.00 37.85 ?  84  ASP A N   1 
ATOM   442  C CA  . ASP A 1 65  ? -2.311  -2.004  15.338  1.00 38.69 ?  84  ASP A CA  1 
ATOM   443  C C   . ASP A 1 65  ? -1.989  -3.235  14.505  1.00 38.40 ?  84  ASP A C   1 
ATOM   444  O O   . ASP A 1 65  ? -1.111  -4.029  14.859  1.00 39.53 ?  84  ASP A O   1 
ATOM   445  C CB  . ASP A 1 65  ? -3.663  -2.192  16.032  1.00 42.26 ?  84  ASP A CB  1 
ATOM   446  C CG  . ASP A 1 65  ? -3.859  -1.258  17.209  1.00 47.12 ?  84  ASP A CG  1 
ATOM   447  O OD1 . ASP A 1 65  ? -2.898  -0.557  17.599  1.00 47.26 ?  84  ASP A OD1 1 
ATOM   448  O OD2 . ASP A 1 65  ? -4.983  -1.243  17.759  1.00 50.25 ?  84  ASP A OD2 1 
ATOM   449  N N   . ILE A 1 66  ? -2.708  -3.422  13.399  1.00 34.36 ?  85  ILE A N   1 
ATOM   450  C CA  . ILE A 1 66  ? -2.482  -4.597  12.564  1.00 34.56 ?  85  ILE A CA  1 
ATOM   451  C C   . ILE A 1 66  ? -1.068  -4.590  12.000  1.00 34.77 ?  85  ILE A C   1 
ATOM   452  O O   . ILE A 1 66  ? -0.412  -5.637  11.914  1.00 37.72 ?  85  ILE A O   1 
ATOM   453  C CB  . ILE A 1 66  ? -3.541  -4.669  11.451  1.00 34.47 ?  85  ILE A CB  1 
ATOM   454  C CG1 . ILE A 1 66  ? -4.795  -5.383  11.958  1.00 44.07 ?  85  ILE A CG1 1 
ATOM   455  C CG2 . ILE A 1 66  ? -2.979  -5.361  10.219  1.00 38.39 ?  85  ILE A CG2 1 
ATOM   456  C CD1 . ILE A 1 66  ? -5.520  -6.207  10.894  1.00 41.79 ?  85  ILE A CD1 1 
ATOM   457  N N   . ASN A 1 67  ? -0.565  -3.410  11.626  1.00 35.00 ?  86  ASN A N   1 
ATOM   458  C CA  . ASN A 1 67  ? 0.782   -3.327  11.072  1.00 34.55 ?  86  ASN A CA  1 
ATOM   459  C C   . ASN A 1 67  ? 1.820   -3.783  12.087  1.00 37.86 ?  86  ASN A C   1 
ATOM   460  O O   . ASN A 1 67  ? 2.726   -4.555  11.756  1.00 38.39 ?  86  ASN A O   1 
ATOM   461  C CB  . ASN A 1 67  ? 1.071   -1.903  10.594  1.00 36.98 ?  86  ASN A CB  1 
ATOM   462  C CG  . ASN A 1 67  ? 0.248   -1.524  9.369   1.00 36.86 ?  86  ASN A CG  1 
ATOM   463  O OD1 . ASN A 1 67  ? -0.276  -2.388  8.671   1.00 40.85 ?  86  ASN A OD1 1 
ATOM   464  N ND2 . ASN A 1 67  ? 0.151   -0.228  9.096   1.00 39.79 ?  86  ASN A ND2 1 
ATOM   465  N N   . ARG A 1 68  ? 1.701   -3.323  13.335  1.00 36.79 ?  87  ARG A N   1 
ATOM   466  C CA  . ARG A 1 68  ? 2.628   -3.778  14.369  1.00 40.07 ?  87  ARG A CA  1 
ATOM   467  C C   . ARG A 1 68  ? 2.511   -5.280  14.602  1.00 39.10 ?  87  ARG A C   1 
ATOM   468  O O   . ARG A 1 68  ? 3.522   -5.949  14.852  1.00 38.10 ?  87  ARG A O   1 
ATOM   469  C CB  . ARG A 1 68  ? 2.388   -3.006  15.669  1.00 38.28 ?  87  ARG A CB  1 
ATOM   470  C CG  . ARG A 1 68  ? 2.885   -1.558  15.644  1.00 37.47 ?  87  ARG A CG  1 
ATOM   471  N N   . ARG A 1 69  ? 1.300   -5.833  14.494  1.00 34.66 ?  88  ARG A N   1 
ATOM   472  C CA  . ARG A 1 69  ? 1.109   -7.259  14.738  1.00 37.51 ?  88  ARG A CA  1 
ATOM   473  C C   . ARG A 1 69  ? 1.913   -8.109  13.761  1.00 41.24 ?  88  ARG A C   1 
ATOM   474  O O   . ARG A 1 69  ? 2.484   -9.137  14.144  1.00 37.90 ?  88  ARG A O   1 
ATOM   475  C CB  . ARG A 1 69  ? -0.379  -7.606  14.658  1.00 37.33 ?  88  ARG A CB  1 
ATOM   476  C CG  . ARG A 1 69  ? -0.676  -9.104  14.583  1.00 42.80 ?  88  ARG A CG  1 
ATOM   477  N N   . TYR A 1 70  ? 1.993   -7.690  12.500  1.00 37.13 ?  89  TYR A N   1 
ATOM   478  C CA  . TYR A 1 70  ? 2.587   -8.520  11.460  1.00 36.48 ?  89  TYR A CA  1 
ATOM   479  C C   . TYR A 1 70  ? 3.934   -8.004  10.981  1.00 37.89 ?  89  TYR A C   1 
ATOM   480  O O   . TYR A 1 70  ? 4.469   -8.512  9.988   1.00 38.58 ?  89  TYR A O   1 
ATOM   481  C CB  . TYR A 1 70  ? 1.611   -8.649  10.292  1.00 34.69 ?  89  TYR A CB  1 
ATOM   482  C CG  . TYR A 1 70  ? 0.411   -9.491  10.644  1.00 37.93 ?  89  TYR A CG  1 
ATOM   483  C CD1 . TYR A 1 70  ? 0.529   -10.869 10.754  1.00 40.41 ?  89  TYR A CD1 1 
ATOM   484  C CD2 . TYR A 1 70  ? -0.829  -8.914  10.893  1.00 36.57 ?  89  TYR A CD2 1 
ATOM   485  C CE1 . TYR A 1 70  ? -0.553  -11.654 11.082  1.00 41.82 ?  89  TYR A CE1 1 
ATOM   486  C CE2 . TYR A 1 70  ? -1.926  -9.697  11.222  1.00 38.78 ?  89  TYR A CE2 1 
ATOM   487  C CZ  . TYR A 1 70  ? -1.774  -11.071 11.315  1.00 42.06 ?  89  TYR A CZ  1 
ATOM   488  O OH  . TYR A 1 70  ? -2.837  -11.886 11.636  1.00 49.68 ?  89  TYR A OH  1 
ATOM   489  N N   . ASP A 1 71  ? 4.516   -7.039  11.696  1.00 38.42 ?  90  ASP A N   1 
ATOM   490  C CA  . ASP A 1 71  ? 5.748   -6.401  11.248  1.00 39.69 ?  90  ASP A CA  1 
ATOM   491  C C   . ASP A 1 71  ? 6.883   -7.405  11.082  1.00 40.04 ?  90  ASP A C   1 
ATOM   492  O O   . ASP A 1 71  ? 7.617   -7.371  10.087  1.00 40.23 ?  90  ASP A O   1 
ATOM   493  C CB  . ASP A 1 71  ? 6.144   -5.312  12.239  1.00 43.08 ?  90  ASP A CB  1 
ATOM   494  C CG  . ASP A 1 71  ? 6.853   -4.164  11.579  1.00 46.50 ?  90  ASP A CG  1 
ATOM   495  O OD1 . ASP A 1 71  ? 6.171   -3.355  10.909  1.00 45.13 ?  90  ASP A OD1 1 
ATOM   496  O OD2 . ASP A 1 71  ? 8.090   -4.069  11.734  1.00 54.16 ?  90  ASP A OD2 1 
ATOM   497  N N   . SER A 1 72  ? 7.058   -8.299  12.057  1.00 44.15 ?  91  SER A N   1 
ATOM   498  C CA  . SER A 1 72  ? 8.188   -9.219  11.990  1.00 40.30 ?  91  SER A CA  1 
ATOM   499  C C   . SER A 1 72  ? 8.037   -10.191 10.827  1.00 37.83 ?  91  SER A C   1 
ATOM   500  O O   . SER A 1 72  ? 9.020   -10.516 10.148  1.00 39.21 ?  91  SER A O   1 
ATOM   501  C CB  . SER A 1 72  ? 8.345   -9.972  13.314  1.00 44.25 ?  91  SER A CB  1 
ATOM   502  O OG  . SER A 1 72  ? 7.152   -10.645 13.680  1.00 47.64 ?  91  SER A OG  1 
ATOM   503  N N   . GLU A 1 73  ? 6.810   -10.647 10.565  1.00 34.29 ?  92  GLU A N   1 
ATOM   504  C CA  . GLU A 1 73  ? 6.584   -11.573 9.459   1.00 36.64 ?  92  GLU A CA  1 
ATOM   505  C C   . GLU A 1 73  ? 6.920   -10.927 8.117   1.00 36.12 ?  92  GLU A C   1 
ATOM   506  O O   . GLU A 1 73  ? 7.652   -11.505 7.305   1.00 32.35 ?  92  GLU A O   1 
ATOM   507  C CB  . GLU A 1 73  ? 5.138   -12.077 9.482   1.00 35.80 ?  92  GLU A CB  1 
ATOM   508  C CG  . GLU A 1 73  ? 4.857   -13.140 10.540  1.00 39.16 ?  92  GLU A CG  1 
ATOM   509  N N   . PHE A 1 74  ? 6.399   -9.720  7.865   1.00 35.54 ?  93  PHE A N   1 
ATOM   510  C CA  . PHE A 1 74  ? 6.666   -9.060  6.585   1.00 31.97 ?  93  PHE A CA  1 
ATOM   511  C C   . PHE A 1 74  ? 8.153   -8.801  6.378   1.00 32.11 ?  93  PHE A C   1 
ATOM   512  O O   . PHE A 1 74  ? 8.671   -8.965  5.269   1.00 33.22 ?  93  PHE A O   1 
ATOM   513  C CB  . PHE A 1 74  ? 5.881   -7.753  6.484   1.00 34.19 ?  93  PHE A CB  1 
ATOM   514  C CG  . PHE A 1 74  ? 4.479   -7.946  6.019   1.00 36.68 ?  93  PHE A CG  1 
ATOM   515  C CD1 . PHE A 1 74  ? 4.234   -8.503  4.781   1.00 35.64 ?  93  PHE A CD1 1 
ATOM   516  C CD2 . PHE A 1 74  ? 3.406   -7.572  6.815   1.00 39.04 ?  93  PHE A CD2 1 
ATOM   517  C CE1 . PHE A 1 74  ? 2.940   -8.699  4.335   1.00 37.38 ?  93  PHE A CE1 1 
ATOM   518  C CE2 . PHE A 1 74  ? 2.104   -7.761  6.377   1.00 38.61 ?  93  PHE A CE2 1 
ATOM   519  C CZ  . PHE A 1 74  ? 1.872   -8.324  5.136   1.00 38.63 ?  93  PHE A CZ  1 
ATOM   520  N N   . GLN A 1 75  ? 8.856   -8.388  7.433   1.00 35.08 ?  94  GLN A N   1 
ATOM   521  C CA  . GLN A 1 75  ? 10.254  -8.025  7.262   1.00 35.62 ?  94  GLN A CA  1 
ATOM   522  C C   . GLN A 1 75  ? 11.122  -9.259  7.058   1.00 29.61 ?  94  GLN A C   1 
ATOM   523  O O   . GLN A 1 75  ? 12.084  -9.216  6.288   1.00 32.79 ?  94  GLN A O   1 
ATOM   524  C CB  . GLN A 1 75  ? 10.716  -7.157  8.420   1.00 40.09 ?  94  GLN A CB  1 
ATOM   525  C CG  . GLN A 1 75  ? 9.981   -5.816  8.371   1.00 42.62 ?  94  GLN A CG  1 
ATOM   526  C CD  . GLN A 1 75  ? 10.088  -5.013  9.641   1.00 50.25 ?  94  GLN A CD  1 
ATOM   527  O OE1 . GLN A 1 75  ? 10.128  -5.567  10.743  1.00 54.14 ?  94  GLN A OE1 1 
ATOM   528  N NE2 . GLN A 1 75  ? 10.065  -3.695  9.497   1.00 48.33 ?  94  GLN A NE2 1 
ATOM   529  N N   . THR A 1 76  ? 10.794  -10.378 7.710   1.00 32.59 ?  95  THR A N   1 
ATOM   530  C CA  . THR A 1 76  ? 11.481  -11.632 7.388   1.00 30.85 ?  95  THR A CA  1 
ATOM   531  C C   . THR A 1 76  ? 11.231  -12.027 5.937   1.00 28.46 ?  95  THR A C   1 
ATOM   532  O O   . THR A 1 76  ? 12.157  -12.437 5.229   1.00 29.54 ?  95  THR A O   1 
ATOM   533  C CB  . THR A 1 76  ? 11.038  -12.768 8.324   1.00 36.28 ?  95  THR A CB  1 
ATOM   534  O OG1 . THR A 1 76  ? 11.400  -12.454 9.675   1.00 37.58 ?  95  THR A OG1 1 
ATOM   535  C CG2 . THR A 1 76  ? 11.710  -14.087 7.934   1.00 32.50 ?  95  THR A CG2 1 
ATOM   536  N N   . MET A 1 77  ? 9.987   -11.903 5.467   1.00 26.40 ?  96  MET A N   1 
ATOM   537  C CA  . MET A 1 77  ? 9.716   -12.239 4.074   1.00 26.34 ?  96  MET A CA  1 
ATOM   538  C C   . MET A 1 77  ? 10.456  -11.296 3.129   1.00 25.81 ?  96  MET A C   1 
ATOM   539  O O   . MET A 1 77  ? 11.110  -11.741 2.184   1.00 26.79 ?  96  MET A O   1 
ATOM   540  C CB  . MET A 1 77  ? 8.212   -12.233 3.810   1.00 27.06 ?  96  MET A CB  1 
ATOM   541  C CG  . MET A 1 77  ? 7.482   -13.365 4.541   1.00 28.69 ?  96  MET A CG  1 
ATOM   542  S SD  . MET A 1 77  ? 5.701   -13.315 4.260   1.00 31.96 ?  96  MET A SD  1 
ATOM   543  C CE  . MET A 1 77  ? 5.105   -14.192 5.718   1.00 34.76 ?  96  MET A CE  1 
ATOM   544  N N   . LEU A 1 78  ? 10.387  -9.985  3.370   1.00 24.65 ?  97  LEU A N   1 
ATOM   545  C CA  . LEU A 1 78  ? 11.087  -9.068  2.471   1.00 28.10 ?  97  LEU A CA  1 
ATOM   546  C C   . LEU A 1 78  ? 12.595  -9.263  2.526   1.00 26.64 ?  97  LEU A C   1 
ATOM   547  O O   . LEU A 1 78  ? 13.279  -9.126  1.505   1.00 25.93 ?  97  LEU A O   1 
ATOM   548  C CB  . LEU A 1 78  ? 10.718  -7.617  2.803   1.00 30.39 ?  97  LEU A CB  1 
ATOM   549  C CG  . LEU A 1 78  ? 9.323   -7.185  2.350   1.00 30.84 ?  97  LEU A CG  1 
ATOM   550  C CD1 . LEU A 1 78  ? 9.040   -5.781  2.824   1.00 31.17 ?  97  LEU A CD1 1 
ATOM   551  C CD2 . LEU A 1 78  ? 9.214   -7.268  0.834   1.00 32.11 ?  97  LEU A CD2 1 
ATOM   552  N N   . GLN A 1 79  ? 13.126  -9.594  3.705   1.00 25.92 ?  98  GLN A N   1 
ATOM   553  C CA  . GLN A 1 79  ? 14.561  -9.819  3.837   1.00 30.24 ?  98  GLN A CA  1 
ATOM   554  C C   . GLN A 1 79  ? 15.028  -10.936 2.913   1.00 28.79 ?  98  GLN A C   1 
ATOM   555  O O   . GLN A 1 79  ? 16.111  -10.854 2.329   1.00 30.05 ?  98  GLN A O   1 
ATOM   556  C CB  . GLN A 1 79  ? 14.904  -10.140 5.296   1.00 29.40 ?  98  GLN A CB  1 
ATOM   557  C CG  . GLN A 1 79  ? 16.069  -11.121 5.520   1.00 38.34 ?  98  GLN A CG  1 
ATOM   558  C CD  . GLN A 1 79  ? 16.233  -11.514 6.983   1.00 42.11 ?  98  GLN A CD  1 
ATOM   559  O OE1 . GLN A 1 79  ? 15.331  -11.333 7.805   1.00 43.55 ?  98  GLN A OE1 1 
ATOM   560  N NE2 . GLN A 1 79  ? 17.387  -12.070 7.304   1.00 42.26 ?  98  GLN A NE2 1 
ATOM   561  N N   . HIS A 1 80  ? 14.207  -11.973 2.731   1.00 27.16 ?  99  HIS A N   1 
ATOM   562  C CA  . HIS A 1 80  ? 14.606  -13.091 1.886   1.00 27.92 ?  99  HIS A CA  1 
ATOM   563  C C   . HIS A 1 80  ? 14.187  -12.913 0.436   1.00 29.08 ?  99  HIS A C   1 
ATOM   564  O O   . HIS A 1 80  ? 14.879  -13.397 -0.464  1.00 29.68 ?  99  HIS A O   1 
ATOM   565  C CB  . HIS A 1 80  ? 14.045  -14.390 2.469   1.00 27.86 ?  99  HIS A CB  1 
ATOM   566  C CG  . HIS A 1 80  ? 14.691  -14.762 3.761   1.00 26.44 ?  99  HIS A CG  1 
ATOM   567  N ND1 . HIS A 1 80  ? 16.015  -15.135 3.837   1.00 28.82 ?  99  HIS A ND1 1 
ATOM   568  C CD2 . HIS A 1 80  ? 14.222  -14.772 5.031   1.00 28.23 ?  99  HIS A CD2 1 
ATOM   569  C CE1 . HIS A 1 80  ? 16.332  -15.377 5.096   1.00 29.76 ?  99  HIS A CE1 1 
ATOM   570  N NE2 . HIS A 1 80  ? 15.261  -15.173 5.842   1.00 27.64 ?  99  HIS A NE2 1 
ATOM   571  N N   . LEU A 1 81  ? 13.095  -12.191 0.186   1.00 26.33 ?  100 LEU A N   1 
ATOM   572  C CA  . LEU A 1 81  ? 12.753  -11.856 -1.191  1.00 27.26 ?  100 LEU A CA  1 
ATOM   573  C C   . LEU A 1 81  ? 13.840  -11.012 -1.842  1.00 26.07 ?  100 LEU A C   1 
ATOM   574  O O   . LEU A 1 81  ? 14.089  -11.147 -3.045  1.00 28.03 ?  100 LEU A O   1 
ATOM   575  C CB  . LEU A 1 81  ? 11.416  -11.128 -1.227  1.00 27.08 ?  100 LEU A CB  1 
ATOM   576  C CG  . LEU A 1 81  ? 10.936  -10.654 -2.596  1.00 27.88 ?  100 LEU A CG  1 
ATOM   577  C CD1 . LEU A 1 81  ? 10.442  -11.824 -3.433  1.00 32.01 ?  100 LEU A CD1 1 
ATOM   578  C CD2 . LEU A 1 81  ? 9.862   -9.610  -2.392  1.00 28.47 ?  100 LEU A CD2 1 
ATOM   579  N N   . GLN A 1 82  ? 14.497  -10.150 -1.067  1.00 25.39 ?  101 GLN A N   1 
ATOM   580  C CA  . GLN A 1 82  ? 15.536  -9.255  -1.558  1.00 25.78 ?  101 GLN A CA  1 
ATOM   581  C C   . GLN A 1 82  ? 15.093  -8.444  -2.780  1.00 28.34 ?  101 GLN A C   1 
ATOM   582  O O   . GLN A 1 82  ? 15.733  -8.507  -3.839  1.00 34.55 ?  101 GLN A O   1 
ATOM   583  C CB  . GLN A 1 82  ? 16.812  -10.029 -1.862  1.00 32.19 ?  101 GLN A CB  1 
ATOM   584  C CG  . GLN A 1 82  ? 17.265  -10.875 -0.707  1.00 30.17 ?  101 GLN A CG  1 
ATOM   585  C CD  . GLN A 1 82  ? 18.271  -11.913 -1.135  1.00 39.10 ?  101 GLN A CD  1 
ATOM   586  O OE1 . GLN A 1 82  ? 19.366  -11.576 -1.574  1.00 43.70 ?  101 GLN A OE1 1 
ATOM   587  N NE2 . GLN A 1 82  ? 17.892  -13.186 -1.038  1.00 44.78 ?  101 GLN A NE2 1 
ATOM   588  N N   . PRO A 1 83  ? 14.017  -7.674  -2.666  1.00 25.86 ?  102 PRO A N   1 
ATOM   589  C CA  . PRO A 1 83  ? 13.636  -6.809  -3.785  1.00 24.45 ?  102 PRO A CA  1 
ATOM   590  C C   . PRO A 1 83  ? 14.681  -5.729  -4.025  1.00 25.44 ?  102 PRO A C   1 
ATOM   591  O O   . PRO A 1 83  ? 15.276  -5.186  -3.090  1.00 26.15 ?  102 PRO A O   1 
ATOM   592  C CB  . PRO A 1 83  ? 12.308  -6.205  -3.328  1.00 28.10 ?  102 PRO A CB  1 
ATOM   593  C CG  . PRO A 1 83  ? 12.399  -6.190  -1.858  1.00 26.02 ?  102 PRO A CG  1 
ATOM   594  C CD  . PRO A 1 83  ? 13.193  -7.420  -1.473  1.00 25.40 ?  102 PRO A CD  1 
ATOM   595  N N   . THR A 1 84  ? 14.888  -5.416  -5.298  1.00 26.67 ?  103 THR A N   1 
ATOM   596  C CA  . THR A 1 84  ? 15.838  -4.404  -5.722  1.00 25.88 ?  103 THR A CA  1 
ATOM   597  C C   . THR A 1 84  ? 15.156  -3.477  -6.713  1.00 27.39 ?  103 THR A C   1 
ATOM   598  O O   . THR A 1 84  ? 14.046  -3.739  -7.178  1.00 23.74 ?  103 THR A O   1 
ATOM   599  C CB  . THR A 1 84  ? 17.064  -5.033  -6.391  1.00 27.96 ?  103 THR A CB  1 
ATOM   600  O OG1 . THR A 1 84  ? 16.649  -5.633  -7.619  1.00 29.26 ?  103 THR A OG1 1 
ATOM   601  C CG2 . THR A 1 84  ? 17.691  -6.099  -5.485  1.00 28.24 ?  103 THR A CG2 1 
ATOM   602  N N   . ALA A 1 85  ? 15.851  -2.393  -7.074  1.00 27.63 ?  104 ALA A N   1 
ATOM   603  C CA  . ALA A 1 85  ? 15.319  -1.532  -8.121  1.00 30.68 ?  104 ALA A CA  1 
ATOM   604  C C   . ALA A 1 85  ? 15.098  -2.301  -9.418  1.00 30.02 ?  104 ALA A C   1 
ATOM   605  O O   . ALA A 1 85  ? 14.246  -1.921  -10.228 1.00 32.18 ?  104 ALA A O   1 
ATOM   606  C CB  . ALA A 1 85  ? 16.248  -0.347  -8.361  1.00 30.86 ?  104 ALA A CB  1 
ATOM   607  N N   . GLU A 1 86  ? 15.857  -3.381  -9.637  1.00 32.70 ?  105 GLU A N   1 
ATOM   608  C CA  . GLU A 1 86  ? 15.772  -4.104  -10.901 1.00 31.03 ?  105 GLU A CA  1 
ATOM   609  C C   . GLU A 1 86  ? 14.584  -5.062  -10.954 1.00 30.61 ?  105 GLU A C   1 
ATOM   610  O O   . GLU A 1 86  ? 14.012  -5.259  -12.028 1.00 33.01 ?  105 GLU A O   1 
ATOM   611  C CB  . GLU A 1 86  ? 17.077  -4.863  -11.174 1.00 35.09 ?  105 GLU A CB  1 
ATOM   612  C CG  . GLU A 1 86  ? 18.278  -3.953  -11.482 1.00 37.72 ?  105 GLU A CG  1 
ATOM   613  C CD  . GLU A 1 86  ? 18.787  -3.194  -10.263 1.00 44.81 ?  105 GLU A CD  1 
ATOM   614  O OE1 . GLU A 1 86  ? 18.778  -3.778  -9.161  1.00 41.99 ?  105 GLU A OE1 1 
ATOM   615  O OE2 . GLU A 1 86  ? 19.177  -2.010  -10.402 1.00 48.76 ?  105 GLU A OE2 1 
ATOM   616  N N   . ASN A 1 87  ? 14.182  -5.656  -9.827  1.00 25.78 ?  106 ASN A N   1 
ATOM   617  C CA  . ASN A 1 87  ? 13.104  -6.640  -9.840  1.00 25.59 ?  106 ASN A CA  1 
ATOM   618  C C   . ASN A 1 87  ? 11.854  -6.207  -9.084  1.00 22.96 ?  106 ASN A C   1 
ATOM   619  O O   . ASN A 1 87  ? 10.879  -6.973  -9.045  1.00 24.24 ?  106 ASN A O   1 
ATOM   620  C CB  . ASN A 1 87  ? 13.596  -7.989  -9.281  1.00 28.73 ?  106 ASN A CB  1 
ATOM   621  C CG  . ASN A 1 87  ? 14.061  -7.904  -7.832  1.00 28.98 ?  106 ASN A CG  1 
ATOM   622  O OD1 . ASN A 1 87  ? 13.655  -7.024  -7.074  1.00 27.01 ?  106 ASN A OD1 1 
ATOM   623  N ND2 . ASN A 1 87  ? 14.917  -8.847  -7.433  1.00 30.37 ?  106 ASN A ND2 1 
ATOM   624  N N   . ALA A 1 88  ? 11.842  -4.998  -8.511  1.00 24.90 ?  107 ALA A N   1 
ATOM   625  C CA  . ALA A 1 88  ? 10.727  -4.593  -7.659  1.00 21.67 ?  107 ALA A CA  1 
ATOM   626  C C   . ALA A 1 88  ? 9.415   -4.574  -8.423  1.00 22.70 ?  107 ALA A C   1 
ATOM   627  O O   . ALA A 1 88  ? 8.382   -4.981  -7.891  1.00 21.03 ?  107 ALA A O   1 
ATOM   628  C CB  . ALA A 1 88  ? 10.989  -3.214  -7.051  1.00 24.99 ?  107 ALA A CB  1 
ATOM   629  N N   . TYR A 1 89  ? 9.436   -4.091  -9.668  1.00 21.90 ?  108 TYR A N   1 
ATOM   630  C CA  . TYR A 1 89  ? 8.218   -4.042  -10.472 1.00 21.09 ?  108 TYR A CA  1 
ATOM   631  C C   . TYR A 1 89  ? 7.659   -5.436  -10.711 1.00 22.76 ?  108 TYR A C   1 
ATOM   632  O O   . TYR A 1 89  ? 6.457   -5.674  -10.573 1.00 21.44 ?  108 TYR A O   1 
ATOM   633  C CB  . TYR A 1 89  ? 8.509   -3.366  -11.809 1.00 20.86 ?  108 TYR A CB  1 
ATOM   634  C CG  . TYR A 1 89  ? 7.328   -3.382  -12.765 1.00 22.69 ?  108 TYR A CG  1 
ATOM   635  C CD1 . TYR A 1 89  ? 6.167   -2.693  -12.463 1.00 20.80 ?  108 TYR A CD1 1 
ATOM   636  C CD2 . TYR A 1 89  ? 7.394   -4.067  -13.975 1.00 23.10 ?  108 TYR A CD2 1 
ATOM   637  C CE1 . TYR A 1 89  ? 5.089   -2.685  -13.340 1.00 23.91 ?  108 TYR A CE1 1 
ATOM   638  C CE2 . TYR A 1 89  ? 6.328   -4.064  -14.859 1.00 25.44 ?  108 TYR A CE2 1 
ATOM   639  C CZ  . TYR A 1 89  ? 5.176   -3.378  -14.536 1.00 25.36 ?  108 TYR A CZ  1 
ATOM   640  O OH  . TYR A 1 89  ? 4.102   -3.364  -15.414 1.00 26.12 ?  108 TYR A OH  1 
ATOM   641  N N   . GLU A 1 90  ? 8.527   -6.380  -11.080 1.00 20.83 ?  109 GLU A N   1 
ATOM   642  C CA  . GLU A 1 90  ? 8.059   -7.739  -11.325 1.00 22.78 ?  109 GLU A CA  1 
ATOM   643  C C   . GLU A 1 90  ? 7.434   -8.335  -10.069 1.00 21.80 ?  109 GLU A C   1 
ATOM   644  O O   . GLU A 1 90  ? 6.337   -8.902  -10.109 1.00 22.67 ?  109 GLU A O   1 
ATOM   645  C CB  . GLU A 1 90  ? 9.225   -8.606  -11.808 1.00 23.95 ?  109 GLU A CB  1 
ATOM   646  C CG  . GLU A 1 90  ? 8.869   -10.084 -11.872 1.00 26.35 ?  109 GLU A CG  1 
ATOM   647  C CD  . GLU A 1 90  ? 9.981   -10.939 -12.436 1.00 30.62 ?  109 GLU A CD  1 
ATOM   648  O OE1 . GLU A 1 90  ? 10.885  -10.401 -13.110 1.00 28.82 ?  109 GLU A OE1 1 
ATOM   649  O OE2 . GLU A 1 90  ? 9.935   -12.163 -12.210 1.00 33.38 ?  109 GLU A OE2 1 
ATOM   650  N N   . TYR A 1 91  ? 8.120   -8.197  -8.936  1.00 21.41 ?  110 TYR A N   1 
ATOM   651  C CA  . TYR A 1 91  ? 7.617   -8.791  -7.705  1.00 23.07 ?  110 TYR A CA  1 
ATOM   652  C C   . TYR A 1 91  ? 6.337   -8.099  -7.252  1.00 19.89 ?  110 TYR A C   1 
ATOM   653  O O   . TYR A 1 91  ? 5.370   -8.758  -6.852  1.00 19.92 ?  110 TYR A O   1 
ATOM   654  C CB  . TYR A 1 91  ? 8.686   -8.715  -6.619  1.00 21.23 ?  110 TYR A CB  1 
ATOM   655  C CG  . TYR A 1 91  ? 9.916   -9.596  -6.826  1.00 21.75 ?  110 TYR A CG  1 
ATOM   656  C CD1 . TYR A 1 91  ? 9.904   -10.672 -7.710  1.00 29.51 ?  110 TYR A CD1 1 
ATOM   657  C CD2 . TYR A 1 91  ? 11.073  -9.346  -6.115  1.00 24.90 ?  110 TYR A CD2 1 
ATOM   658  C CE1 . TYR A 1 91  ? 11.045  -11.475 -7.871  1.00 32.03 ?  110 TYR A CE1 1 
ATOM   659  C CE2 . TYR A 1 91  ? 12.194  -10.137 -6.266  1.00 29.50 ?  110 TYR A CE2 1 
ATOM   660  C CZ  . TYR A 1 91  ? 12.178  -11.195 -7.140  1.00 30.73 ?  110 TYR A CZ  1 
ATOM   661  O OH  . TYR A 1 91  ? 13.319  -11.969 -7.278  1.00 34.86 ?  110 TYR A OH  1 
ATOM   662  N N   . PHE A 1 92  ? 6.294   -6.769  -7.341  1.00 22.41 ?  111 PHE A N   1 
ATOM   663  C CA  . PHE A 1 92  ? 5.081   -6.056  -6.961  1.00 20.72 ?  111 PHE A CA  1 
ATOM   664  C C   . PHE A 1 92  ? 3.897   -6.506  -7.810  1.00 20.23 ?  111 PHE A C   1 
ATOM   665  O O   . PHE A 1 92  ? 2.809   -6.766  -7.286  1.00 19.91 ?  111 PHE A O   1 
ATOM   666  C CB  . PHE A 1 92  ? 5.286   -4.541  -7.088  1.00 21.49 ?  111 PHE A CB  1 
ATOM   667  C CG  . PHE A 1 92  ? 4.058   -3.747  -6.743  1.00 20.79 ?  111 PHE A CG  1 
ATOM   668  C CD1 . PHE A 1 92  ? 3.086   -3.518  -7.700  1.00 20.06 ?  111 PHE A CD1 1 
ATOM   669  C CD2 . PHE A 1 92  ? 3.867   -3.260  -5.464  1.00 24.86 ?  111 PHE A CD2 1 
ATOM   670  C CE1 . PHE A 1 92  ? 1.936   -2.805  -7.391  1.00 21.81 ?  111 PHE A CE1 1 
ATOM   671  C CE2 . PHE A 1 92  ? 2.713   -2.529  -5.149  1.00 22.18 ?  111 PHE A CE2 1 
ATOM   672  C CZ  . PHE A 1 92  ? 1.758   -2.310  -6.117  1.00 23.27 ?  111 PHE A CZ  1 
ATOM   673  N N   . THR A 1 93  ? 4.092   -6.616  -9.127  1.00 21.24 ?  112 THR A N   1 
ATOM   674  C CA  . THR A 1 93  ? 2.981   -6.989  -10.003 1.00 21.62 ?  112 THR A CA  1 
ATOM   675  C C   . THR A 1 93  ? 2.480   -8.403  -9.709  1.00 21.25 ?  112 THR A C   1 
ATOM   676  O O   . THR A 1 93  ? 1.267   -8.644  -9.678  1.00 22.91 ?  112 THR A O   1 
ATOM   677  C CB  . THR A 1 93  ? 3.405   -6.873  -11.463 1.00 25.36 ?  112 THR A CB  1 
ATOM   678  O OG1 . THR A 1 93  ? 3.866   -5.537  -11.715 1.00 28.85 ?  112 THR A OG1 1 
ATOM   679  C CG2 . THR A 1 93  ? 2.225   -7.163  -12.357 1.00 28.58 ?  112 THR A CG2 1 
ATOM   680  N N   . LYS A 1 94  ? 3.394   -9.344  -9.476  1.00 21.86 ?  113 LYS A N   1 
ATOM   681  C CA  . LYS A 1 94  ? 2.982   -10.710 -9.177  1.00 21.40 ?  113 LYS A CA  1 
ATOM   682  C C   . LYS A 1 94  ? 2.254   -10.784 -7.843  1.00 19.71 ?  113 LYS A C   1 
ATOM   683  O O   . LYS A 1 94  ? 1.252   -11.492 -7.716  1.00 21.01 ?  113 LYS A O   1 
ATOM   684  C CB  . LYS A 1 94  ? 4.201   -11.634 -9.178  1.00 23.50 ?  113 LYS A CB  1 
ATOM   685  C CG  . LYS A 1 94  ? 4.770   -11.860 -10.557 1.00 24.76 ?  113 LYS A CG  1 
ATOM   686  C CD  . LYS A 1 94  ? 6.050   -12.684 -10.493 1.00 30.24 ?  113 LYS A CD  1 
ATOM   687  C CE  . LYS A 1 94  ? 6.537   -13.073 -11.889 1.00 30.13 ?  113 LYS A CE  1 
ATOM   688  N NZ  . LYS A 1 94  ? 7.803   -13.863 -11.818 1.00 33.36 ?  113 LYS A NZ  1 
ATOM   689  N N   . ILE A 1 95  ? 2.754   -10.066 -6.838  1.00 21.18 ?  114 ILE A N   1 
ATOM   690  C CA  . ILE A 1 95  ? 2.114   -10.078 -5.526  1.00 19.65 ?  114 ILE A CA  1 
ATOM   691  C C   . ILE A 1 95  ? 0.738   -9.433  -5.610  1.00 19.59 ?  114 ILE A C   1 
ATOM   692  O O   . ILE A 1 95  ? -0.259  -9.977  -5.124  1.00 19.93 ?  114 ILE A O   1 
ATOM   693  C CB  . ILE A 1 95  ? 3.020   -9.369  -4.505  1.00 20.45 ?  114 ILE A CB  1 
ATOM   694  C CG1 . ILE A 1 95  ? 4.251   -10.253 -4.210  1.00 20.69 ?  114 ILE A CG1 1 
ATOM   695  C CG2 . ILE A 1 95  ? 2.256   -9.060  -3.227  1.00 20.53 ?  114 ILE A CG2 1 
ATOM   696  C CD1 . ILE A 1 95  ? 5.354   -9.546  -3.486  1.00 19.61 ?  114 ILE A CD1 1 
ATOM   697  N N   . ALA A 1 96  ? 0.667   -8.260  -6.240  1.00 19.34 ?  115 ALA A N   1 
ATOM   698  C CA  . ALA A 1 96  ? -0.606  -7.553  -6.332  1.00 19.98 ?  115 ALA A CA  1 
ATOM   699  C C   . ALA A 1 96  ? -1.629  -8.360  -7.126  1.00 21.06 ?  115 ALA A C   1 
ATOM   700  O O   . ALA A 1 96  ? -2.786  -8.485  -6.712  1.00 20.27 ?  115 ALA A O   1 
ATOM   701  C CB  . ALA A 1 96  ? -0.382  -6.173  -6.949  1.00 21.13 ?  115 ALA A CB  1 
ATOM   702  N N   . THR A 1 97  ? -1.213  -8.965  -8.237  1.00 20.66 ?  116 THR A N   1 
ATOM   703  C CA  . THR A 1 97  ? -2.156  -9.777  -9.006  1.00 20.30 ?  116 THR A CA  1 
ATOM   704  C C   . THR A 1 97  ? -2.705  -10.939 -8.180  1.00 23.18 ?  116 THR A C   1 
ATOM   705  O O   . THR A 1 97  ? -3.919  -11.195 -8.179  1.00 23.84 ?  116 THR A O   1 
ATOM   706  C CB  . THR A 1 97  ? -1.478  -10.281 -10.280 1.00 22.66 ?  116 THR A CB  1 
ATOM   707  O OG1 . THR A 1 97  ? -1.072  -9.155  -11.066 1.00 22.79 ?  116 THR A OG1 1 
ATOM   708  C CG2 . THR A 1 97  ? -2.439  -11.163 -11.096 1.00 27.33 ?  116 THR A CG2 1 
ATOM   709  N N   . SER A 1 98  ? -1.838  -11.652 -7.459  1.00 21.20 ?  117 SER A N   1 
ATOM   710  C CA  . SER A 1 98  ? -2.315  -12.807 -6.702  1.00 21.98 ?  117 SER A CA  1 
ATOM   711  C C   . SER A 1 98  ? -3.163  -12.379 -5.519  1.00 22.74 ?  117 SER A C   1 
ATOM   712  O O   . SER A 1 98  ? -4.080  -13.103 -5.110  1.00 23.76 ?  117 SER A O   1 
ATOM   713  C CB  . SER A 1 98  ? -1.127  -13.646 -6.227  1.00 26.68 ?  117 SER A CB  1 
ATOM   714  O OG  . SER A 1 98  ? -0.535  -14.300 -7.326  1.00 33.21 ?  117 SER A OG  1 
ATOM   715  N N   . LEU A 1 99  ? -2.875  -11.203 -4.965  1.00 20.69 ?  118 LEU A N   1 
ATOM   716  C CA  . LEU A 1 99  ? -3.638  -10.698 -3.829  1.00 20.98 ?  118 LEU A CA  1 
ATOM   717  C C   . LEU A 1 99  ? -5.121  -10.576 -4.161  1.00 22.07 ?  118 LEU A C   1 
ATOM   718  O O   . LEU A 1 99  ? -5.983  -10.907 -3.336  1.00 22.84 ?  118 LEU A O   1 
ATOM   719  C CB  . LEU A 1 99  ? -3.058  -9.346  -3.392  1.00 19.13 ?  118 LEU A CB  1 
ATOM   720  C CG  . LEU A 1 99  ? -3.833  -8.524  -2.345  1.00 22.32 ?  118 LEU A CG  1 
ATOM   721  C CD1 . LEU A 1 99  ? -4.049  -9.304  -1.049  1.00 23.21 ?  118 LEU A CD1 1 
ATOM   722  C CD2 . LEU A 1 99  ? -3.108  -7.183  -2.092  1.00 23.30 ?  118 LEU A CD2 1 
ATOM   723  N N   . PHE A 1 100 ? -5.438  -10.141 -5.370  1.00 21.24 ?  119 PHE A N   1 
ATOM   724  C CA  . PHE A 1 100 ? -6.823  -9.906  -5.763  1.00 22.63 ?  119 PHE A CA  1 
ATOM   725  C C   . PHE A 1 100 ? -7.435  -11.060 -6.547  1.00 24.67 ?  119 PHE A C   1 
ATOM   726  O O   . PHE A 1 100 ? -8.592  -10.954 -6.962  1.00 25.26 ?  119 PHE A O   1 
ATOM   727  C CB  . PHE A 1 100 ? -6.920  -8.602  -6.567  1.00 23.97 ?  119 PHE A CB  1 
ATOM   728  C CG  . PHE A 1 100 ? -6.538  -7.397  -5.766  1.00 22.98 ?  119 PHE A CG  1 
ATOM   729  C CD1 . PHE A 1 100 ? -7.325  -6.976  -4.707  1.00 21.52 ?  119 PHE A CD1 1 
ATOM   730  C CD2 . PHE A 1 100 ? -5.366  -6.707  -6.041  1.00 21.72 ?  119 PHE A CD2 1 
ATOM   731  C CE1 . PHE A 1 100 ? -6.947  -5.870  -3.935  1.00 21.99 ?  119 PHE A CE1 1 
ATOM   732  C CE2 . PHE A 1 100 ? -4.990  -5.611  -5.286  1.00 24.69 ?  119 PHE A CE2 1 
ATOM   733  C CZ  . PHE A 1 100 ? -5.782  -5.186  -4.233  1.00 21.18 ?  119 PHE A CZ  1 
ATOM   734  N N   . GLU A 1 101 ? -6.698  -12.165 -6.725  1.00 23.64 ?  120 GLU A N   1 
ATOM   735  C CA  . GLU A 1 101 ? -7.186  -13.266 -7.557  1.00 26.47 ?  120 GLU A CA  1 
ATOM   736  C C   . GLU A 1 101 ? -8.521  -13.809 -7.049  1.00 27.84 ?  120 GLU A C   1 
ATOM   737  O O   . GLU A 1 101 ? -9.435  -14.068 -7.843  1.00 34.74 ?  120 GLU A O   1 
ATOM   738  C CB  . GLU A 1 101 ? -6.138  -14.384 -7.615  1.00 27.44 ?  120 GLU A CB  1 
ATOM   739  C CG  . GLU A 1 101 ? -6.641  -15.657 -8.307  1.00 35.05 ?  120 GLU A CG  1 
ATOM   740  N N   . SER A 1 102 ? -8.658  -13.981 -5.737  1.00 26.73 ?  121 SER A N   1 
ATOM   741  C CA  . SER A 1 102 ? -9.883  -14.517 -5.150  1.00 28.31 ?  121 SER A CA  1 
ATOM   742  C C   . SER A 1 102 ? -10.885 -13.435 -4.762  1.00 36.50 ?  121 SER A C   1 
ATOM   743  O O   . SER A 1 102 ? -11.888 -13.741 -4.108  1.00 38.90 ?  121 SER A O   1 
ATOM   744  C CB  . SER A 1 102 ? -9.561  -15.379 -3.928  1.00 36.47 ?  121 SER A CB  1 
ATOM   745  O OG  . SER A 1 102 ? -8.995  -14.620 -2.871  1.00 36.06 ?  121 SER A OG  1 
ATOM   746  N N   . GLY A 1 103 ? -10.644 -12.183 -5.144  1.00 29.74 ?  122 GLY A N   1 
ATOM   747  C CA  . GLY A 1 103 ? -11.623 -11.144 -4.896  1.00 31.24 ?  122 GLY A CA  1 
ATOM   748  C C   . GLY A 1 103 ? -11.033 -9.864  -4.340  1.00 30.14 ?  122 GLY A C   1 
ATOM   749  O O   . GLY A 1 103 ? -9.927  -9.866  -3.785  1.00 26.23 ?  122 GLY A O   1 
ATOM   750  N N   . ILE A 1 104 ? -11.771 -8.765  -4.488  1.00 28.80 ?  123 ILE A N   1 
ATOM   751  C CA  . ILE A 1 104 ? -11.365 -7.457  -3.987  1.00 28.75 ?  123 ILE A CA  1 
ATOM   752  C C   . ILE A 1 104 ? -12.217 -7.108  -2.778  1.00 30.34 ?  123 ILE A C   1 
ATOM   753  O O   . ILE A 1 104 ? -13.439 -7.317  -2.786  1.00 29.47 ?  123 ILE A O   1 
ATOM   754  C CB  . ILE A 1 104 ? -11.510 -6.367  -5.060  1.00 26.00 ?  123 ILE A CB  1 
ATOM   755  C CG1 . ILE A 1 104 ? -10.868 -6.799  -6.377  1.00 30.27 ?  123 ILE A CG1 1 
ATOM   756  C CG2 . ILE A 1 104 ? -10.920 -5.043  -4.560  1.00 25.07 ?  123 ILE A CG2 1 
ATOM   757  C CD1 . ILE A 1 104 ? -11.309 -5.967  -7.545  1.00 28.63 ?  123 ILE A CD1 1 
ATOM   758  N N   . ASN A 1 105 ? -11.575 -6.576  -1.743  1.00 24.74 ?  124 ASN A N   1 
ATOM   759  C CA  . ASN A 1 105 ? -12.292 -5.878  -0.680  1.00 28.20 ?  124 ASN A CA  1 
ATOM   760  C C   . ASN A 1 105 ? -11.409 -4.735  -0.212  1.00 27.36 ?  124 ASN A C   1 
ATOM   761  O O   . ASN A 1 105 ? -10.254 -4.614  -0.627  1.00 22.71 ?  124 ASN A O   1 
ATOM   762  C CB  . ASN A 1 105 ? -12.701 -6.813  0.469   1.00 25.71 ?  124 ASN A CB  1 
ATOM   763  C CG  . ASN A 1 105 ? -11.510 -7.486  1.162   1.00 28.83 ?  124 ASN A CG  1 
ATOM   764  O OD1 . ASN A 1 105 ? -10.477 -6.868  1.403   1.00 26.98 ?  124 ASN A OD1 1 
ATOM   765  N ND2 . ASN A 1 105 ? -11.676 -8.764  1.504   1.00 30.58 ?  124 ASN A ND2 1 
ATOM   766  N N   . TRP A 1 106 ? -11.968 -3.870  0.636   1.00 22.73 ?  125 TRP A N   1 
ATOM   767  C CA  . TRP A 1 106 ? -11.207 -2.694  1.040   1.00 22.95 ?  125 TRP A CA  1 
ATOM   768  C C   . TRP A 1 106 ? -9.979  -3.093  1.837   1.00 22.99 ?  125 TRP A C   1 
ATOM   769  O O   . TRP A 1 106 ? -8.921  -2.460  1.721   1.00 22.59 ?  125 TRP A O   1 
ATOM   770  C CB  . TRP A 1 106 ? -12.078 -1.733  1.846   1.00 26.84 ?  125 TRP A CB  1 
ATOM   771  C CG  . TRP A 1 106 ? -12.822 -0.757  0.982   1.00 25.53 ?  125 TRP A CG  1 
ATOM   772  C CD1 . TRP A 1 106 ? -14.179 -0.655  0.825   1.00 29.44 ?  125 TRP A CD1 1 
ATOM   773  C CD2 . TRP A 1 106 ? -12.243 0.235   0.141   1.00 23.96 ?  125 TRP A CD2 1 
ATOM   774  N NE1 . TRP A 1 106 ? -14.470 0.347   -0.065  1.00 27.05 ?  125 TRP A NE1 1 
ATOM   775  C CE2 . TRP A 1 106 ? -13.300 0.918   -0.493  1.00 28.12 ?  125 TRP A CE2 1 
ATOM   776  C CE3 . TRP A 1 106 ? -10.927 0.623   -0.131  1.00 23.09 ?  125 TRP A CE3 1 
ATOM   777  C CZ2 . TRP A 1 106 ? -13.080 1.958   -1.390  1.00 23.88 ?  125 TRP A CZ2 1 
ATOM   778  C CZ3 . TRP A 1 106 ? -10.707 1.657   -1.018  1.00 23.95 ?  125 TRP A CZ3 1 
ATOM   779  C CH2 . TRP A 1 106 ? -11.777 2.323   -1.630  1.00 25.97 ?  125 TRP A CH2 1 
ATOM   780  N N   . GLY A 1 107 ? -10.102 -4.137  2.658   1.00 24.75 ?  126 GLY A N   1 
ATOM   781  C CA  . GLY A 1 107 ? -8.949  -4.600  3.416   1.00 25.43 ?  126 GLY A CA  1 
ATOM   782  C C   . GLY A 1 107 ? -7.778  -4.949  2.521   1.00 22.17 ?  126 GLY A C   1 
ATOM   783  O O   . GLY A 1 107 ? -6.638  -4.546  2.785   1.00 24.13 ?  126 GLY A O   1 
ATOM   784  N N   . ARG A 1 108 ? -8.049  -5.650  1.425   1.00 21.45 ?  127 ARG A N   1 
ATOM   785  C CA  . ARG A 1 108 ? -6.967  -6.032  0.521   1.00 22.15 ?  127 ARG A CA  1 
ATOM   786  C C   . ARG A 1 108 ? -6.450  -4.830  -0.263  1.00 22.70 ?  127 ARG A C   1 
ATOM   787  O O   . ARG A 1 108 ? -5.251  -4.738  -0.540  1.00 20.94 ?  127 ARG A O   1 
ATOM   788  C CB  . ARG A 1 108 ? -7.431  -7.146  -0.406  1.00 24.55 ?  127 ARG A CB  1 
ATOM   789  C CG  . ARG A 1 108 ? -7.745  -8.427  0.346   1.00 21.90 ?  127 ARG A CG  1 
ATOM   790  C CD  . ARG A 1 108 ? -8.216  -9.509  -0.587  1.00 25.00 ?  127 ARG A CD  1 
ATOM   791  N NE  . ARG A 1 108 ? -8.503  -10.730 0.159   1.00 26.76 ?  127 ARG A NE  1 
ATOM   792  C CZ  . ARG A 1 108 ? -8.765  -11.899 -0.409  1.00 30.40 ?  127 ARG A CZ  1 
ATOM   793  N NH1 . ARG A 1 108 ? -8.781  -12.014 -1.731  1.00 30.61 ?  127 ARG A NH1 1 
ATOM   794  N NH2 . ARG A 1 108 ? -9.019  -12.955 0.351   1.00 32.18 ?  127 ARG A NH2 1 
ATOM   795  N N   . VAL A 1 109 ? -7.335  -3.891  -0.631  1.00 22.30 ?  128 VAL A N   1 
ATOM   796  C CA  . VAL A 1 109 ? -6.869  -2.672  -1.293  1.00 19.57 ?  128 VAL A CA  1 
ATOM   797  C C   . VAL A 1 109 ? -5.938  -1.896  -0.370  1.00 20.66 ?  128 VAL A C   1 
ATOM   798  O O   . VAL A 1 109 ? -4.848  -1.464  -0.770  1.00 20.70 ?  128 VAL A O   1 
ATOM   799  C CB  . VAL A 1 109 ? -8.060  -1.807  -1.751  1.00 20.87 ?  128 VAL A CB  1 
ATOM   800  C CG1 . VAL A 1 109 ? -7.568  -0.428  -2.272  1.00 22.28 ?  128 VAL A CG1 1 
ATOM   801  C CG2 . VAL A 1 109 ? -8.848  -2.533  -2.821  1.00 20.67 ?  128 VAL A CG2 1 
ATOM   802  N N   . VAL A 1 110 ? -6.336  -1.741  0.895   1.00 19.33 ?  129 VAL A N   1 
ATOM   803  C CA  . VAL A 1 110 ? -5.494  -1.013  1.833   1.00 20.94 ?  129 VAL A CA  1 
ATOM   804  C C   . VAL A 1 110 ? -4.220  -1.792  2.130   1.00 20.85 ?  129 VAL A C   1 
ATOM   805  O O   . VAL A 1 110 ? -3.162  -1.191  2.342   1.00 22.41 ?  129 VAL A O   1 
ATOM   806  C CB  . VAL A 1 110 ? -6.272  -0.694  3.120   1.00 20.36 ?  129 VAL A CB  1 
ATOM   807  C CG1 . VAL A 1 110 ? -5.347  -0.079  4.175   1.00 23.49 ?  129 VAL A CG1 1 
ATOM   808  C CG2 . VAL A 1 110 ? -7.419  0.245   2.791   1.00 22.82 ?  129 VAL A CG2 1 
ATOM   809  N N   . ALA A 1 111 ? -4.282  -3.127  2.127   1.00 20.74 ?  130 ALA A N   1 
ATOM   810  C CA  . ALA A 1 111 ? -3.072  -3.910  2.376   1.00 22.69 ?  130 ALA A CA  1 
ATOM   811  C C   . ALA A 1 111 ? -2.035  -3.700  1.284   1.00 22.04 ?  130 ALA A C   1 
ATOM   812  O O   . ALA A 1 111 ? -0.831  -3.774  1.558   1.00 21.69 ?  130 ALA A O   1 
ATOM   813  C CB  . ALA A 1 111 ? -3.409  -5.402  2.496   1.00 23.89 ?  130 ALA A CB  1 
ATOM   814  N N   . LEU A 1 112 ? -2.474  -3.444  0.051   1.00 20.43 ?  131 LEU A N   1 
ATOM   815  C CA  . LEU A 1 112 ? -1.523  -3.175  -1.023  1.00 20.94 ?  131 LEU A CA  1 
ATOM   816  C C   . LEU A 1 112 ? -0.793  -1.853  -0.803  1.00 21.14 ?  131 LEU A C   1 
ATOM   817  O O   . LEU A 1 112 ? 0.397   -1.752  -1.117  1.00 19.82 ?  131 LEU A O   1 
ATOM   818  C CB  . LEU A 1 112 ? -2.231  -3.185  -2.381  1.00 22.63 ?  131 LEU A CB  1 
ATOM   819  C CG  . LEU A 1 112 ? -1.277  -3.100  -3.579  1.00 21.60 ?  131 LEU A CG  1 
ATOM   820  C CD1 . LEU A 1 112 ? -0.340  -4.325  -3.599  1.00 22.32 ?  131 LEU A CD1 1 
ATOM   821  C CD2 . LEU A 1 112 ? -2.029  -2.944  -4.909  1.00 26.54 ?  131 LEU A CD2 1 
ATOM   822  N N   . LEU A 1 113 ? -1.476  -0.830  -0.264  1.00 17.80 ?  132 LEU A N   1 
ATOM   823  C CA  . LEU A 1 113 ? -0.779  0.392   0.119   1.00 18.85 ?  132 LEU A CA  1 
ATOM   824  C C   . LEU A 1 113 ? 0.296   0.083   1.143   1.00 18.18 ?  132 LEU A C   1 
ATOM   825  O O   . LEU A 1 113 ? 1.423   0.574   1.043   1.00 18.79 ?  132 LEU A O   1 
ATOM   826  C CB  . LEU A 1 113 ? -1.750  1.421   0.697   1.00 23.53 ?  132 LEU A CB  1 
ATOM   827  C CG  . LEU A 1 113 ? -2.938  1.835   -0.158  1.00 23.57 ?  132 LEU A CG  1 
ATOM   828  C CD1 . LEU A 1 113 ? -3.723  2.894   0.615   1.00 25.42 ?  132 LEU A CD1 1 
ATOM   829  C CD2 . LEU A 1 113 ? -2.444  2.390   -1.473  1.00 22.89 ?  132 LEU A CD2 1 
ATOM   830  N N   . GLY A 1 114 ? -0.047  -0.739  2.139   1.00 18.92 ?  133 GLY A N   1 
ATOM   831  C CA  . GLY A 1 114 ? 0.928   -1.121  3.145   1.00 20.99 ?  133 GLY A CA  1 
ATOM   832  C C   . GLY A 1 114 ? 2.101   -1.865  2.538   1.00 21.68 ?  133 GLY A C   1 
ATOM   833  O O   . GLY A 1 114 ? 3.253   -1.622  2.898   1.00 20.23 ?  133 GLY A O   1 
ATOM   834  N N   . PHE A 1 115 ? 1.836   -2.749  1.574   1.00 19.14 ?  134 PHE A N   1 
ATOM   835  C CA  . PHE A 1 115 ? 2.968   -3.434  0.949   1.00 20.08 ?  134 PHE A CA  1 
ATOM   836  C C   . PHE A 1 115 ? 3.834   -2.454  0.165   1.00 20.07 ?  134 PHE A C   1 
ATOM   837  O O   . PHE A 1 115 ? 5.072   -2.543  0.195   1.00 19.49 ?  134 PHE A O   1 
ATOM   838  C CB  . PHE A 1 115 ? 2.504   -4.568  0.031   1.00 19.35 ?  134 PHE A CB  1 
ATOM   839  C CG  . PHE A 1 115 ? 3.663   -5.312  -0.602  1.00 19.43 ?  134 PHE A CG  1 
ATOM   840  C CD1 . PHE A 1 115 ? 4.499   -6.075  0.181   1.00 23.19 ?  134 PHE A CD1 1 
ATOM   841  C CD2 . PHE A 1 115 ? 3.949   -5.176  -1.948  1.00 24.51 ?  134 PHE A CD2 1 
ATOM   842  C CE1 . PHE A 1 115 ? 5.592   -6.739  -0.368  1.00 23.66 ?  134 PHE A CE1 1 
ATOM   843  C CE2 . PHE A 1 115 ? 5.047   -5.840  -2.508  1.00 23.24 ?  134 PHE A CE2 1 
ATOM   844  C CZ  . PHE A 1 115 ? 5.860   -6.621  -1.707  1.00 24.32 ?  134 PHE A CZ  1 
ATOM   845  N N   . GLY A 1 116 ? 3.205   -1.520  -0.552  1.00 18.84 ?  135 GLY A N   1 
ATOM   846  C CA  . GLY A 1 116 ? 3.980   -0.497  -1.237  1.00 19.58 ?  135 GLY A CA  1 
ATOM   847  C C   . GLY A 1 116 ? 4.898   0.257   -0.291  1.00 20.08 ?  135 GLY A C   1 
ATOM   848  O O   . GLY A 1 116 ? 6.065   0.494   -0.601  1.00 19.37 ?  135 GLY A O   1 
ATOM   849  N N   . TYR A 1 117 ? 4.373   0.655   0.871   1.00 17.85 ?  136 TYR A N   1 
ATOM   850  C CA  . TYR A 1 117 ? 5.187   1.330   1.880   1.00 18.48 ?  136 TYR A CA  1 
ATOM   851  C C   . TYR A 1 117 ? 6.381   0.467   2.286   1.00 19.93 ?  136 TYR A C   1 
ATOM   852  O O   . TYR A 1 117 ? 7.532   0.938   2.299   1.00 21.82 ?  136 TYR A O   1 
ATOM   853  C CB  . TYR A 1 117 ? 4.321   1.657   3.099   1.00 22.60 ?  136 TYR A CB  1 
ATOM   854  C CG  . TYR A 1 117 ? 5.137   2.147   4.269   1.00 20.96 ?  136 TYR A CG  1 
ATOM   855  C CD1 . TYR A 1 117 ? 5.590   3.457   4.308   1.00 24.22 ?  136 TYR A CD1 1 
ATOM   856  C CD2 . TYR A 1 117 ? 5.463   1.300   5.311   1.00 24.59 ?  136 TYR A CD2 1 
ATOM   857  C CE1 . TYR A 1 117 ? 6.352   3.906   5.363   1.00 25.64 ?  136 TYR A CE1 1 
ATOM   858  C CE2 . TYR A 1 117 ? 6.219   1.739   6.369   1.00 25.27 ?  136 TYR A CE2 1 
ATOM   859  C CZ  . TYR A 1 117 ? 6.666   3.043   6.388   1.00 26.98 ?  136 TYR A CZ  1 
ATOM   860  O OH  . TYR A 1 117 ? 7.416   3.478   7.457   1.00 30.41 ?  136 TYR A OH  1 
ATOM   861  N N   . ARG A 1 118 ? 6.123   -0.799  2.631   1.00 21.10 ?  137 ARG A N   1 
ATOM   862  C CA  . ARG A 1 118 ? 7.203   -1.675  3.091   1.00 20.25 ?  137 ARG A CA  1 
ATOM   863  C C   . ARG A 1 118 ? 8.215   -1.925  1.990   1.00 23.58 ?  137 ARG A C   1 
ATOM   864  O O   . ARG A 1 118 ? 9.422   -2.011  2.258   1.00 21.79 ?  137 ARG A O   1 
ATOM   865  C CB  . ARG A 1 118 ? 6.647   -3.003  3.600   1.00 23.17 ?  137 ARG A CB  1 
ATOM   866  C CG  . ARG A 1 118 ? 5.797   -2.897  4.859   1.00 29.40 ?  137 ARG A CG  1 
ATOM   867  C CD  . ARG A 1 118 ? 5.413   -4.279  5.364   1.00 35.58 ?  137 ARG A CD  1 
ATOM   868  N NE  . ARG A 1 118 ? 4.419   -4.247  6.438   1.00 41.44 ?  137 ARG A NE  1 
ATOM   869  C CZ  . ARG A 1 118 ? 4.719   -4.185  7.733   1.00 42.27 ?  137 ARG A CZ  1 
ATOM   870  N NH1 . ARG A 1 118 ? 5.988   -4.131  8.122   1.00 36.46 ?  137 ARG A NH1 1 
ATOM   871  N NH2 . ARG A 1 118 ? 3.749   -4.169  8.640   1.00 39.19 ?  137 ARG A NH2 1 
ATOM   872  N N   . LEU A 1 119 ? 7.743   -2.081  0.751   1.00 20.25 ?  138 LEU A N   1 
ATOM   873  C CA  . LEU A 1 119 ? 8.645   -2.279  -0.380  1.00 19.02 ?  138 LEU A CA  1 
ATOM   874  C C   . LEU A 1 119 ? 9.548   -1.068  -0.586  1.00 21.05 ?  138 LEU A C   1 
ATOM   875  O O   . LEU A 1 119 ? 10.757  -1.213  -0.799  1.00 24.59 ?  138 LEU A O   1 
ATOM   876  C CB  . LEU A 1 119 ? 7.838   -2.570  -1.650  1.00 20.08 ?  138 LEU A CB  1 
ATOM   877  C CG  . LEU A 1 119 ? 8.597   -2.770  -2.962  1.00 21.59 ?  138 LEU A CG  1 
ATOM   878  C CD1 . LEU A 1 119 ? 9.532   -3.984  -2.841  1.00 23.36 ?  138 LEU A CD1 1 
ATOM   879  C CD2 . LEU A 1 119 ? 7.619   -2.965  -4.122  1.00 23.28 ?  138 LEU A CD2 1 
ATOM   880  N N   . ALA A 1 120 ? 8.976   0.137   -0.530  1.00 19.08 ?  139 ALA A N   1 
ATOM   881  C CA  . ALA A 1 120 ? 9.790   1.337   -0.690  1.00 21.94 ?  139 ALA A CA  1 
ATOM   882  C C   . ALA A 1 120 ? 10.793  1.456   0.443   1.00 23.71 ?  139 ALA A C   1 
ATOM   883  O O   . ALA A 1 120 ? 11.963  1.791   0.215   1.00 28.39 ?  139 ALA A O   1 
ATOM   884  C CB  . ALA A 1 120 ? 8.896   2.584   -0.756  1.00 23.17 ?  139 ALA A CB  1 
ATOM   885  N N   . LEU A 1 121 ? 10.355  1.169   1.671   1.00 22.67 ?  140 LEU A N   1 
ATOM   886  C CA  . LEU A 1 121 ? 11.244  1.258   2.820   1.00 24.76 ?  140 LEU A CA  1 
ATOM   887  C C   . LEU A 1 121 ? 12.404  0.288   2.672   1.00 25.83 ?  140 LEU A C   1 
ATOM   888  O O   . LEU A 1 121 ? 13.567  0.654   2.894   1.00 28.38 ?  140 LEU A O   1 
ATOM   889  C CB  . LEU A 1 121 ? 10.451  0.969   4.094   1.00 26.98 ?  140 LEU A CB  1 
ATOM   890  C CG  . LEU A 1 121 ? 11.161  1.120   5.434   1.00 34.33 ?  140 LEU A CG  1 
ATOM   891  C CD1 . LEU A 1 121 ? 11.799  2.496   5.516   1.00 36.55 ?  140 LEU A CD1 1 
ATOM   892  C CD2 . LEU A 1 121 ? 10.175  0.888   6.582   1.00 33.28 ?  140 LEU A CD2 1 
ATOM   893  N N   . HIS A 1 122 ? 12.110  -0.937  2.235   1.00 23.97 ?  141 HIS A N   1 
ATOM   894  C CA  . HIS A 1 122 ? 13.147  -1.963  2.136   1.00 25.88 ?  141 HIS A CA  1 
ATOM   895  C C   . HIS A 1 122 ? 14.182  -1.622  1.069   1.00 28.40 ?  141 HIS A C   1 
ATOM   896  O O   . HIS A 1 122 ? 15.391  -1.780  1.297   1.00 29.27 ?  141 HIS A O   1 
ATOM   897  C CB  . HIS A 1 122 ? 12.510  -3.324  1.841   1.00 25.91 ?  141 HIS A CB  1 
ATOM   898  C CG  . HIS A 1 122 ? 13.499  -4.447  1.853   1.00 27.97 ?  141 HIS A CG  1 
ATOM   899  N ND1 . HIS A 1 122 ? 13.681  -5.259  2.949   1.00 32.43 ?  141 HIS A ND1 1 
ATOM   900  C CD2 . HIS A 1 122 ? 14.396  -4.855  0.925   1.00 32.85 ?  141 HIS A CD2 1 
ATOM   901  C CE1 . HIS A 1 122 ? 14.635  -6.136  2.687   1.00 30.62 ?  141 HIS A CE1 1 
ATOM   902  N NE2 . HIS A 1 122 ? 15.086  -5.912  1.467   1.00 31.14 ?  141 HIS A NE2 1 
ATOM   903  N N   . VAL A 1 123 ? 13.735  -1.176  -0.107  1.00 24.21 ?  142 VAL A N   1 
ATOM   904  C CA  . VAL A 1 123 ? 14.662  -0.862  -1.194  1.00 25.71 ?  142 VAL A CA  1 
ATOM   905  C C   . VAL A 1 123 ? 15.563  0.309   -0.803  1.00 36.37 ?  142 VAL A C   1 
ATOM   906  O O   . VAL A 1 123 ? 16.767  0.312   -1.097  1.00 41.27 ?  142 VAL A O   1 
ATOM   907  C CB  . VAL A 1 123 ? 13.885  -0.601  -2.500  1.00 31.36 ?  142 VAL A CB  1 
ATOM   908  C CG1 . VAL A 1 123 ? 14.795  -0.069  -3.599  1.00 31.17 ?  142 VAL A CG1 1 
ATOM   909  C CG2 . VAL A 1 123 ? 13.218  -1.891  -2.963  1.00 30.68 ?  142 VAL A CG2 1 
ATOM   910  N N   . TYR A 1 124 ? 15.006  1.302   -0.103  1.00 28.13 ?  143 TYR A N   1 
ATOM   911  C CA  . TYR A 1 124 ? 15.833  2.397   0.400   1.00 28.70 ?  143 TYR A CA  1 
ATOM   912  C C   . TYR A 1 124 ? 16.888  1.889   1.375   1.00 33.17 ?  143 TYR A C   1 
ATOM   913  O O   . TYR A 1 124 ? 18.070  2.249   1.280   1.00 36.59 ?  143 TYR A O   1 
ATOM   914  C CB  . TYR A 1 124 ? 14.964  3.453   1.086   1.00 28.59 ?  143 TYR A CB  1 
ATOM   915  C CG  . TYR A 1 124 ? 15.786  4.494   1.814   1.00 25.84 ?  143 TYR A CG  1 
ATOM   916  C CD1 . TYR A 1 124 ? 16.345  5.554   1.124   1.00 26.49 ?  143 TYR A CD1 1 
ATOM   917  C CD2 . TYR A 1 124 ? 16.004  4.407   3.187   1.00 27.05 ?  143 TYR A CD2 1 
ATOM   918  C CE1 . TYR A 1 124 ? 17.108  6.505   1.785   1.00 29.46 ?  143 TYR A CE1 1 
ATOM   919  C CE2 . TYR A 1 124 ? 16.765  5.357   3.854   1.00 27.94 ?  143 TYR A CE2 1 
ATOM   920  C CZ  . TYR A 1 124 ? 17.314  6.395   3.143   1.00 30.60 ?  143 TYR A CZ  1 
ATOM   921  O OH  . TYR A 1 124 ? 18.066  7.351   3.786   1.00 31.13 ?  143 TYR A OH  1 
ATOM   922  N N   . GLN A 1 125 ? 16.468  1.074   2.345   1.00 30.19 ?  144 GLN A N   1 
ATOM   923  C CA  . GLN A 1 125 ? 17.378  0.639   3.399   1.00 36.00 ?  144 GLN A CA  1 
ATOM   924  C C   . GLN A 1 125 ? 18.543  -0.173  2.848   1.00 37.47 ?  144 GLN A C   1 
ATOM   925  O O   . GLN A 1 125 ? 19.630  -0.167  3.441   1.00 38.93 ?  144 GLN A O   1 
ATOM   926  C CB  . GLN A 1 125 ? 16.615  -0.158  4.456   1.00 32.29 ?  144 GLN A CB  1 
ATOM   927  C CG  . GLN A 1 125 ? 15.583  0.665   5.212   1.00 38.00 ?  144 GLN A CG  1 
ATOM   928  C CD  . GLN A 1 125 ? 14.742  -0.164  6.161   1.00 32.52 ?  144 GLN A CD  1 
ATOM   929  O OE1 . GLN A 1 125 ? 14.530  -1.362  5.938   1.00 37.38 ?  144 GLN A OE1 1 
ATOM   930  N NE2 . GLN A 1 125 ? 14.248  0.466   7.217   1.00 34.89 ?  144 GLN A NE2 1 
ATOM   931  N N   . HIS A 1 126 ? 18.356  -0.841  1.709   1.00 35.06 ?  145 HIS A N   1 
ATOM   932  C CA  . HIS A 1 126 ? 19.343  -1.780  1.185   1.00 36.27 ?  145 HIS A CA  1 
ATOM   933  C C   . HIS A 1 126 ? 19.991  -1.335  -0.121  1.00 40.85 ?  145 HIS A C   1 
ATOM   934  O O   . HIS A 1 126 ? 20.884  -2.032  -0.617  1.00 46.20 ?  145 HIS A O   1 
ATOM   935  C CB  . HIS A 1 126 ? 18.708  -3.161  0.983   1.00 36.89 ?  145 HIS A CB  1 
ATOM   936  C CG  . HIS A 1 126 ? 18.448  -3.906  2.255   1.00 35.55 ?  145 HIS A CG  1 
ATOM   937  N ND1 . HIS A 1 126 ? 17.275  -3.784  2.968   1.00 34.02 ?  145 HIS A ND1 1 
ATOM   938  C CD2 . HIS A 1 126 ? 19.216  -4.784  2.942   1.00 37.45 ?  145 HIS A CD2 1 
ATOM   939  C CE1 . HIS A 1 126 ? 17.331  -4.557  4.038   1.00 33.49 ?  145 HIS A CE1 1 
ATOM   940  N NE2 . HIS A 1 126 ? 18.498  -5.174  4.044   1.00 39.46 ?  145 HIS A NE2 1 
ATOM   941  N N   . GLY A 1 127 ? 19.572  -0.211  -0.700  1.00 40.73 ?  146 GLY A N   1 
ATOM   942  C CA  . GLY A 1 127 ? 20.221  0.284   -1.901  1.00 41.52 ?  146 GLY A CA  1 
ATOM   943  C C   . GLY A 1 127 ? 20.701  1.718   -1.796  1.00 40.93 ?  146 GLY A C   1 
ATOM   944  O O   . GLY A 1 127 ? 20.953  2.221   -0.698  1.00 44.14 ?  146 GLY A O   1 
ATOM   945  N N   . LEU A 1 128 ? 20.835  2.386   -2.938  1.00 47.62 ?  147 LEU A N   1 
ATOM   946  C CA  . LEU A 1 128 ? 21.110  3.820   -2.964  1.00 45.14 ?  147 LEU A CA  1 
ATOM   947  C C   . LEU A 1 128 ? 19.945  4.573   -3.611  1.00 47.27 ?  147 LEU A C   1 
ATOM   948  O O   . LEU A 1 128 ? 19.877  4.721   -4.833  1.00 54.75 ?  147 LEU A O   1 
ATOM   949  C CB  . LEU A 1 128 ? 22.412  4.108   -3.712  1.00 43.80 ?  147 LEU A CB  1 
ATOM   950  N N   . PHE A 1 131 ? 13.386  5.416   -4.131  1.00 40.13 ?  150 PHE A N   1 
ATOM   951  C CA  . PHE A 1 131 ? 12.543  4.568   -4.975  1.00 27.29 ?  150 PHE A CA  1 
ATOM   952  C C   . PHE A 1 131 ? 11.064  4.831   -4.721  1.00 27.13 ?  150 PHE A C   1 
ATOM   953  O O   . PHE A 1 131 ? 10.196  4.154   -5.284  1.00 25.61 ?  150 PHE A O   1 
ATOM   954  C CB  . PHE A 1 131 ? 12.844  3.093   -4.734  1.00 32.65 ?  150 PHE A CB  1 
ATOM   955  C CG  . PHE A 1 131 ? 12.576  2.226   -5.927  1.00 26.24 ?  150 PHE A CG  1 
ATOM   956  C CD1 . PHE A 1 131 ? 13.234  2.474   -7.122  1.00 29.86 ?  150 PHE A CD1 1 
ATOM   957  C CD2 . PHE A 1 131 ? 11.690  1.171   -5.855  1.00 27.47 ?  150 PHE A CD2 1 
ATOM   958  C CE1 . PHE A 1 131 ? 13.002  1.685   -8.232  1.00 33.44 ?  150 PHE A CE1 1 
ATOM   959  C CE2 . PHE A 1 131 ? 11.456  0.382   -6.958  1.00 28.51 ?  150 PHE A CE2 1 
ATOM   960  C CZ  . PHE A 1 131 ? 12.110  0.644   -8.150  1.00 29.89 ?  150 PHE A CZ  1 
ATOM   961  N N   . LEU A 1 132 ? 10.778  5.824   -3.878  1.00 24.65 ?  151 LEU A N   1 
ATOM   962  C CA  . LEU A 1 132 ? 9.391   6.075   -3.503  1.00 23.29 ?  151 LEU A CA  1 
ATOM   963  C C   . LEU A 1 132 ? 8.566   6.506   -4.705  1.00 23.30 ?  151 LEU A C   1 
ATOM   964  O O   . LEU A 1 132 ? 7.426   6.049   -4.878  1.00 23.12 ?  151 LEU A O   1 
ATOM   965  C CB  . LEU A 1 132 ? 9.323   7.120   -2.393  1.00 26.83 ?  151 LEU A CB  1 
ATOM   966  C CG  . LEU A 1 132 ? 7.903   7.453   -1.934  1.00 25.85 ?  151 LEU A CG  1 
ATOM   967  C CD1 . LEU A 1 132 ? 7.212   6.199   -1.381  1.00 24.96 ?  151 LEU A CD1 1 
ATOM   968  C CD2 . LEU A 1 132 ? 7.929   8.568   -0.892  1.00 28.45 ?  151 LEU A CD2 1 
ATOM   969  N N   . GLY A 1 133 ? 9.125   7.370   -5.558  1.00 24.76 ?  152 GLY A N   1 
ATOM   970  C CA  . GLY A 1 133 ? 8.401   7.780   -6.754  1.00 24.57 ?  152 GLY A CA  1 
ATOM   971  C C   . GLY A 1 133 ? 8.003   6.605   -7.631  1.00 26.51 ?  152 GLY A C   1 
ATOM   972  O O   . GLY A 1 133 ? 6.895   6.566   -8.172  1.00 22.84 ?  152 GLY A O   1 
ATOM   973  N N   . GLN A 1 134 ? 8.903   5.634   -7.784  1.00 24.82 ?  153 GLN A N   1 
ATOM   974  C CA  . GLN A 1 134 ? 8.601   4.460   -8.603  1.00 23.35 ?  153 GLN A CA  1 
ATOM   975  C C   . GLN A 1 134 ? 7.510   3.607   -7.969  1.00 21.75 ?  153 GLN A C   1 
ATOM   976  O O   . GLN A 1 134 ? 6.555   3.203   -8.641  1.00 20.46 ?  153 GLN A O   1 
ATOM   977  C CB  . GLN A 1 134 ? 9.868   3.625   -8.808  1.00 24.52 ?  153 GLN A CB  1 
ATOM   978  C CG  . GLN A 1 134 ? 10.891  4.251   -9.754  1.00 32.41 ?  153 GLN A CG  1 
ATOM   979  C CD  . GLN A 1 134 ? 11.987  4.982   -9.011  1.00 38.45 ?  153 GLN A CD  1 
ATOM   980  O OE1 . GLN A 1 134 ? 11.762  5.520   -7.922  1.00 36.48 ?  153 GLN A OE1 1 
ATOM   981  N NE2 . GLN A 1 134 ? 13.186  5.007   -9.590  1.00 38.97 ?  153 GLN A NE2 1 
ATOM   982  N N   . VAL A 1 135 ? 7.637   3.315   -6.672  1.00 20.35 ?  154 VAL A N   1 
ATOM   983  C CA  . VAL A 1 135 ? 6.627   2.485   -6.013  1.00 18.97 ?  154 VAL A CA  1 
ATOM   984  C C   . VAL A 1 135 ? 5.266   3.164   -6.074  1.00 19.25 ?  154 VAL A C   1 
ATOM   985  O O   . VAL A 1 135 ? 4.234   2.505   -6.255  1.00 19.00 ?  154 VAL A O   1 
ATOM   986  C CB  . VAL A 1 135 ? 7.043   2.179   -4.566  1.00 19.20 ?  154 VAL A CB  1 
ATOM   987  C CG1 . VAL A 1 135 ? 5.968   1.391   -3.863  1.00 19.25 ?  154 VAL A CG1 1 
ATOM   988  C CG2 . VAL A 1 135 ? 8.359   1.377   -4.559  1.00 21.26 ?  154 VAL A CG2 1 
ATOM   989  N N   . THR A 1 136 ? 5.244   4.492   -5.945  1.00 17.74 ?  155 THR A N   1 
ATOM   990  C CA  . THR A 1 136 ? 3.991   5.228   -6.113  1.00 17.85 ?  155 THR A CA  1 
ATOM   991  C C   . THR A 1 136 ? 3.374   4.937   -7.477  1.00 20.19 ?  155 THR A C   1 
ATOM   992  O O   . THR A 1 136 ? 2.174   4.663   -7.583  1.00 20.55 ?  155 THR A O   1 
ATOM   993  C CB  . THR A 1 136 ? 4.222   6.735   -5.939  1.00 18.12 ?  155 THR A CB  1 
ATOM   994  O OG1 . THR A 1 136 ? 4.719   6.980   -4.620  1.00 20.06 ?  155 THR A OG1 1 
ATOM   995  C CG2 . THR A 1 136 ? 2.902   7.492   -6.117  1.00 22.97 ?  155 THR A CG2 1 
ATOM   996  N N   . ARG A 1 137 ? 4.185   4.981   -8.541  1.00 21.14 ?  156 ARG A N   1 
ATOM   997  C CA  . ARG A 1 137 ? 3.647   4.660   -9.862  1.00 21.00 ?  156 ARG A CA  1 
ATOM   998  C C   . ARG A 1 137 ? 3.165   3.219   -9.929  1.00 22.05 ?  156 ARG A C   1 
ATOM   999  O O   . ARG A 1 137 ? 2.122   2.945   -10.534 1.00 21.86 ?  156 ARG A O   1 
ATOM   1000 C CB  . ARG A 1 137 ? 4.684   4.900   -10.964 1.00 25.95 ?  156 ARG A CB  1 
ATOM   1001 C CG  . ARG A 1 137 ? 5.185   6.314   -11.101 1.00 28.97 ?  156 ARG A CG  1 
ATOM   1002 C CD  . ARG A 1 137 ? 4.090   7.303   -11.416 1.00 34.94 ?  156 ARG A CD  1 
ATOM   1003 N NE  . ARG A 1 137 ? 2.998   6.774   -12.232 1.00 37.73 ?  156 ARG A NE  1 
ATOM   1004 C CZ  . ARG A 1 137 ? 1.747   7.207   -12.123 1.00 38.90 ?  156 ARG A CZ  1 
ATOM   1005 N NH1 . ARG A 1 137 ? 1.454   8.151   -11.230 1.00 38.88 ?  156 ARG A NH1 1 
ATOM   1006 N NH2 . ARG A 1 137 ? 0.792   6.705   -12.897 1.00 37.49 ?  156 ARG A NH2 1 
ATOM   1007 N N   . PHE A 1 138 ? 3.914   2.279   -9.331  1.00 20.06 ?  157 PHE A N   1 
ATOM   1008 C CA  . PHE A 1 138 ? 3.491   0.876   -9.359  1.00 18.65 ?  157 PHE A CA  1 
ATOM   1009 C C   . PHE A 1 138 ? 2.093   0.725   -8.776  1.00 20.08 ?  157 PHE A C   1 
ATOM   1010 O O   . PHE A 1 138 ? 1.237   0.027   -9.337  1.00 18.81 ?  157 PHE A O   1 
ATOM   1011 C CB  . PHE A 1 138 ? 4.432   -0.024  -8.552  1.00 18.34 ?  157 PHE A CB  1 
ATOM   1012 C CG  . PHE A 1 138 ? 5.838   -0.112  -9.058  1.00 19.43 ?  157 PHE A CG  1 
ATOM   1013 C CD1 . PHE A 1 138 ? 6.226   0.438   -10.266 1.00 21.62 ?  157 PHE A CD1 1 
ATOM   1014 C CD2 . PHE A 1 138 ? 6.777   -0.778  -8.287  1.00 22.19 ?  157 PHE A CD2 1 
ATOM   1015 C CE1 . PHE A 1 138 ? 7.544   0.343   -10.689 1.00 25.28 ?  157 PHE A CE1 1 
ATOM   1016 C CE2 . PHE A 1 138 ? 8.103   -0.881  -8.704  1.00 23.86 ?  157 PHE A CE2 1 
ATOM   1017 C CZ  . PHE A 1 138 ? 8.481   -0.318  -9.904  1.00 24.04 ?  157 PHE A CZ  1 
ATOM   1018 N N   . VAL A 1 139 ? 1.869   1.343   -7.616  1.00 19.80 ?  158 VAL A N   1 
ATOM   1019 C CA  . VAL A 1 139 ? 0.583   1.231   -6.930  1.00 17.12 ?  158 VAL A CA  1 
ATOM   1020 C C   . VAL A 1 139 ? -0.522  1.834   -7.789  1.00 17.14 ?  158 VAL A C   1 
ATOM   1021 O O   . VAL A 1 139 ? -1.553  1.200   -8.048  1.00 20.87 ?  158 VAL A O   1 
ATOM   1022 C CB  . VAL A 1 139 ? 0.644   1.909   -5.547  1.00 18.37 ?  158 VAL A CB  1 
ATOM   1023 C CG1 . VAL A 1 139 ? -0.749  1.975   -4.920  1.00 21.21 ?  158 VAL A CG1 1 
ATOM   1024 C CG2 . VAL A 1 139 ? 1.630   1.187   -4.605  1.00 19.07 ?  158 VAL A CG2 1 
ATOM   1025 N N   . VAL A 1 140 ? -0.306  3.054   -8.273  1.00 19.20 ?  159 VAL A N   1 
ATOM   1026 C CA  . VAL A 1 140 ? -1.338  3.745   -9.051  1.00 19.71 ?  159 VAL A CA  1 
ATOM   1027 C C   . VAL A 1 140 ? -1.630  2.994   -10.341 1.00 21.83 ?  159 VAL A C   1 
ATOM   1028 O O   . VAL A 1 140 ? -2.794  2.750   -10.694 1.00 22.59 ?  159 VAL A O   1 
ATOM   1029 C CB  . VAL A 1 140 ? -0.909  5.191   -9.343  1.00 22.17 ?  159 VAL A CB  1 
ATOM   1030 C CG1 . VAL A 1 140 ? -1.903  5.848   -10.304 1.00 24.56 ?  159 VAL A CG1 1 
ATOM   1031 C CG2 . VAL A 1 140 ? -0.790  5.971   -8.047  1.00 22.33 ?  159 VAL A CG2 1 
ATOM   1032 N N   . ASP A 1 141 ? -0.576  2.641   -11.079 1.00 22.13 ?  160 ASP A N   1 
ATOM   1033 C CA  . ASP A 1 141 ? -0.752  2.007   -12.385 1.00 20.88 ?  160 ASP A CA  1 
ATOM   1034 C C   . ASP A 1 141 ? -1.400  0.639   -12.250 1.00 21.33 ?  160 ASP A C   1 
ATOM   1035 O O   . ASP A 1 141 ? -2.264  0.271   -13.058 1.00 22.22 ?  160 ASP A O   1 
ATOM   1036 C CB  . ASP A 1 141 ? 0.597   1.851   -13.096 1.00 24.19 ?  160 ASP A CB  1 
ATOM   1037 C CG  . ASP A 1 141 ? 1.151   3.156   -13.646 1.00 30.46 ?  160 ASP A CG  1 
ATOM   1038 O OD1 . ASP A 1 141 ? 0.459   4.193   -13.588 1.00 40.11 ?  160 ASP A OD1 1 
ATOM   1039 O OD2 . ASP A 1 141 ? 2.305   3.120   -14.142 1.00 27.59 ?  160 ASP A OD2 1 
ATOM   1040 N N   . PHE A 1 142 ? -0.980  -0.143  -11.254 1.00 19.02 ?  161 PHE A N   1 
ATOM   1041 C CA  . PHE A 1 142 ? -1.584  -1.459  -11.084 1.00 18.05 ?  161 PHE A CA  1 
ATOM   1042 C C   . PHE A 1 142 ? -3.073  -1.332  -10.816 1.00 20.99 ?  161 PHE A C   1 
ATOM   1043 O O   . PHE A 1 142 ? -3.900  -2.013  -11.446 1.00 18.72 ?  161 PHE A O   1 
ATOM   1044 C CB  . PHE A 1 142 ? -0.931  -2.241  -9.944  1.00 20.00 ?  161 PHE A CB  1 
ATOM   1045 C CG  . PHE A 1 142 ? -1.602  -3.554  -9.703  1.00 17.41 ?  161 PHE A CG  1 
ATOM   1046 C CD1 . PHE A 1 142 ? -2.661  -3.657  -8.804  1.00 20.42 ?  161 PHE A CD1 1 
ATOM   1047 C CD2 . PHE A 1 142 ? -1.228  -4.687  -10.423 1.00 18.64 ?  161 PHE A CD2 1 
ATOM   1048 C CE1 . PHE A 1 142 ? -3.329  -4.854  -8.618  1.00 20.70 ?  161 PHE A CE1 1 
ATOM   1049 C CE2 . PHE A 1 142 ? -1.891  -5.896  -10.231 1.00 21.64 ?  161 PHE A CE2 1 
ATOM   1050 C CZ  . PHE A 1 142 ? -2.937  -5.985  -9.322  1.00 18.78 ?  161 PHE A CZ  1 
ATOM   1051 N N   . MET A 1 143 ? -3.438  -0.485  -9.856  1.00 20.27 ?  162 MET A N   1 
ATOM   1052 C CA  . MET A 1 143 ? -4.848  -0.373  -9.514  1.00 20.10 ?  162 MET A CA  1 
ATOM   1053 C C   . MET A 1 143 ? -5.656  0.133   -10.703 1.00 20.28 ?  162 MET A C   1 
ATOM   1054 O O   . MET A 1 143 ? -6.758  -0.360  -10.967 1.00 22.76 ?  162 MET A O   1 
ATOM   1055 C CB  . MET A 1 143 ? -5.022  0.538   -8.298  1.00 21.33 ?  162 MET A CB  1 
ATOM   1056 C CG  . MET A 1 143 ? -4.433  -0.057  -7.009  1.00 19.46 ?  162 MET A CG  1 
ATOM   1057 S SD  . MET A 1 143 ? -4.979  0.973   -5.629  1.00 22.20 ?  162 MET A SD  1 
ATOM   1058 C CE  . MET A 1 143 ? -4.308  0.099   -4.233  1.00 26.96 ?  162 MET A CE  1 
ATOM   1059 N N   . LEU A 1 144 ? -5.095  1.075   -11.462 1.00 19.88 ?  163 LEU A N   1 
ATOM   1060 C CA  . LEU A 1 144 ? -5.778  1.575   -12.652 1.00 22.03 ?  163 LEU A CA  1 
ATOM   1061 C C   . LEU A 1 144 ? -5.948  0.472   -13.695 1.00 23.00 ?  163 LEU A C   1 
ATOM   1062 O O   . LEU A 1 144 ? -7.068  0.178   -14.130 1.00 23.22 ?  163 LEU A O   1 
ATOM   1063 C CB  . LEU A 1 144 ? -5.001  2.760   -13.233 1.00 21.39 ?  163 LEU A CB  1 
ATOM   1064 C CG  . LEU A 1 144 ? -5.618  3.357   -14.503 1.00 25.86 ?  163 LEU A CG  1 
ATOM   1065 C CD1 . LEU A 1 144 ? -7.108  3.654   -14.283 1.00 24.77 ?  163 LEU A CD1 1 
ATOM   1066 C CD2 . LEU A 1 144 ? -4.889  4.616   -14.927 1.00 26.60 ?  163 LEU A CD2 1 
ATOM   1067 N N   . HIS A 1 145 ? -4.843  -0.167  -14.106 1.00 21.88 ?  164 HIS A N   1 
ATOM   1068 C CA  . HIS A 1 145 ? -4.940  -1.091  -15.239 1.00 23.94 ?  164 HIS A CA  1 
ATOM   1069 C C   . HIS A 1 145 ? -5.594  -2.422  -14.863 1.00 24.27 ?  164 HIS A C   1 
ATOM   1070 O O   . HIS A 1 145 ? -6.189  -3.082  -15.726 1.00 23.14 ?  164 HIS A O   1 
ATOM   1071 C CB  . HIS A 1 145 ? -3.567  -1.352  -15.850 1.00 21.69 ?  164 HIS A CB  1 
ATOM   1072 C CG  . HIS A 1 145 ? -2.885  -0.131  -16.396 1.00 27.85 ?  164 HIS A CG  1 
ATOM   1073 N ND1 . HIS A 1 145 ? -3.568  0.928   -16.949 1.00 36.56 ?  164 HIS A ND1 1 
ATOM   1074 C CD2 . HIS A 1 145 ? -1.570  0.194   -16.458 1.00 32.80 ?  164 HIS A CD2 1 
ATOM   1075 C CE1 . HIS A 1 145 ? -2.704  1.852   -17.333 1.00 31.96 ?  164 HIS A CE1 1 
ATOM   1076 N NE2 . HIS A 1 145 ? -1.486  1.429   -17.051 1.00 34.22 ?  164 HIS A NE2 1 
ATOM   1077 N N   . HIS A 1 146 ? -5.486  -2.851  -13.606 1.00 19.89 ?  165 HIS A N   1 
ATOM   1078 C CA  . HIS A 1 146 ? -6.068  -4.127  -13.200 1.00 17.99 ?  165 HIS A CA  1 
ATOM   1079 C C   . HIS A 1 146 ? -7.537  -4.012  -12.808 1.00 25.56 ?  165 HIS A C   1 
ATOM   1080 O O   . HIS A 1 146 ? -8.163  -5.032  -12.497 1.00 25.55 ?  165 HIS A O   1 
ATOM   1081 C CB  . HIS A 1 146 ? -5.250  -4.721  -12.039 1.00 22.19 ?  165 HIS A CB  1 
ATOM   1082 C CG  . HIS A 1 146 ? -5.484  -6.179  -11.813 1.00 21.15 ?  165 HIS A CG  1 
ATOM   1083 N ND1 . HIS A 1 146 ? -5.246  -7.131  -12.782 1.00 26.09 ?  165 HIS A ND1 1 
ATOM   1084 C CD2 . HIS A 1 146 ? -5.915  -6.849  -10.720 1.00 22.08 ?  165 HIS A CD2 1 
ATOM   1085 C CE1 . HIS A 1 146 ? -5.515  -8.329  -12.290 1.00 25.53 ?  165 HIS A CE1 1 
ATOM   1086 N NE2 . HIS A 1 146 ? -5.930  -8.185  -11.044 1.00 24.50 ?  165 HIS A NE2 1 
ATOM   1087 N N   . SER A 1 147 ? -8.089  -2.797  -12.827 1.00 31.82 ?  166 SER A N   1 
ATOM   1088 C CA  . SER A 1 147 ? -9.501  -2.479  -12.597 1.00 26.76 ?  166 SER A CA  1 
ATOM   1089 C C   . SER A 1 147 ? -9.862  -2.378  -11.118 1.00 24.92 ?  166 SER A C   1 
ATOM   1090 O O   . SER A 1 147 ? -11.050 -2.379  -10.764 1.00 24.59 ?  166 SER A O   1 
ATOM   1091 C CB  . SER A 1 147 ? -10.455 -3.440  -13.323 1.00 36.63 ?  166 SER A CB  1 
ATOM   1092 O OG  . SER A 1 147 ? -10.872 -4.505  -12.493 1.00 45.69 ?  166 SER A OG  1 
ATOM   1093 N N   . ILE A 1 148 ? -8.867  -2.220  -10.239 1.00 21.20 ?  167 ILE A N   1 
ATOM   1094 C CA  . ILE A 1 148 ? -9.157  -1.831  -8.864  1.00 22.64 ?  167 ILE A CA  1 
ATOM   1095 C C   . ILE A 1 148 ? -9.731  -0.422  -8.830  1.00 21.27 ?  167 ILE A C   1 
ATOM   1096 O O   . ILE A 1 148 ? -10.619 -0.119  -8.027  1.00 21.42 ?  167 ILE A O   1 
ATOM   1097 C CB  . ILE A 1 148 ? -7.885  -1.928  -8.002  1.00 20.96 ?  167 ILE A CB  1 
ATOM   1098 C CG1 . ILE A 1 148 ? -7.227  -3.305  -8.185  1.00 23.76 ?  167 ILE A CG1 1 
ATOM   1099 C CG2 . ILE A 1 148 ? -8.206  -1.658  -6.534  1.00 22.79 ?  167 ILE A CG2 1 
ATOM   1100 C CD1 . ILE A 1 148 ? -8.121  -4.489  -7.881  1.00 27.22 ?  167 ILE A CD1 1 
ATOM   1101 N N   . ALA A 1 149 ? -9.218  0.465   -9.684  1.00 20.51 ?  168 ALA A N   1 
ATOM   1102 C CA  . ALA A 1 149 ? -9.736  1.835   -9.723  1.00 19.07 ?  168 ALA A CA  1 
ATOM   1103 C C   . ALA A 1 149 ? -11.228 1.837   -10.033 1.00 23.07 ?  168 ALA A C   1 
ATOM   1104 O O   . ALA A 1 149 ? -11.990 2.589   -9.418  1.00 23.03 ?  168 ALA A O   1 
ATOM   1105 C CB  . ALA A 1 149 ? -8.971  2.668   -10.747 1.00 23.52 ?  168 ALA A CB  1 
ATOM   1106 N N   . ARG A 1 150 ? -11.665 0.977   -10.958 1.00 22.94 ?  169 ARG A N   1 
ATOM   1107 C CA  . ARG A 1 150 ? -13.099 0.866   -11.241 1.00 26.18 ?  169 ARG A CA  1 
ATOM   1108 C C   . ARG A 1 150 ? -13.859 0.390   -10.012 1.00 25.47 ?  169 ARG A C   1 
ATOM   1109 O O   . ARG A 1 150 ? -14.909 0.953   -9.662  1.00 24.00 ?  169 ARG A O   1 
ATOM   1110 C CB  . ARG A 1 150 ? -13.324 -0.094  -12.414 1.00 27.78 ?  169 ARG A CB  1 
ATOM   1111 C CG  . ARG A 1 150 ? -14.774 -0.541  -12.619 1.00 35.65 ?  169 ARG A CG  1 
ATOM   1112 C CD  . ARG A 1 150 ? -14.893 -1.486  -13.816 1.00 42.20 ?  169 ARG A CD  1 
ATOM   1113 N N   . TRP A 1 151 ? -13.338 -0.644  -9.342  1.00 22.91 ?  170 TRP A N   1 
ATOM   1114 C CA  . TRP A 1 151 ? -13.973 -1.168  -8.139  1.00 24.24 ?  170 TRP A CA  1 
ATOM   1115 C C   . TRP A 1 151 ? -14.146 -0.067  -7.107  1.00 25.58 ?  170 TRP A C   1 
ATOM   1116 O O   . TRP A 1 151 ? -15.209 0.064   -6.487  1.00 23.28 ?  170 TRP A O   1 
ATOM   1117 C CB  . TRP A 1 151 ? -13.133 -2.330  -7.586  1.00 22.27 ?  170 TRP A CB  1 
ATOM   1118 C CG  . TRP A 1 151 ? -13.708 -3.058  -6.405  1.00 22.37 ?  170 TRP A CG  1 
ATOM   1119 C CD1 . TRP A 1 151 ? -14.477 -4.196  -6.432  1.00 23.09 ?  170 TRP A CD1 1 
ATOM   1120 C CD2 . TRP A 1 151 ? -13.539 -2.722  -5.027  1.00 22.14 ?  170 TRP A CD2 1 
ATOM   1121 N NE1 . TRP A 1 151 ? -14.793 -4.576  -5.154  1.00 27.91 ?  170 TRP A NE1 1 
ATOM   1122 C CE2 . TRP A 1 151 ? -14.242 -3.682  -4.273  1.00 23.60 ?  170 TRP A CE2 1 
ATOM   1123 C CE3 . TRP A 1 151 ? -12.868 -1.690  -4.356  1.00 24.00 ?  170 TRP A CE3 1 
ATOM   1124 C CZ2 . TRP A 1 151 ? -14.280 -3.656  -2.878  1.00 26.69 ?  170 TRP A CZ2 1 
ATOM   1125 C CZ3 . TRP A 1 151 ? -12.912 -1.657  -2.977  1.00 25.00 ?  170 TRP A CZ3 1 
ATOM   1126 C CH2 . TRP A 1 151 ? -13.611 -2.638  -2.248  1.00 26.35 ?  170 TRP A CH2 1 
ATOM   1127 N N   . ILE A 1 152 ? -13.119 0.766   -6.950  1.00 21.16 ?  171 ILE A N   1 
ATOM   1128 C CA  . ILE A 1 152 ? -13.183 1.873   -6.003  1.00 22.22 ?  171 ILE A CA  1 
ATOM   1129 C C   . ILE A 1 152 ? -14.209 2.908   -6.447  1.00 21.63 ?  171 ILE A C   1 
ATOM   1130 O O   . ILE A 1 152 ? -14.981 3.421   -5.631  1.00 24.65 ?  171 ILE A O   1 
ATOM   1131 C CB  . ILE A 1 152 ? -11.786 2.495   -5.843  1.00 20.16 ?  171 ILE A CB  1 
ATOM   1132 C CG1 . ILE A 1 152 ? -10.886 1.512   -5.088  1.00 18.80 ?  171 ILE A CG1 1 
ATOM   1133 C CG2 . ILE A 1 152 ? -11.857 3.900   -5.186  1.00 23.34 ?  171 ILE A CG2 1 
ATOM   1134 C CD1 . ILE A 1 152 ? -9.402  1.948   -5.103  1.00 20.41 ?  171 ILE A CD1 1 
ATOM   1135 N N   . ALA A 1 153 ? -14.201 3.266   -7.733  1.00 21.19 ?  172 ALA A N   1 
ATOM   1136 C CA  . ALA A 1 153 ? -15.179 4.228   -8.246  1.00 24.65 ?  172 ALA A CA  1 
ATOM   1137 C C   . ALA A 1 153 ? -16.612 3.747   -8.032  1.00 29.28 ?  172 ALA A C   1 
ATOM   1138 O O   . ALA A 1 153 ? -17.507 4.552   -7.738  1.00 30.14 ?  172 ALA A O   1 
ATOM   1139 C CB  . ALA A 1 153 ? -14.927 4.490   -9.727  1.00 24.19 ?  172 ALA A CB  1 
ATOM   1140 N N   . GLN A 1 154 ? -16.851 2.438   -8.158  1.00 24.95 ?  173 GLN A N   1 
ATOM   1141 C CA  . GLN A 1 154 ? -18.204 1.908   -7.978  1.00 30.08 ?  173 GLN A CA  1 
ATOM   1142 C C   . GLN A 1 154 ? -18.706 2.076   -6.557  1.00 31.46 ?  173 GLN A C   1 
ATOM   1143 O O   . GLN A 1 154 ? -19.920 2.002   -6.322  1.00 34.13 ?  173 GLN A O   1 
ATOM   1144 C CB  . GLN A 1 154 ? -18.257 0.420   -8.300  1.00 31.67 ?  173 GLN A CB  1 
ATOM   1145 C CG  . GLN A 1 154 ? -18.147 0.048   -9.732  1.00 34.42 ?  173 GLN A CG  1 
ATOM   1146 C CD  . GLN A 1 154 ? -18.213 -1.446  -9.878  1.00 35.48 ?  173 GLN A CD  1 
ATOM   1147 O OE1 . GLN A 1 154 ? -17.415 -2.172  -9.275  1.00 37.81 ?  173 GLN A OE1 1 
ATOM   1148 N NE2 . GLN A 1 154 ? -19.184 -1.925  -10.638 1.00 40.55 ?  173 GLN A NE2 1 
ATOM   1149 N N   . ARG A 1 155 ? -17.800 2.268   -5.605  1.00 26.12 ?  174 ARG A N   1 
ATOM   1150 C CA  . ARG A 1 155 ? -18.153 2.349   -4.200  1.00 28.34 ?  174 ARG A CA  1 
ATOM   1151 C C   . ARG A 1 155 ? -18.037 3.765   -3.667  1.00 26.43 ?  174 ARG A C   1 
ATOM   1152 O O   . ARG A 1 155 ? -18.097 3.974   -2.454  1.00 33.48 ?  174 ARG A O   1 
ATOM   1153 C CB  . ARG A 1 155 ? -17.289 1.367   -3.403  1.00 30.34 ?  174 ARG A CB  1 
ATOM   1154 C CG  . ARG A 1 155 ? -17.800 -0.060  -3.579  1.00 29.82 ?  174 ARG A CG  1 
ATOM   1155 C CD  . ARG A 1 155 ? -16.727 -1.111  -3.399  1.00 27.23 ?  174 ARG A CD  1 
ATOM   1156 N NE  . ARG A 1 155 ? -17.272 -2.441  -3.635  1.00 29.09 ?  174 ARG A NE  1 
ATOM   1157 C CZ  . ARG A 1 155 ? -17.475 -2.960  -4.837  1.00 27.72 ?  174 ARG A CZ  1 
ATOM   1158 N NH1 . ARG A 1 155 ? -17.184 -2.257  -5.926  1.00 28.49 ?  174 ARG A NH1 1 
ATOM   1159 N NH2 . ARG A 1 155 ? -17.973 -4.181  -4.953  1.00 36.23 ?  174 ARG A NH2 1 
ATOM   1160 N N   . GLY A 1 156 ? -17.899 4.742   -4.552  1.00 28.47 ?  175 GLY A N   1 
ATOM   1161 C CA  . GLY A 1 156 ? -17.873 6.131   -4.164  1.00 32.10 ?  175 GLY A CA  1 
ATOM   1162 C C   . GLY A 1 156 ? -16.496 6.715   -3.961  1.00 29.61 ?  175 GLY A C   1 
ATOM   1163 O O   . GLY A 1 156 ? -16.391 7.859   -3.505  1.00 30.19 ?  175 GLY A O   1 
ATOM   1164 N N   . GLY A 1 157 ? -15.437 5.977   -4.285  1.00 26.89 ?  176 GLY A N   1 
ATOM   1165 C CA  . GLY A 1 157 ? -14.091 6.502   -4.167  1.00 24.80 ?  176 GLY A CA  1 
ATOM   1166 C C   . GLY A 1 157 ? -13.444 6.155   -2.844  1.00 23.12 ?  176 GLY A C   1 
ATOM   1167 O O   . GLY A 1 157 ? -13.994 5.444   -1.998  1.00 23.56 ?  176 GLY A O   1 
ATOM   1168 N N   . TRP A 1 158 ? -12.240 6.710   -2.677  1.00 24.47 ?  177 TRP A N   1 
ATOM   1169 C CA  . TRP A 1 158 ? -11.383 6.325   -1.563  1.00 22.35 ?  177 TRP A CA  1 
ATOM   1170 C C   . TRP A 1 158 ? -12.005 6.646   -0.213  1.00 21.53 ?  177 TRP A C   1 
ATOM   1171 O O   . TRP A 1 158 ? -11.687 5.991   0.784   1.00 23.21 ?  177 TRP A O   1 
ATOM   1172 C CB  . TRP A 1 158 ? -10.021 7.009   -1.681  1.00 24.76 ?  177 TRP A CB  1 
ATOM   1173 C CG  . TRP A 1 158 ? -9.020  6.208   -2.446  1.00 18.31 ?  177 TRP A CG  1 
ATOM   1174 C CD1 . TRP A 1 158 ? -8.639  6.395   -3.738  1.00 22.30 ?  177 TRP A CD1 1 
ATOM   1175 C CD2 . TRP A 1 158 ? -8.273  5.087   -1.966  1.00 19.09 ?  177 TRP A CD2 1 
ATOM   1176 N NE1 . TRP A 1 158 ? -7.698  5.456   -4.095  1.00 20.14 ?  177 TRP A NE1 1 
ATOM   1177 C CE2 . TRP A 1 158 ? -7.460  4.640   -3.026  1.00 19.92 ?  177 TRP A CE2 1 
ATOM   1178 C CE3 . TRP A 1 158 ? -8.222  4.410   -0.746  1.00 20.22 ?  177 TRP A CE3 1 
ATOM   1179 C CZ2 . TRP A 1 158 ? -6.588  3.551   -2.896  1.00 21.42 ?  177 TRP A CZ2 1 
ATOM   1180 C CZ3 . TRP A 1 158 ? -7.348  3.321   -0.621  1.00 21.92 ?  177 TRP A CZ3 1 
ATOM   1181 C CH2 . TRP A 1 158 ? -6.556  2.907   -1.694  1.00 22.91 ?  177 TRP A CH2 1 
ATOM   1182 N N   . VAL A 1 159 ? -12.899 7.637   -0.149  1.00 24.66 ?  178 VAL A N   1 
ATOM   1183 C CA  . VAL A 1 159 ? -13.469 7.958   1.152   1.00 21.96 ?  178 VAL A CA  1 
ATOM   1184 C C   . VAL A 1 159 ? -14.322 6.815   1.689   1.00 25.35 ?  178 VAL A C   1 
ATOM   1185 O O   . VAL A 1 159 ? -14.528 6.714   2.904   1.00 25.67 ?  178 VAL A O   1 
ATOM   1186 C CB  . VAL A 1 159 ? -14.263 9.281   1.068   1.00 26.81 ?  178 VAL A CB  1 
ATOM   1187 C CG1 . VAL A 1 159 ? -15.665 9.044   0.501   1.00 29.85 ?  178 VAL A CG1 1 
ATOM   1188 C CG2 . VAL A 1 159 ? -14.305 9.934   2.427   1.00 26.56 ?  178 VAL A CG2 1 
ATOM   1189 N N   . ALA A 1 160 ? -14.773 5.909   0.816   1.00 25.70 ?  179 ALA A N   1 
ATOM   1190 C CA  . ALA A 1 160 ? -15.559 4.760   1.264   1.00 26.71 ?  179 ALA A CA  1 
ATOM   1191 C C   . ALA A 1 160 ? -14.748 3.849   2.175   1.00 27.64 ?  179 ALA A C   1 
ATOM   1192 O O   . ALA A 1 160 ? -15.315 3.138   3.012   1.00 46.99 ?  179 ALA A O   1 
ATOM   1193 C CB  . ALA A 1 160 ? -16.082 3.967   0.064   1.00 26.31 ?  179 ALA A CB  1 
ATOM   1194 N N   . ALA A 1 161 ? -13.418 3.867   2.025   1.00 23.24 ?  180 ALA A N   1 
ATOM   1195 C CA  . ALA A 1 161 ? -12.557 3.040   2.862   1.00 25.69 ?  180 ALA A CA  1 
ATOM   1196 C C   . ALA A 1 161 ? -12.620 3.436   4.328   1.00 27.57 ?  180 ALA A C   1 
ATOM   1197 O O   . ALA A 1 161 ? -12.212 2.650   5.188   1.00 28.24 ?  180 ALA A O   1 
ATOM   1198 C CB  . ALA A 1 161 ? -11.106 3.131   2.372   1.00 25.27 ?  180 ALA A CB  1 
ATOM   1199 N N   . LEU A 1 162 ? -13.085 4.645   4.632   1.00 25.98 ?  181 LEU A N   1 
ATOM   1200 C CA  . LEU A 1 162 ? -13.189 5.102   6.011   1.00 24.44 ?  181 LEU A CA  1 
ATOM   1201 C C   . LEU A 1 162 ? -14.557 4.833   6.609   1.00 30.05 ?  181 LEU A C   1 
ATOM   1202 O O   . LEU A 1 162 ? -14.793 5.189   7.766   1.00 30.01 ?  181 LEU A O   1 
ATOM   1203 C CB  . LEU A 1 162 ? -12.897 6.607   6.107   1.00 25.54 ?  181 LEU A CB  1 
ATOM   1204 C CG  . LEU A 1 162 ? -11.609 7.152   5.484   1.00 25.20 ?  181 LEU A CG  1 
ATOM   1205 C CD1 . LEU A 1 162 ? -11.503 8.657   5.731   1.00 25.93 ?  181 LEU A CD1 1 
ATOM   1206 C CD2 . LEU A 1 162 ? -10.396 6.416   6.034   1.00 29.67 ?  181 LEU A CD2 1 
ATOM   1207 N N   . ASN A 1 163 ? -15.454 4.213   5.855   1.00 28.15 ?  182 ASN A N   1 
ATOM   1208 C CA  . ASN A 1 163 ? -16.861 4.130   6.224   1.00 27.76 ?  182 ASN A CA  1 
ATOM   1209 C C   . ASN A 1 163 ? -17.388 2.716   6.056   1.00 35.85 ?  182 ASN A C   1 
ATOM   1210 O O   . ASN A 1 163 ? -18.470 2.483   5.510   1.00 31.68 ?  182 ASN A O   1 
ATOM   1211 C CB  . ASN A 1 163 ? -17.659 5.128   5.404   1.00 28.83 ?  182 ASN A CB  1 
ATOM   1212 C CG  . ASN A 1 163 ? -17.380 6.537   5.826   1.00 26.29 ?  182 ASN A CG  1 
ATOM   1213 O OD1 . ASN A 1 163 ? -17.880 6.979   6.859   1.00 25.71 ?  182 ASN A OD1 1 
ATOM   1214 N ND2 . ASN A 1 163 ? -16.551 7.247   5.062   1.00 24.17 ?  182 ASN A ND2 1 
ATOM   1215 N N   . LEU A 1 164 ? -16.619 1.751   6.548   1.00 33.97 ?  183 LEU A N   1 
ATOM   1216 C CA  . LEU A 1 164 ? -17.056 0.366   6.559   1.00 36.75 ?  183 LEU A CA  1 
ATOM   1217 C C   . LEU A 1 164 ? -17.954 0.118   7.760   1.00 39.22 ?  183 LEU A C   1 
ATOM   1218 O O   . LEU A 1 164 ? -18.793 -0.780  7.733   1.00 47.81 ?  183 LEU A O   1 
ATOM   1219 C CB  . LEU A 1 164 ? -15.861 -0.585  6.591   1.00 39.22 ?  183 LEU A CB  1 
ATOM   1220 C CG  . LEU A 1 164 ? -15.127 -0.841  5.274   1.00 38.77 ?  183 LEU A CG  1 
ATOM   1221 C CD1 . LEU A 1 164 ? -13.956 -1.760  5.539   1.00 39.68 ?  183 LEU A CD1 1 
ATOM   1222 C CD2 . LEU A 1 164 ? -16.043 -1.467  4.253   1.00 39.14 ?  183 LEU A CD2 1 
ATOM   1223 N N   . ASP B 2 1   ? 9.284   -17.712 -6.331  1.00 45.88 ?  244 ASP B N   1 
ATOM   1224 C CA  . ASP B 2 1   ? 7.829   -17.781 -6.369  1.00 41.44 ?  244 ASP B CA  1 
ATOM   1225 C C   . ASP B 2 1   ? 7.259   -18.248 -5.039  1.00 37.83 ?  244 ASP B C   1 
ATOM   1226 O O   . ASP B 2 1   ? 6.154   -17.865 -4.666  1.00 35.78 ?  244 ASP B O   1 
ATOM   1227 C CB  . ASP B 2 1   ? 7.360   -18.711 -7.490  1.00 43.72 ?  244 ASP B CB  1 
ATOM   1228 N N   . ALA B 2 2   ? 8.005   -19.084 -4.317  1.00 34.75 ?  245 ALA B N   1 
ATOM   1229 C CA  . ALA B 2 2   ? 7.527   -19.526 -3.014  1.00 32.41 ?  245 ALA B CA  1 
ATOM   1230 C C   . ALA B 2 2   ? 7.302   -18.337 -2.092  1.00 29.91 ?  245 ALA B C   1 
ATOM   1231 O O   . ALA B 2 2   ? 6.264   -18.238 -1.426  1.00 30.20 ?  245 ALA B O   1 
ATOM   1232 C CB  . ALA B 2 2   ? 8.517   -20.516 -2.389  1.00 34.35 ?  245 ALA B CB  1 
ATOM   1233 N N   . ILE B 2 3   ? 8.258   -17.410 -2.049  1.00 26.02 ?  246 ILE B N   1 
ATOM   1234 C CA  . ILE B 2 3   ? 8.112   -16.321 -1.096  1.00 24.05 ?  246 ILE B CA  1 
ATOM   1235 C C   . ILE B 2 3   ? 7.044   -15.347 -1.583  1.00 24.18 ?  246 ILE B C   1 
ATOM   1236 O O   . ILE B 2 3   ? 6.373   -14.716 -0.763  1.00 25.97 ?  246 ILE B O   1 
ATOM   1237 C CB  . ILE B 2 3   ? 9.459   -15.637 -0.833  1.00 30.72 ?  246 ILE B CB  1 
ATOM   1238 C CG1 . ILE B 2 3   ? 9.323   -14.604 0.285   1.00 28.59 ?  246 ILE B CG1 1 
ATOM   1239 C CG2 . ILE B 2 3   ? 9.976   -14.976 -2.077  1.00 33.98 ?  246 ILE B CG2 1 
ATOM   1240 C CD1 . ILE B 2 3   ? 10.622  -14.238 0.844   1.00 37.90 ?  246 ILE B CD1 1 
ATOM   1241 N N   . ILE B 2 4   ? 6.857   -15.230 -2.910  1.00 25.10 ?  247 ILE B N   1 
ATOM   1242 C CA  . ILE B 2 4   ? 5.753   -14.424 -3.449  1.00 23.42 ?  247 ILE B CA  1 
ATOM   1243 C C   . ILE B 2 4   ? 4.431   -14.921 -2.889  1.00 27.02 ?  247 ILE B C   1 
ATOM   1244 O O   . ILE B 2 4   ? 3.604   -14.146 -2.391  1.00 25.40 ?  247 ILE B O   1 
ATOM   1245 C CB  . ILE B 2 4   ? 5.727   -14.474 -4.991  1.00 26.64 ?  247 ILE B CB  1 
ATOM   1246 C CG1 . ILE B 2 4   ? 6.980   -13.848 -5.605  1.00 30.47 ?  247 ILE B CG1 1 
ATOM   1247 C CG2 . ILE B 2 4   ? 4.430   -13.835 -5.549  1.00 27.62 ?  247 ILE B CG2 1 
ATOM   1248 C CD1 . ILE B 2 4   ? 7.197   -12.414 -5.272  1.00 32.31 ?  247 ILE B CD1 1 
ATOM   1249 N N   . GLN B 2 5   ? 4.197   -16.229 -2.983  1.00 24.96 ?  248 GLN B N   1 
ATOM   1250 C CA  . GLN B 2 5   ? 2.916   -16.736 -2.523  1.00 27.29 ?  248 GLN B CA  1 
ATOM   1251 C C   . GLN B 2 5   ? 2.814   -16.652 -1.010  1.00 25.15 ?  248 GLN B C   1 
ATOM   1252 O O   . GLN B 2 5   ? 1.713   -16.474 -0.481  1.00 25.96 ?  248 GLN B O   1 
ATOM   1253 C CB  . GLN B 2 5   ? 2.702   -18.159 -3.044  1.00 32.92 ?  248 GLN B CB  1 
ATOM   1254 C CG  . GLN B 2 5   ? 2.436   -18.194 -4.555  1.00 35.31 ?  248 GLN B CG  1 
ATOM   1255 C CD  . GLN B 2 5   ? 1.391   -17.160 -4.992  1.00 40.95 ?  248 GLN B CD  1 
ATOM   1256 O OE1 . GLN B 2 5   ? 0.300   -17.076 -4.417  1.00 41.52 ?  248 GLN B OE1 1 
ATOM   1257 N NE2 . GLN B 2 5   ? 1.733   -16.358 -6.005  1.00 39.76 ?  248 GLN B NE2 1 
ATOM   1258 N N   . MET B 2 6   ? 3.947   -16.734 -0.302  1.00 24.25 ?  249 MET B N   1 
ATOM   1259 C CA  . MET B 2 6   ? 3.916   -16.564 1.145   1.00 22.37 ?  249 MET B CA  1 
ATOM   1260 C C   . MET B 2 6   ? 3.522   -15.137 1.526   1.00 25.67 ?  249 MET B C   1 
ATOM   1261 O O   . MET B 2 6   ? 2.721   -14.935 2.446   1.00 24.10 ?  249 MET B O   1 
ATOM   1262 C CB  . MET B 2 6   ? 5.268   -16.943 1.748   1.00 28.89 ?  249 MET B CB  1 
ATOM   1263 C CG  . MET B 2 6   ? 5.305   -16.851 3.246   1.00 25.39 ?  249 MET B CG  1 
ATOM   1264 S SD  . MET B 2 6   ? 6.949   -17.276 3.893   1.00 31.09 ?  249 MET B SD  1 
ATOM   1265 C CE  . MET B 2 6   ? 7.016   -18.978 3.405   1.00 29.56 ?  249 MET B CE  1 
ATOM   1266 N N   . ILE B 2 7   ? 4.051   -14.141 0.810   1.00 22.71 ?  250 ILE B N   1 
ATOM   1267 C CA  . ILE B 2 7   ? 3.684   -12.747 1.055   1.00 21.12 ?  250 ILE B CA  1 
ATOM   1268 C C   . ILE B 2 7   ? 2.223   -12.514 0.713   1.00 21.31 ?  250 ILE B C   1 
ATOM   1269 O O   . ILE B 2 7   ? 1.499   -11.830 1.450   1.00 22.94 ?  250 ILE B O   1 
ATOM   1270 C CB  . ILE B 2 7   ? 4.613   -11.815 0.254   1.00 19.26 ?  250 ILE B CB  1 
ATOM   1271 C CG1 . ILE B 2 7   ? 6.041   -11.910 0.796   1.00 21.31 ?  250 ILE B CG1 1 
ATOM   1272 C CG2 . ILE B 2 7   ? 4.073   -10.364 0.232   1.00 21.55 ?  250 ILE B CG2 1 
ATOM   1273 C CD1 . ILE B 2 7   ? 7.082   -11.217 -0.087  1.00 22.54 ?  250 ILE B CD1 1 
ATOM   1274 N N   . VAL B 2 8   ? 1.761   -13.091 -0.401  1.00 20.52 ?  251 VAL B N   1 
ATOM   1275 C CA  . VAL B 2 8   ? 0.365   -12.925 -0.815  1.00 22.48 ?  251 VAL B CA  1 
ATOM   1276 C C   . VAL B 2 8   ? -0.577  -13.465 0.251   1.00 25.98 ?  251 VAL B C   1 
ATOM   1277 O O   . VAL B 2 8   ? -1.583  -12.834 0.605   1.00 22.06 ?  251 VAL B O   1 
ATOM   1278 C CB  . VAL B 2 8   ? 0.131   -13.623 -2.167  1.00 23.72 ?  251 VAL B CB  1 
ATOM   1279 C CG1 . VAL B 2 8   ? -1.351  -13.749 -2.466  1.00 24.67 ?  251 VAL B CG1 1 
ATOM   1280 C CG2 . VAL B 2 8   ? 0.865   -12.871 -3.282  1.00 24.56 ?  251 VAL B CG2 1 
ATOM   1281 N N   . GLU B 2 9   ? -0.267  -14.651 0.771   1.00 24.35 ?  252 GLU B N   1 
ATOM   1282 C CA  . GLU B 2 9   ? -1.079  -15.234 1.825   1.00 25.25 ?  252 GLU B CA  1 
ATOM   1283 C C   . GLU B 2 9   ? -1.154  -14.313 3.042   1.00 25.03 ?  252 GLU B C   1 
ATOM   1284 O O   . GLU B 2 9   ? -2.231  -14.134 3.629   1.00 26.44 ?  252 GLU B O   1 
ATOM   1285 C CB  . GLU B 2 9   ? -0.498  -16.608 2.175   1.00 26.08 ?  252 GLU B CB  1 
ATOM   1286 C CG  . GLU B 2 9   ? -1.148  -17.302 3.332   1.00 33.00 ?  252 GLU B CG  1 
ATOM   1287 C CD  . GLU B 2 9   ? -0.568  -18.689 3.550   1.00 40.73 ?  252 GLU B CD  1 
ATOM   1288 O OE1 . GLU B 2 9   ? 0.626   -18.795 3.929   1.00 33.72 ?  252 GLU B OE1 1 
ATOM   1289 O OE2 . GLU B 2 9   ? -1.310  -19.672 3.336   1.00 41.12 ?  252 GLU B OE2 1 
ATOM   1290 N N   . LEU B 2 10  ? -0.033  -13.704 3.432   1.00 22.90 ?  253 LEU B N   1 
ATOM   1291 C CA  . LEU B 2 10  ? -0.047  -12.800 4.582   1.00 23.53 ?  253 LEU B CA  1 
ATOM   1292 C C   . LEU B 2 10  ? -0.853  -11.538 4.288   1.00 26.94 ?  253 LEU B C   1 
ATOM   1293 O O   . LEU B 2 10  ? -1.609  -11.065 5.147   1.00 25.94 ?  253 LEU B O   1 
ATOM   1294 C CB  . LEU B 2 10  ? 1.377   -12.429 4.997   1.00 29.20 ?  253 LEU B CB  1 
ATOM   1295 C CG  . LEU B 2 10  ? 1.464   -11.578 6.274   1.00 31.15 ?  253 LEU B CG  1 
ATOM   1296 C CD1 . LEU B 2 10  ? 0.724   -12.272 7.421   1.00 37.15 ?  253 LEU B CD1 1 
ATOM   1297 C CD2 . LEU B 2 10  ? 2.902   -11.304 6.646   1.00 36.62 ?  253 LEU B CD2 1 
ATOM   1298 N N   . LEU B 2 11  ? -0.710  -10.984 3.083   1.00 23.34 ?  254 LEU B N   1 
ATOM   1299 C CA  . LEU B 2 11  ? -1.467  -9.780  2.735   1.00 23.12 ?  254 LEU B CA  1 
ATOM   1300 C C   . LEU B 2 11  ? -2.966  -10.054 2.697   1.00 23.33 ?  254 LEU B C   1 
ATOM   1301 O O   . LEU B 2 11  ? -3.776  -9.193  3.081   1.00 24.86 ?  254 LEU B O   1 
ATOM   1302 C CB  . LEU B 2 11  ? -1.010  -9.239  1.383   1.00 24.87 ?  254 LEU B CB  1 
ATOM   1303 C CG  . LEU B 2 11  ? 0.349   -8.566  1.288   1.00 24.33 ?  254 LEU B CG  1 
ATOM   1304 C CD1 . LEU B 2 11  ? 0.620   -8.239  -0.173  1.00 25.98 ?  254 LEU B CD1 1 
ATOM   1305 C CD2 . LEU B 2 11  ? 0.377   -7.296  2.138   1.00 22.82 ?  254 LEU B CD2 1 
ATOM   1306 N N   . LYS B 2 12  ? -3.360  -11.225 2.187   1.00 23.96 ?  255 LYS B N   1 
ATOM   1307 C CA  . LYS B 2 12  ? -4.773  -11.597 2.204   1.00 24.41 ?  255 LYS B CA  1 
ATOM   1308 C C   . LYS B 2 12  ? -5.278  -11.729 3.635   1.00 28.67 ?  255 LYS B C   1 
ATOM   1309 O O   . LYS B 2 12  ? -6.385  -11.274 3.960   1.00 30.51 ?  255 LYS B O   1 
ATOM   1310 C CB  . LYS B 2 12  ? -4.984  -12.899 1.424   1.00 27.50 ?  255 LYS B CB  1 
ATOM   1311 C CG  . LYS B 2 12  ? -5.256  -12.695 -0.057  1.00 30.78 ?  255 LYS B CG  1 
ATOM   1312 C CD  . LYS B 2 12  ? -4.884  -13.909 -0.909  1.00 32.06 ?  255 LYS B CD  1 
ATOM   1313 C CE  . LYS B 2 12  ? -5.793  -15.089 -0.670  1.00 40.16 ?  255 LYS B CE  1 
ATOM   1314 N NZ  . LYS B 2 12  ? -5.279  -16.303 -1.365  1.00 42.55 ?  255 LYS B NZ  1 
ATOM   1315 N N   . ARG B 2 13  ? -4.458  -12.312 4.517   1.00 27.93 ?  256 ARG B N   1 
ATOM   1316 C CA  . ARG B 2 13  ? -4.842  -12.466 5.916   1.00 28.28 ?  256 ARG B CA  1 
ATOM   1317 C C   . ARG B 2 13  ? -4.926  -11.119 6.606   1.00 28.79 ?  256 ARG B C   1 
ATOM   1318 O O   . ARG B 2 13  ? -5.891  -10.842 7.335   1.00 31.66 ?  256 ARG B O   1 
ATOM   1319 C CB  . ARG B 2 13  ? -3.845  -13.384 6.633   1.00 32.44 ?  256 ARG B CB  1 
ATOM   1320 C CG  . ARG B 2 13  ? -4.070  -13.502 8.137   1.00 37.67 ?  256 ARG B CG  1 
ATOM   1321 C CD  . ARG B 2 13  ? -3.088  -14.472 8.779   1.00 38.35 ?  256 ARG B CD  1 
ATOM   1322 N NE  . ARG B 2 13  ? -2.898  -15.662 7.955   1.00 44.42 ?  256 ARG B NE  1 
ATOM   1323 C CZ  . ARG B 2 13  ? -1.736  -16.017 7.410   1.00 45.28 ?  256 ARG B CZ  1 
ATOM   1324 N NH1 . ARG B 2 13  ? -0.648  -15.278 7.606   1.00 47.42 ?  256 ARG B NH1 1 
ATOM   1325 N NH2 . ARG B 2 13  ? -1.659  -17.115 6.671   1.00 45.80 ?  256 ARG B NH2 1 
ATOM   1326 N N   . VAL B 2 14  ? -3.925  -10.261 6.380   1.00 26.44 ?  257 VAL B N   1 
ATOM   1327 C CA  . VAL B 2 14  ? -3.928  -8.912  6.934   1.00 31.02 ?  257 VAL B CA  1 
ATOM   1328 C C   . VAL B 2 14  ? -5.132  -8.139  6.414   1.00 29.56 ?  257 VAL B C   1 
ATOM   1329 O O   . VAL B 2 14  ? -5.816  -7.437  7.170   1.00 31.15 ?  257 VAL B O   1 
ATOM   1330 C CB  . VAL B 2 14  ? -2.603  -8.201  6.592   1.00 30.29 ?  257 VAL B CB  1 
ATOM   1331 C CG1 . VAL B 2 14  ? -2.708  -6.693  6.794   1.00 35.44 ?  257 VAL B CG1 1 
ATOM   1332 C CG2 . VAL B 2 14  ? -1.450  -8.795  7.421   1.00 35.16 ?  257 VAL B CG2 1 
ATOM   1333 N N   . GLY B 2 15  ? -5.412  -8.265  5.121   1.00 23.83 ?  258 GLY B N   1 
ATOM   1334 C CA  . GLY B 2 15  ? -6.483  -7.478  4.535   1.00 25.91 ?  258 GLY B CA  1 
ATOM   1335 C C   . GLY B 2 15  ? -7.838  -7.928  5.031   1.00 31.40 ?  258 GLY B C   1 
ATOM   1336 O O   . GLY B 2 15  ? -8.696  -7.104  5.365   1.00 28.70 ?  258 GLY B O   1 
ATOM   1337 N N   . ASP B 2 16  ? -8.043  -9.246  5.108   1.00 27.98 ?  259 ASP B N   1 
ATOM   1338 C CA  . ASP B 2 16  ? -9.323  -9.750  5.577   1.00 31.89 ?  259 ASP B CA  1 
ATOM   1339 C C   . ASP B 2 16  ? -9.522  -9.448  7.056   1.00 32.55 ?  259 ASP B C   1 
ATOM   1340 O O   . ASP B 2 16  ? -10.649 -9.163  7.481   1.00 34.69 ?  259 ASP B O   1 
ATOM   1341 C CB  . ASP B 2 16  ? -9.434  -11.247 5.273   1.00 32.68 ?  259 ASP B CB  1 
ATOM   1342 C CG  . ASP B 2 16  ? -9.504  -11.524 3.778   1.00 33.58 ?  259 ASP B CG  1 
ATOM   1343 O OD1 . ASP B 2 16  ? -9.741  -10.566 3.002   1.00 35.51 ?  259 ASP B OD1 1 
ATOM   1344 O OD2 . ASP B 2 16  ? -9.325  -12.685 3.369   1.00 34.69 -1 259 ASP B OD2 1 
ATOM   1345 N N   . GLN B 2 17  ? -8.444  -9.450  7.841   1.00 30.36 ?  260 GLN B N   1 
ATOM   1346 C CA  . GLN B 2 17  ? -8.560  -9.066  9.243   1.00 31.27 ?  260 GLN B CA  1 
ATOM   1347 C C   . GLN B 2 17  ? -8.861  -7.579  9.386   1.00 36.38 ?  260 GLN B C   1 
ATOM   1348 O O   . GLN B 2 17  ? -9.620  -7.175  10.275  1.00 35.35 ?  260 GLN B O   1 
ATOM   1349 C CB  . GLN B 2 17  ? -7.278  -9.428  9.984   1.00 38.56 ?  260 GLN B CB  1 
ATOM   1350 C CG  . GLN B 2 17  ? -7.350  -9.234  11.475  1.00 41.34 ?  260 GLN B CG  1 
ATOM   1351 C CD  . GLN B 2 17  ? -6.041  -9.575  12.131  1.00 44.44 ?  260 GLN B CD  1 
ATOM   1352 O OE1 . GLN B 2 17  ? -5.351  -10.498 11.700  1.00 42.27 ?  260 GLN B OE1 1 
ATOM   1353 N NE2 . GLN B 2 17  ? -5.673  -8.819  13.164  1.00 46.17 ?  260 GLN B NE2 1 
ATOM   1354 N N   . TRP B 2 18  ? -8.266  -6.750  8.528   1.00 30.83 ?  261 TRP B N   1 
ATOM   1355 C CA  . TRP B 2 18  ? -8.568  -5.321  8.527   1.00 32.02 ?  261 TRP B CA  1 
ATOM   1356 C C   . TRP B 2 18  ? -10.033 -5.077  8.187   1.00 33.70 ?  261 TRP B C   1 
ATOM   1357 O O   . TRP B 2 18  ? -10.727 -4.308  8.866   1.00 36.28 ?  261 TRP B O   1 
ATOM   1358 C CB  . TRP B 2 18  ? -7.655  -4.623  7.521   1.00 31.52 ?  261 TRP B CB  1 
ATOM   1359 C CG  . TRP B 2 18  ? -7.684  -3.124  7.505   1.00 29.37 ?  261 TRP B CG  1 
ATOM   1360 C CD1 . TRP B 2 18  ? -6.779  -2.287  8.081   1.00 31.78 ?  261 TRP B CD1 1 
ATOM   1361 C CD2 . TRP B 2 18  ? -8.630  -2.285  6.825   1.00 28.94 ?  261 TRP B CD2 1 
ATOM   1362 N NE1 . TRP B 2 18  ? -7.113  -0.977  7.827   1.00 34.57 ?  261 TRP B NE1 1 
ATOM   1363 C CE2 . TRP B 2 18  ? -8.246  -0.952  7.056   1.00 32.46 ?  261 TRP B CE2 1 
ATOM   1364 C CE3 . TRP B 2 18  ? -9.763  -2.537  6.051   1.00 31.02 ?  261 TRP B CE3 1 
ATOM   1365 C CZ2 . TRP B 2 18  ? -8.958  0.131   6.543   1.00 31.01 ?  261 TRP B CZ2 1 
ATOM   1366 C CZ3 . TRP B 2 18  ? -10.472 -1.463  5.547   1.00 32.63 ?  261 TRP B CZ3 1 
ATOM   1367 C CH2 . TRP B 2 18  ? -10.067 -0.147  5.792   1.00 28.91 ?  261 TRP B CH2 1 
ATOM   1368 N N   . GLU B 2 19  ? -10.513 -5.729  7.126   1.00 31.50 ?  262 GLU B N   1 
ATOM   1369 C CA  . GLU B 2 19  ? -11.890 -5.563  6.680   1.00 34.02 ?  262 GLU B CA  1 
ATOM   1370 C C   . GLU B 2 19  ? -12.873 -5.873  7.797   1.00 40.99 ?  262 GLU B C   1 
ATOM   1371 O O   . GLU B 2 19  ? -13.828 -5.120  8.032   1.00 40.00 ?  262 GLU B O   1 
ATOM   1372 C CB  . GLU B 2 19  ? -12.150 -6.469  5.481   1.00 33.42 ?  262 GLU B CB  1 
ATOM   1373 C CG  . GLU B 2 19  ? -13.585 -6.448  4.998   1.00 36.39 ?  262 GLU B CG  1 
ATOM   1374 C CD  . GLU B 2 19  ? -13.789 -5.448  3.893   1.00 35.66 ?  262 GLU B CD  1 
ATOM   1375 O OE1 . GLU B 2 19  ? -12.800 -4.804  3.482   1.00 33.23 ?  262 GLU B OE1 1 
ATOM   1376 O OE2 . GLU B 2 19  ? -14.932 -5.330  3.421   1.00 35.32 ?  262 GLU B OE2 1 
ATOM   1377 N N   . GLU B 2 20  ? -12.656 -6.990  8.496   1.00 38.14 ?  263 GLU B N   1 
ATOM   1378 C CA  . GLU B 2 20  ? -13.605 -7.406  9.521   1.00 42.31 ?  263 GLU B CA  1 
ATOM   1379 C C   . GLU B 2 20  ? -13.605 -6.443  10.701  1.00 42.04 ?  263 GLU B C   1 
ATOM   1380 O O   . GLU B 2 20  ? -14.667 -6.089  11.225  1.00 44.41 ?  263 GLU B O   1 
ATOM   1381 C CB  . GLU B 2 20  ? -13.283 -8.825  9.988   1.00 40.66 ?  263 GLU B CB  1 
ATOM   1382 C CG  . GLU B 2 20  ? -14.384 -9.429  10.828  1.00 49.29 ?  263 GLU B CG  1 
ATOM   1383 C CD  . GLU B 2 20  ? -13.832 -10.254 11.965  1.00 52.59 ?  263 GLU B CD  1 
ATOM   1384 O OE1 . GLU B 2 20  ? -13.565 -11.447 11.753  1.00 55.37 ?  263 GLU B OE1 1 
ATOM   1385 O OE2 . GLU B 2 20  ? -13.673 -9.710  13.069  1.00 56.05 ?  263 GLU B OE2 1 
ATOM   1386 N N   . GLU B 2 21  ? -12.421 -5.996  11.126  1.00 39.25 ?  264 GLU B N   1 
ATOM   1387 C CA  . GLU B 2 21  ? -12.336 -5.122  12.294  1.00 41.64 ?  264 GLU B CA  1 
ATOM   1388 C C   . GLU B 2 21  ? -12.924 -3.746  12.001  1.00 44.07 ?  264 GLU B C   1 
ATOM   1389 O O   . GLU B 2 21  ? -13.541 -3.129  12.877  1.00 44.77 ?  264 GLU B O   1 
ATOM   1390 C CB  . GLU B 2 21  ? -10.883 -5.012  12.766  1.00 38.49 ?  264 GLU B CB  1 
ATOM   1391 C CG  . GLU B 2 21  ? -10.297 -6.352  13.244  1.00 41.26 ?  264 GLU B CG  1 
ATOM   1392 C CD  . GLU B 2 21  ? -8.844  -6.270  13.687  1.00 45.04 ?  264 GLU B CD  1 
ATOM   1393 O OE1 . GLU B 2 21  ? -8.219  -5.200  13.533  1.00 46.99 ?  264 GLU B OE1 1 
ATOM   1394 O OE2 . GLU B 2 21  ? -8.320  -7.290  14.185  1.00 46.60 ?  264 GLU B OE2 1 
ATOM   1395 N N   . GLN B 2 22  ? -12.755 -3.248  10.776  1.00 40.20 ?  265 GLN B N   1 
ATOM   1396 C CA  . GLN B 2 22  ? -13.356 -1.972  10.402  1.00 39.34 ?  265 GLN B CA  1 
ATOM   1397 C C   . GLN B 2 22  ? -14.852 -2.078  10.142  1.00 44.18 ?  265 GLN B C   1 
ATOM   1398 O O   . GLN B 2 22  ? -15.552 -1.058  10.196  1.00 43.77 ?  265 GLN B O   1 
ATOM   1399 C CB  . GLN B 2 22  ? -12.667 -1.403  9.161   1.00 37.78 ?  265 GLN B CB  1 
ATOM   1400 C CG  . GLN B 2 22  ? -11.240 -0.989  9.417   1.00 38.05 ?  265 GLN B CG  1 
ATOM   1401 C CD  . GLN B 2 22  ? -11.154 0.088   10.467  1.00 39.11 ?  265 GLN B CD  1 
ATOM   1402 O OE1 . GLN B 2 22  ? -11.583 1.221   10.248  1.00 44.15 ?  265 GLN B OE1 1 
ATOM   1403 N NE2 . GLN B 2 22  ? -10.608 -0.259  11.623  1.00 42.09 ?  265 GLN B NE2 1 
ATOM   1404 N N   . SER B 2 23  ? -15.350 -3.277  9.853   1.00 43.65 ?  266 SER B N   1 
ATOM   1405 C CA  . SER B 2 23  ? -16.758 -3.481  9.541   1.00 45.16 ?  266 SER B CA  1 
ATOM   1406 C C   . SER B 2 23  ? -17.595 -3.628  10.807  1.00 46.68 ?  266 SER B C   1 
ATOM   1407 O O   . SER B 2 23  ? -18.820 -3.505  10.762  1.00 54.79 ?  266 SER B O   1 
ATOM   1408 C CB  . SER B 2 23  ? -16.931 -4.713  8.654   1.00 46.29 ?  266 SER B CB  1 
ATOM   1409 O OG  . SER B 2 23  ? -16.507 -4.444  7.327   1.00 50.53 ?  266 SER B OG  1 
HETATM 1410 O O   . HOH C 3 .   ? -0.903  9.767   -10.577 1.00 38.13 ?  201 HOH A O   1 
HETATM 1411 O O   . HOH C 3 .   ? -4.282  16.637  8.946   1.00 47.19 ?  202 HOH A O   1 
HETATM 1412 O O   . HOH C 3 .   ? 3.426   5.004   -14.891 1.00 39.33 ?  203 HOH A O   1 
HETATM 1413 O O   . HOH C 3 .   ? 13.186  -13.758 -8.822  1.00 47.92 ?  204 HOH A O   1 
HETATM 1414 O O   . HOH C 3 .   ? -0.306  2.051   9.591   1.00 40.80 ?  205 HOH A O   1 
HETATM 1415 O O   . HOH C 3 .   ? -11.290 7.143   10.026  1.00 42.08 ?  206 HOH A O   1 
HETATM 1416 O O   . HOH C 3 .   ? 12.421  15.419  -1.541  1.00 39.15 ?  207 HOH A O   1 
HETATM 1417 O O   . HOH C 3 .   ? -7.024  13.854  -6.316  1.00 35.99 ?  208 HOH A O   1 
HETATM 1418 O O   . HOH C 3 .   ? -6.294  7.149   -17.406 1.00 43.15 ?  209 HOH A O   1 
HETATM 1419 O O   . HOH C 3 .   ? 21.157  -0.416  5.390   1.00 44.44 ?  210 HOH A O   1 
HETATM 1420 O O   . HOH C 3 .   ? -19.564 2.708   -0.878  1.00 41.81 ?  211 HOH A O   1 
HETATM 1421 O O   . HOH C 3 .   ? 6.117   13.668  14.613  1.00 40.56 ?  212 HOH A O   1 
HETATM 1422 O O   . HOH C 3 .   ? -11.547 8.389   -5.150  1.00 34.88 ?  213 HOH A O   1 
HETATM 1423 O O   . HOH C 3 .   ? -5.244  -1.656  12.988  1.00 39.83 ?  214 HOH A O   1 
HETATM 1424 O O   . HOH C 3 .   ? -3.184  15.738  -2.009  1.00 39.38 ?  215 HOH A O   1 
HETATM 1425 O O   . HOH C 3 .   ? -2.374  0.062   6.827   1.00 34.37 ?  216 HOH A O   1 
HETATM 1426 O O   . HOH C 3 .   ? 14.047  14.241  -3.169  1.00 43.39 ?  217 HOH A O   1 
HETATM 1427 O O   . HOH C 3 .   ? -12.483 12.055  -6.026  1.00 39.70 ?  218 HOH A O   1 
HETATM 1428 O O   . HOH C 3 .   ? 8.024   -2.935  7.095   1.00 45.23 ?  219 HOH A O   1 
HETATM 1429 O O   . HOH C 3 .   ? 17.391  -4.159  -2.020  1.00 41.81 ?  220 HOH A O   1 
HETATM 1430 O O   . HOH C 3 .   ? -7.099  12.445  8.823   1.00 42.82 ?  221 HOH A O   1 
HETATM 1431 O O   . HOH C 3 .   ? -5.089  0.931   7.477   1.00 32.09 ?  222 HOH A O   1 
HETATM 1432 O O   . HOH C 3 .   ? 18.189  -7.420  -8.708  1.00 41.51 ?  223 HOH A O   1 
HETATM 1433 O O   . HOH C 3 .   ? -6.743  -13.677 -3.774  1.00 34.48 ?  224 HOH A O   1 
HETATM 1434 O O   . HOH C 3 .   ? -2.194  21.568  2.672   1.00 45.33 ?  225 HOH A O   1 
HETATM 1435 O O   . HOH C 3 .   ? 12.604  7.545   -2.459  1.00 28.07 ?  226 HOH A O   1 
HETATM 1436 O O   . HOH C 3 .   ? 3.119   9.502   -9.556  1.00 36.34 ?  227 HOH A O   1 
HETATM 1437 O O   . HOH C 3 .   ? 15.515  8.872   -0.764  1.00 32.75 ?  228 HOH A O   1 
HETATM 1438 O O   . HOH C 3 .   ? -7.576  15.400  -2.643  1.00 28.09 ?  229 HOH A O   1 
HETATM 1439 O O   . HOH C 3 .   ? -10.100 -15.586 -0.672  1.00 45.13 ?  230 HOH A O   1 
HETATM 1440 O O   . HOH C 3 .   ? 12.451  -2.986  5.684   1.00 38.86 ?  231 HOH A O   1 
HETATM 1441 O O   . HOH C 3 .   ? 2.702   -4.593  -17.347 1.00 28.34 ?  232 HOH A O   1 
HETATM 1442 O O   . HOH C 3 .   ? 11.227  9.259   -5.714  1.00 36.57 ?  233 HOH A O   1 
HETATM 1443 O O   . HOH C 3 .   ? -9.505  0.347   -13.010 1.00 29.24 ?  234 HOH A O   1 
HETATM 1444 O O   . HOH C 3 .   ? -17.536 1.661   2.651   1.00 36.95 ?  235 HOH A O   1 
HETATM 1445 O O   . HOH C 3 .   ? 5.761   8.944   -8.756  1.00 29.02 ?  236 HOH A O   1 
HETATM 1446 O O   . HOH C 3 .   ? 7.867   -15.691 -9.835  1.00 44.31 ?  237 HOH A O   1 
HETATM 1447 O O   . HOH C 3 .   ? 11.604  -2.376  -10.619 1.00 29.04 ?  238 HOH A O   1 
HETATM 1448 O O   . HOH C 3 .   ? 12.064  4.241   -1.155  1.00 24.11 ?  239 HOH A O   1 
HETATM 1449 O O   . HOH C 3 .   ? -2.945  13.273  -7.682  1.00 42.23 ?  240 HOH A O   1 
HETATM 1450 O O   . HOH C 3 .   ? 12.217  -11.858 -14.995 1.00 34.54 ?  241 HOH A O   1 
HETATM 1451 O O   . HOH C 3 .   ? -7.099  -2.051  -18.113 1.00 33.09 ?  242 HOH A O   1 
HETATM 1452 O O   . HOH C 3 .   ? -6.186  -10.609 -9.649  1.00 24.99 ?  243 HOH A O   1 
HETATM 1453 O O   . HOH C 3 .   ? 4.710   13.964  -3.920  1.00 31.04 ?  244 HOH A O   1 
HETATM 1454 O O   . HOH C 3 .   ? 14.332  -13.181 9.609   1.00 41.70 ?  245 HOH A O   1 
HETATM 1455 O O   . HOH C 3 .   ? 6.806   17.518  2.070   1.00 26.74 ?  246 HOH A O   1 
HETATM 1456 O O   . HOH C 3 .   ? 17.478  -9.814  -5.561  1.00 44.94 ?  247 HOH A O   1 
HETATM 1457 O O   . HOH C 3 .   ? 4.310   9.206   -2.992  1.00 34.93 ?  248 HOH A O   1 
HETATM 1458 O O   . HOH C 3 .   ? -4.760  1.239   14.913  1.00 43.21 ?  249 HOH A O   1 
HETATM 1459 O O   . HOH C 3 .   ? -4.414  -15.837 -4.463  1.00 40.11 ?  250 HOH A O   1 
HETATM 1460 O O   . HOH C 3 .   ? 12.780  -8.329  -12.758 1.00 32.72 ?  251 HOH A O   1 
HETATM 1461 O O   . HOH C 3 .   ? -15.598 -4.078  -10.319 1.00 40.61 ?  252 HOH A O   1 
HETATM 1462 O O   . HOH C 3 .   ? 18.112  -14.700 1.978   1.00 35.28 ?  253 HOH A O   1 
HETATM 1463 O O   . HOH C 3 .   ? 5.771   -7.664  14.611  1.00 44.61 ?  254 HOH A O   1 
HETATM 1464 O O   . HOH C 3 .   ? 15.531  -11.343 -5.611  1.00 43.44 ?  255 HOH A O   1 
HETATM 1465 O O   . HOH C 3 .   ? 1.563   -3.214  5.847   1.00 33.08 ?  256 HOH A O   1 
HETATM 1466 O O   . HOH C 3 .   ? 18.051  -1.650  -5.426  1.00 36.52 ?  257 HOH A O   1 
HETATM 1467 O O   . HOH C 3 .   ? 16.398  -10.625 -9.100  1.00 47.83 ?  258 HOH A O   1 
HETATM 1468 O O   . HOH C 3 .   ? -0.849  13.467  -0.301  1.00 38.71 ?  259 HOH A O   1 
HETATM 1469 O O   . HOH C 3 .   ? 2.452   -1.068  -11.677 1.00 25.18 ?  260 HOH A O   1 
HETATM 1470 O O   . HOH C 3 .   ? -0.008  -4.458  4.220   1.00 31.74 ?  261 HOH A O   1 
HETATM 1471 O O   . HOH C 3 .   ? -13.493 1.993   7.670   1.00 37.91 ?  262 HOH A O   1 
HETATM 1472 O O   . HOH C 3 .   ? 1.938   1.719   11.368  1.00 42.65 ?  263 HOH A O   1 
HETATM 1473 O O   . HOH C 3 .   ? 15.001  14.067  1.031   1.00 40.39 ?  264 HOH A O   1 
HETATM 1474 O O   . HOH C 3 .   ? -15.626 3.281   9.793   1.00 43.65 ?  265 HOH A O   1 
HETATM 1475 O O   . HOH C 3 .   ? -5.420  -3.653  5.269   1.00 30.52 ?  266 HOH A O   1 
HETATM 1476 O O   . HOH C 3 .   ? -14.601 11.668  -12.353 1.00 38.02 ?  267 HOH A O   1 
HETATM 1477 O O   . HOH C 3 .   ? -0.108  -4.470  17.603  1.00 45.90 ?  268 HOH A O   1 
HETATM 1478 O O   . HOH C 3 .   ? 17.088  -6.379  -1.083  1.00 41.30 ?  269 HOH A O   1 
HETATM 1479 O O   . HOH C 3 .   ? -17.399 0.425   0.353   1.00 32.94 ?  270 HOH A O   1 
HETATM 1480 O O   . HOH C 3 .   ? -16.055 -7.223  -4.737  1.00 36.37 ?  271 HOH A O   1 
HETATM 1481 O O   . HOH C 3 .   ? -5.138  4.005   -9.359  1.00 31.72 ?  272 HOH A O   1 
HETATM 1482 O O   . HOH C 3 .   ? 10.970  -5.731  -12.663 1.00 24.49 ?  273 HOH A O   1 
HETATM 1483 O O   . HOH C 3 .   ? 8.263   19.674  0.022   1.00 40.45 ?  274 HOH A O   1 
HETATM 1484 O O   . HOH C 3 .   ? 10.065  -2.896  5.052   1.00 34.63 ?  275 HOH A O   1 
HETATM 1485 O O   . HOH C 3 .   ? 17.452  -8.189  1.975   1.00 42.29 ?  276 HOH A O   1 
HETATM 1486 O O   . HOH C 3 .   ? -11.085 7.078   -16.772 1.00 39.30 ?  277 HOH A O   1 
HETATM 1487 O O   . HOH C 3 .   ? -13.714 9.435   -2.442  1.00 29.52 ?  278 HOH A O   1 
HETATM 1488 O O   . HOH C 3 .   ? -14.327 -9.069  -6.081  1.00 37.62 ?  279 HOH A O   1 
HETATM 1489 O O   . HOH C 3 .   ? 7.345   -14.945 -14.643 1.00 38.25 ?  280 HOH A O   1 
HETATM 1490 O O   . HOH C 3 .   ? 14.071  0.164   -12.462 1.00 43.38 ?  281 HOH A O   1 
HETATM 1491 O O   . HOH C 3 .   ? 0.720   -13.167 -10.281 1.00 33.39 ?  282 HOH A O   1 
HETATM 1492 O O   . HOH C 3 .   ? -12.242 12.868  -14.343 1.00 49.92 ?  283 HOH A O   1 
HETATM 1493 O O   . HOH C 3 .   ? 10.412  -14.136 -14.625 1.00 40.79 ?  284 HOH A O   1 
HETATM 1494 O O   . HOH C 3 .   ? -12.679 4.827   10.082  1.00 44.23 ?  285 HOH A O   1 
HETATM 1495 O O   . HOH C 3 .   ? 1.903   15.286  11.148  1.00 37.12 ?  286 HOH A O   1 
HETATM 1496 O O   . HOH C 3 .   ? 17.896  -1.992  -3.001  1.00 42.71 ?  287 HOH A O   1 
HETATM 1497 O O   . HOH C 3 .   ? -5.314  18.621  9.090   1.00 48.58 ?  288 HOH A O   1 
HETATM 1498 O O   . HOH C 3 .   ? 5.451   -9.476  -13.134 1.00 29.68 ?  289 HOH A O   1 
HETATM 1499 O O   . HOH C 3 .   ? 19.333  9.606   1.833   1.00 41.21 ?  290 HOH A O   1 
HETATM 1500 O O   . HOH C 3 .   ? -16.092 4.065   -13.249 1.00 44.99 ?  291 HOH A O   1 
HETATM 1501 O O   . HOH C 3 .   ? -14.059 -10.457 -2.065  1.00 42.60 ?  292 HOH A O   1 
HETATM 1502 O O   . HOH C 3 .   ? 0.994   15.149  -2.984  1.00 42.09 ?  293 HOH A O   1 
HETATM 1503 O O   . HOH C 3 .   ? 8.840   -13.807 11.372  1.00 47.93 ?  294 HOH A O   1 
HETATM 1504 O O   . HOH C 3 .   ? -8.617  14.407  11.283  1.00 49.17 ?  295 HOH A O   1 
HETATM 1505 O O   . HOH C 3 .   ? 3.305   11.674  -4.697  1.00 40.83 ?  296 HOH A O   1 
HETATM 1506 O O   . HOH C 3 .   ? -2.313  8.124   -13.573 1.00 48.08 ?  297 HOH A O   1 
HETATM 1507 O O   . HOH C 3 .   ? -7.260  13.224  14.524  1.00 54.83 ?  298 HOH A O   1 
HETATM 1508 O O   . HOH C 3 .   ? -2.442  5.159   15.786  1.00 53.18 ?  299 HOH A O   1 
HETATM 1509 O O   . HOH C 3 .   ? -2.621  -3.116  5.914   1.00 36.56 ?  300 HOH A O   1 
HETATM 1510 O O   . HOH C 3 .   ? 13.776  -11.602 -10.939 1.00 45.36 ?  301 HOH A O   1 
HETATM 1511 O O   . HOH C 3 .   ? 5.342   6.680   -15.108 1.00 45.34 ?  302 HOH A O   1 
HETATM 1512 O O   . HOH C 3 .   ? 9.260   7.613   -10.920 1.00 46.38 ?  303 HOH A O   1 
HETATM 1513 O O   . HOH C 3 .   ? 1.541   -11.415 -12.547 1.00 29.87 ?  304 HOH A O   1 
HETATM 1514 O O   . HOH C 3 .   ? -9.842  16.265  -6.634  1.00 44.48 ?  305 HOH A O   1 
HETATM 1515 O O   . HOH C 3 .   ? -17.020 -2.358  0.766   1.00 42.11 ?  306 HOH A O   1 
HETATM 1516 O O   . HOH C 3 .   ? 10.740  9.018   -9.407  1.00 49.60 ?  307 HOH A O   1 
HETATM 1517 O O   . HOH C 3 .   ? -0.132  -13.277 14.239  1.00 45.81 ?  308 HOH A O   1 
HETATM 1518 O O   . HOH C 3 .   ? 7.797   9.686   -10.686 1.00 45.74 ?  309 HOH A O   1 
HETATM 1519 O O   . HOH C 3 .   ? -5.704  3.585   -19.477 1.00 45.39 ?  310 HOH A O   1 
HETATM 1520 O O   . HOH C 3 .   ? 9.225   11.296  -7.229  1.00 45.87 ?  311 HOH A O   1 
HETATM 1521 O O   . HOH C 3 .   ? 6.548   10.785  -6.625  1.00 37.20 ?  312 HOH A O   1 
HETATM 1522 O O   . HOH C 3 .   ? -4.139  6.068   -18.828 1.00 44.36 ?  313 HOH A O   1 
HETATM 1523 O O   . HOH D 3 .   ? -14.833 -4.210  1.170   1.00 33.29 ?  301 HOH B O   1 
HETATM 1524 O O   . HOH D 3 .   ? -16.093 -7.512  2.819   1.00 44.21 ?  302 HOH B O   1 
HETATM 1525 O O   . HOH D 3 .   ? -4.315  -15.911 3.614   1.00 34.45 ?  303 HOH B O   1 
HETATM 1526 O O   . HOH D 3 .   ? -0.542  -17.516 -1.646  1.00 37.57 ?  304 HOH B O   1 
HETATM 1527 O O   . HOH D 3 .   ? 2.070   -16.451 4.677   1.00 27.14 ?  305 HOH B O   1 
HETATM 1528 O O   . HOH D 3 .   ? 10.420  -15.585 -7.738  1.00 50.92 ?  306 HOH B O   1 
HETATM 1529 O O   . HOH D 3 .   ? -2.721  -17.444 -0.751  1.00 42.73 ?  307 HOH B O   1 
HETATM 1530 O O   . HOH D 3 .   ? -7.720  -13.084 8.000   1.00 37.38 ?  308 HOH B O   1 
HETATM 1531 O O   . HOH D 3 .   ? -4.063  -17.243 1.284   1.00 43.37 ?  309 HOH B O   1 
HETATM 1532 O O   . HOH D 3 .   ? -13.144 -10.152 5.868   1.00 40.83 ?  310 HOH B O   1 
HETATM 1533 O O   . HOH D 3 .   ? 10.714  -20.637 -4.785  1.00 44.45 ?  311 HOH B O   1 
HETATM 1534 O O   . HOH D 3 .   ? 3.043   -16.407 7.277   1.00 48.36 ?  312 HOH B O   1 
HETATM 1535 O O   . HOH D 3 .   ? -12.226 -6.433  16.529  1.00 51.50 ?  313 HOH B O   1 
# 
